data_2K42
#
_entry.id   2K42
#
loop_
_entity.id
_entity.type
_entity.pdbx_description
1 polymer 'Wiskott-Aldrich syndrome protein'
2 polymer ESPFU
#
loop_
_entity_poly.entity_id
_entity_poly.type
_entity_poly.pdbx_seq_one_letter_code
_entity_poly.pdbx_strand_id
1 'polypeptide(L)' GHMSGFKHVSHVGWDPQNGFDVNNLDPDLRSLFSRAGISEAQLTDAETSKLIYDFIEDQGGLEAVRQEMRRQ A
2 'polypeptide(L)' GHMLPDVAQRLMQHLAEHGIQPARNMAEHIPPAPNW B
#
# COMPACT_ATOMS: atom_id res chain seq x y z
N GLY A 1 4.44 -17.60 4.51
CA GLY A 1 4.11 -18.42 5.70
C GLY A 1 2.93 -17.85 6.47
N HIS A 2 2.02 -18.74 6.87
CA HIS A 2 0.86 -18.37 7.68
C HIS A 2 0.52 -19.54 8.60
N MET A 3 1.55 -20.19 9.14
CA MET A 3 1.35 -21.39 9.94
C MET A 3 0.51 -21.13 11.19
N SER A 4 1.00 -20.27 12.07
CA SER A 4 0.29 -19.94 13.30
C SER A 4 0.75 -18.59 13.84
N GLY A 5 -0.19 -17.68 14.06
CA GLY A 5 0.14 -16.40 14.65
C GLY A 5 0.86 -15.48 13.69
N PHE A 6 0.13 -14.96 12.72
CA PHE A 6 0.71 -14.03 11.75
C PHE A 6 0.65 -12.60 12.29
N LYS A 7 1.81 -11.99 12.47
CA LYS A 7 1.90 -10.64 13.01
C LYS A 7 1.70 -9.61 11.91
N HIS A 8 0.56 -9.71 11.26
CA HIS A 8 0.15 -8.84 10.17
C HIS A 8 -1.24 -9.25 9.70
N VAL A 9 -2.26 -8.55 10.19
CA VAL A 9 -3.62 -8.94 9.91
C VAL A 9 -3.95 -8.61 8.47
N SER A 10 -4.33 -9.62 7.70
CA SER A 10 -4.60 -9.45 6.28
C SER A 10 -5.79 -8.53 6.05
N HIS A 11 -6.57 -8.28 7.11
CA HIS A 11 -7.60 -7.27 7.05
C HIS A 11 -6.99 -5.93 6.71
N VAL A 12 -6.07 -5.47 7.56
CA VAL A 12 -5.26 -4.24 7.34
C VAL A 12 -6.04 -3.10 6.61
N GLY A 13 -7.32 -2.96 6.93
CA GLY A 13 -8.16 -1.96 6.28
C GLY A 13 -8.12 -2.06 4.76
N TRP A 14 -7.89 -3.26 4.27
CA TRP A 14 -7.73 -3.52 2.85
C TRP A 14 -8.79 -4.49 2.37
N ASP A 15 -9.27 -4.29 1.16
CA ASP A 15 -10.18 -5.22 0.55
C ASP A 15 -9.50 -5.92 -0.62
N PRO A 16 -9.58 -7.27 -0.62
CA PRO A 16 -8.89 -8.12 -1.59
C PRO A 16 -9.03 -7.68 -3.04
N GLN A 17 -10.17 -7.07 -3.38
CA GLN A 17 -10.40 -6.63 -4.75
C GLN A 17 -10.27 -5.11 -4.90
N ASN A 18 -11.01 -4.36 -4.09
CA ASN A 18 -11.14 -2.92 -4.29
C ASN A 18 -10.11 -2.13 -3.51
N GLY A 19 -9.09 -2.80 -3.01
CA GLY A 19 -7.95 -2.12 -2.44
C GLY A 19 -8.16 -1.65 -1.01
N PHE A 20 -7.26 -0.79 -0.56
CA PHE A 20 -7.29 -0.28 0.79
C PHE A 20 -8.46 0.66 0.98
N ASP A 21 -9.23 0.45 2.04
CA ASP A 21 -10.32 1.34 2.38
C ASP A 21 -9.72 2.60 2.98
N VAL A 22 -9.47 3.58 2.13
CA VAL A 22 -8.76 4.80 2.51
C VAL A 22 -9.50 5.60 3.61
N ASN A 23 -10.74 5.22 3.90
CA ASN A 23 -11.48 5.85 4.99
C ASN A 23 -11.14 5.16 6.31
N ASN A 24 -10.85 3.88 6.23
CA ASN A 24 -10.43 3.08 7.39
C ASN A 24 -8.97 2.71 7.24
N LEU A 25 -8.25 3.57 6.53
CA LEU A 25 -6.89 3.30 6.16
C LEU A 25 -5.95 3.99 7.14
N ASP A 26 -5.07 3.20 7.73
CA ASP A 26 -4.14 3.67 8.75
C ASP A 26 -3.24 4.78 8.23
N PRO A 27 -3.17 5.90 9.00
CA PRO A 27 -2.37 7.09 8.64
C PRO A 27 -0.90 6.79 8.41
N ASP A 28 -0.35 5.84 9.16
CA ASP A 28 1.06 5.45 8.98
C ASP A 28 1.24 4.77 7.64
N LEU A 29 0.32 3.88 7.31
CA LEU A 29 0.30 3.26 5.99
C LEU A 29 0.13 4.34 4.94
N ARG A 30 -0.82 5.25 5.18
CA ARG A 30 -1.10 6.35 4.27
C ARG A 30 0.15 7.18 4.02
N SER A 31 0.93 7.40 5.08
CA SER A 31 2.19 8.10 5.00
C SER A 31 3.11 7.40 4.01
N LEU A 32 3.30 6.10 4.23
CA LEU A 32 4.18 5.28 3.42
C LEU A 32 3.76 5.31 1.97
N PHE A 33 2.49 5.04 1.73
CA PHE A 33 1.97 4.89 0.39
C PHE A 33 2.13 6.18 -0.39
N SER A 34 1.84 7.30 0.27
CA SER A 34 1.96 8.60 -0.34
C SER A 34 3.41 8.91 -0.68
N ARG A 35 4.34 8.42 0.14
CA ARG A 35 5.77 8.56 -0.14
C ARG A 35 6.16 7.74 -1.35
N ALA A 36 5.67 6.51 -1.36
CA ALA A 36 5.99 5.54 -2.40
C ALA A 36 5.45 5.98 -3.77
N GLY A 37 4.44 6.82 -3.74
CA GLY A 37 3.86 7.31 -4.98
C GLY A 37 2.45 6.83 -5.16
N ILE A 38 2.10 5.81 -4.41
CA ILE A 38 0.77 5.24 -4.43
C ILE A 38 -0.25 6.25 -3.91
N SER A 39 -1.11 6.72 -4.79
CA SER A 39 -2.14 7.67 -4.40
C SER A 39 -3.42 6.93 -4.01
N GLU A 40 -4.44 7.67 -3.63
CA GLU A 40 -5.72 7.12 -3.18
C GLU A 40 -6.29 6.15 -4.22
N ALA A 41 -6.28 6.57 -5.47
CA ALA A 41 -6.73 5.73 -6.57
C ALA A 41 -5.96 4.41 -6.62
N GLN A 42 -4.64 4.50 -6.65
CA GLN A 42 -3.81 3.30 -6.70
C GLN A 42 -4.09 2.38 -5.52
N LEU A 43 -4.26 2.98 -4.34
CA LEU A 43 -4.54 2.23 -3.13
C LEU A 43 -5.84 1.46 -3.24
N THR A 44 -6.74 1.94 -4.07
CA THR A 44 -8.03 1.32 -4.22
C THR A 44 -8.10 0.49 -5.50
N ASP A 45 -6.94 0.24 -6.10
CA ASP A 45 -6.87 -0.60 -7.29
C ASP A 45 -6.57 -2.04 -6.92
N ALA A 46 -7.03 -2.98 -7.74
CA ALA A 46 -6.91 -4.39 -7.42
C ALA A 46 -5.45 -4.84 -7.33
N GLU A 47 -4.76 -4.87 -8.47
CA GLU A 47 -3.41 -5.44 -8.53
C GLU A 47 -2.44 -4.59 -7.72
N THR A 48 -2.64 -3.28 -7.74
CA THR A 48 -1.79 -2.37 -7.00
C THR A 48 -1.80 -2.69 -5.50
N SER A 49 -2.99 -2.61 -4.88
CA SER A 49 -3.10 -2.77 -3.43
C SER A 49 -2.76 -4.20 -3.01
N LYS A 50 -3.14 -5.16 -3.83
CA LYS A 50 -2.88 -6.57 -3.56
C LYS A 50 -1.38 -6.78 -3.36
N LEU A 51 -0.59 -6.17 -4.24
CA LEU A 51 0.85 -6.31 -4.18
C LEU A 51 1.46 -5.40 -3.12
N ILE A 52 0.75 -4.34 -2.76
CA ILE A 52 1.15 -3.52 -1.62
C ILE A 52 1.05 -4.33 -0.32
N TYR A 53 -0.02 -5.09 -0.16
CA TYR A 53 -0.16 -5.93 1.02
C TYR A 53 0.94 -6.99 1.03
N ASP A 54 1.14 -7.64 -0.11
CA ASP A 54 2.23 -8.61 -0.27
C ASP A 54 3.56 -7.96 0.07
N PHE A 55 3.71 -6.72 -0.35
CA PHE A 55 4.86 -5.90 -0.01
C PHE A 55 5.05 -5.84 1.51
N ILE A 56 4.01 -5.39 2.20
CA ILE A 56 4.05 -5.23 3.64
C ILE A 56 4.35 -6.55 4.34
N GLU A 57 3.79 -7.63 3.81
CA GLU A 57 3.96 -8.95 4.39
C GLU A 57 5.36 -9.50 4.12
N ASP A 58 5.98 -9.00 3.05
CA ASP A 58 7.32 -9.44 2.66
C ASP A 58 8.34 -9.07 3.73
N GLN A 59 8.20 -7.87 4.31
CA GLN A 59 9.15 -7.43 5.33
C GLN A 59 8.76 -7.94 6.71
N GLY A 60 7.69 -8.72 6.79
CA GLY A 60 7.32 -9.32 8.06
C GLY A 60 5.94 -8.91 8.55
N GLY A 61 5.48 -7.73 8.15
CA GLY A 61 4.16 -7.30 8.56
C GLY A 61 4.03 -5.81 8.72
N LEU A 62 2.96 -5.37 9.37
CA LEU A 62 2.64 -3.96 9.50
C LEU A 62 3.67 -3.23 10.35
N GLU A 63 3.94 -3.78 11.52
CA GLU A 63 4.89 -3.19 12.45
C GLU A 63 6.27 -3.13 11.82
N ALA A 64 6.57 -4.12 10.97
CA ALA A 64 7.87 -4.24 10.36
C ALA A 64 8.18 -3.08 9.43
N VAL A 65 7.25 -2.76 8.53
CA VAL A 65 7.48 -1.69 7.57
C VAL A 65 7.42 -0.33 8.28
N ARG A 66 6.69 -0.27 9.38
CA ARG A 66 6.66 0.93 10.20
C ARG A 66 8.02 1.18 10.82
N GLN A 67 8.70 0.10 11.17
CA GLN A 67 10.04 0.20 11.73
C GLN A 67 11.03 0.65 10.67
N GLU A 68 10.81 0.22 9.43
CA GLU A 68 11.66 0.64 8.31
C GLU A 68 11.63 2.15 8.16
N MET A 69 10.51 2.77 8.52
CA MET A 69 10.37 4.21 8.45
C MET A 69 11.46 4.90 9.26
N ARG A 70 11.82 4.29 10.38
CA ARG A 70 12.82 4.85 11.28
C ARG A 70 14.12 4.04 11.19
N ARG A 71 14.23 3.20 10.17
CA ARG A 71 15.35 2.25 10.10
C ARG A 71 15.89 2.10 8.68
N GLN A 72 15.04 1.59 7.79
CA GLN A 72 15.42 1.28 6.41
C GLN A 72 16.58 0.28 6.39
N GLY B 1 10.81 8.39 -7.24
CA GLY B 1 12.25 8.08 -7.29
C GLY B 1 12.65 7.16 -6.15
N HIS B 2 13.48 6.16 -6.46
CA HIS B 2 13.82 5.13 -5.48
C HIS B 2 14.73 5.69 -4.38
N MET B 3 15.19 6.93 -4.54
CA MET B 3 16.05 7.55 -3.54
C MET B 3 15.22 8.05 -2.36
N LEU B 4 14.69 7.12 -1.58
CA LEU B 4 13.97 7.44 -0.35
C LEU B 4 14.66 6.81 0.84
N PRO B 5 14.62 7.47 2.00
CA PRO B 5 15.36 7.04 3.19
C PRO B 5 14.60 6.06 4.06
N ASP B 6 13.48 5.54 3.57
CA ASP B 6 12.65 4.65 4.35
C ASP B 6 12.05 3.54 3.48
N VAL B 7 11.10 2.81 4.04
CA VAL B 7 10.43 1.69 3.38
C VAL B 7 9.72 2.12 2.08
N ALA B 8 9.46 3.40 1.93
CA ALA B 8 8.73 3.90 0.78
C ALA B 8 9.46 3.63 -0.55
N GLN B 9 10.78 3.63 -0.52
CA GLN B 9 11.55 3.33 -1.71
C GLN B 9 11.31 1.87 -2.11
N ARG B 10 11.17 1.03 -1.09
CA ARG B 10 11.01 -0.39 -1.25
C ARG B 10 9.71 -0.69 -1.99
N LEU B 11 8.76 0.23 -1.93
CA LEU B 11 7.46 0.04 -2.54
C LEU B 11 7.49 0.34 -4.02
N MET B 12 8.27 1.36 -4.40
CA MET B 12 8.35 1.77 -5.79
C MET B 12 8.86 0.63 -6.66
N GLN B 13 9.77 -0.16 -6.10
CA GLN B 13 10.30 -1.30 -6.83
C GLN B 13 9.25 -2.39 -6.96
N HIS B 14 8.50 -2.62 -5.89
CA HIS B 14 7.62 -3.78 -5.81
C HIS B 14 6.38 -3.63 -6.71
N LEU B 15 5.92 -2.42 -6.93
CA LEU B 15 4.83 -2.21 -7.88
C LEU B 15 5.34 -2.22 -9.31
N ALA B 16 6.52 -1.63 -9.50
CA ALA B 16 7.12 -1.50 -10.83
C ALA B 16 7.55 -2.86 -11.38
N GLU B 17 7.96 -3.75 -10.49
CA GLU B 17 8.46 -5.06 -10.90
C GLU B 17 7.33 -5.98 -11.36
N HIS B 18 6.10 -5.49 -11.33
CA HIS B 18 4.97 -6.31 -11.75
C HIS B 18 4.17 -5.67 -12.87
N GLY B 19 3.57 -4.51 -12.61
CA GLY B 19 2.79 -3.84 -13.64
C GLY B 19 1.63 -3.04 -13.07
N ILE B 20 1.82 -2.51 -11.87
CA ILE B 20 0.82 -1.70 -11.19
C ILE B 20 0.44 -0.47 -12.02
N GLN B 21 -0.83 -0.11 -11.96
CA GLN B 21 -1.32 1.05 -12.70
C GLN B 21 -1.04 2.34 -11.93
N PRO B 22 -0.38 3.30 -12.58
CA PRO B 22 0.01 4.58 -11.97
C PRO B 22 -1.18 5.40 -11.48
N ALA B 23 -0.91 6.33 -10.58
CA ALA B 23 -1.93 7.21 -10.02
C ALA B 23 -2.37 8.22 -11.05
N ARG B 24 -3.27 7.80 -11.91
CA ARG B 24 -3.73 8.64 -13.01
C ARG B 24 -5.12 8.19 -13.49
N ASN B 25 -5.15 7.14 -14.29
CA ASN B 25 -6.40 6.57 -14.79
C ASN B 25 -6.11 5.29 -15.56
N MET B 26 -7.13 4.75 -16.23
CA MET B 26 -6.99 3.48 -16.96
C MET B 26 -6.73 2.32 -15.98
N ALA B 27 -7.28 2.47 -14.78
CA ALA B 27 -7.13 1.44 -13.76
C ALA B 27 -8.32 0.50 -13.80
N GLU B 28 -8.28 -0.57 -13.01
CA GLU B 28 -9.35 -1.54 -13.01
C GLU B 28 -10.59 -0.98 -12.32
N HIS B 29 -10.42 -0.56 -11.08
CA HIS B 29 -11.54 -0.10 -10.27
C HIS B 29 -12.08 1.22 -10.80
N ILE B 30 -13.39 1.41 -10.70
CA ILE B 30 -14.04 2.59 -11.23
C ILE B 30 -14.63 3.44 -10.11
N PRO B 31 -14.74 4.76 -10.36
CA PRO B 31 -15.36 5.70 -9.43
C PRO B 31 -16.88 5.54 -9.40
N PRO B 32 -17.46 5.51 -8.19
CA PRO B 32 -18.91 5.36 -8.01
C PRO B 32 -19.69 6.51 -8.63
N ALA B 33 -20.73 6.18 -9.38
CA ALA B 33 -21.54 7.18 -10.05
C ALA B 33 -22.89 7.35 -9.36
N PRO B 34 -23.25 8.60 -9.03
CA PRO B 34 -24.54 8.92 -8.39
C PRO B 34 -25.69 8.82 -9.37
N ASN B 35 -26.75 8.14 -8.96
CA ASN B 35 -27.92 7.94 -9.81
C ASN B 35 -29.09 8.78 -9.30
N TRP B 36 -29.97 9.18 -10.21
CA TRP B 36 -31.12 10.01 -9.85
C TRP B 36 -32.26 9.13 -9.35
N GLY A 1 4.45 -19.17 -0.23
CA GLY A 1 3.87 -17.87 -0.61
C GLY A 1 4.26 -16.77 0.35
N HIS A 2 3.54 -15.67 0.31
CA HIS A 2 3.77 -14.56 1.25
C HIS A 2 2.98 -14.76 2.53
N MET A 3 3.33 -15.79 3.28
CA MET A 3 2.62 -16.10 4.52
C MET A 3 3.52 -16.80 5.52
N SER A 4 4.05 -16.02 6.46
CA SER A 4 4.80 -16.58 7.57
C SER A 4 4.66 -15.73 8.83
N GLY A 5 4.52 -14.42 8.64
CA GLY A 5 4.37 -13.53 9.77
C GLY A 5 3.10 -12.72 9.71
N PHE A 6 1.97 -13.40 9.76
CA PHE A 6 0.67 -12.74 9.71
C PHE A 6 0.11 -12.53 11.11
N LYS A 7 0.36 -11.36 11.67
CA LYS A 7 -0.31 -10.97 12.90
C LYS A 7 -1.77 -10.73 12.58
N HIS A 8 -2.01 -9.76 11.70
CA HIS A 8 -3.25 -9.65 10.93
C HIS A 8 -4.51 -9.84 11.80
N VAL A 9 -4.81 -8.87 12.64
CA VAL A 9 -6.01 -8.94 13.46
C VAL A 9 -7.06 -7.94 12.98
N SER A 10 -6.61 -6.76 12.55
CA SER A 10 -7.51 -5.74 12.02
C SER A 10 -7.88 -6.06 10.57
N HIS A 11 -7.22 -7.08 10.01
CA HIS A 11 -7.36 -7.44 8.60
C HIS A 11 -6.76 -6.36 7.71
N VAL A 12 -6.07 -5.41 8.35
CA VAL A 12 -5.35 -4.31 7.68
C VAL A 12 -6.30 -3.27 7.08
N GLY A 13 -7.45 -3.72 6.58
CA GLY A 13 -8.38 -2.83 5.92
C GLY A 13 -8.27 -2.95 4.42
N TRP A 14 -7.58 -3.99 3.97
CA TRP A 14 -7.37 -4.23 2.56
C TRP A 14 -8.42 -5.21 2.03
N ASP A 15 -9.11 -4.79 0.99
CA ASP A 15 -10.06 -5.64 0.30
C ASP A 15 -9.49 -6.04 -1.06
N PRO A 16 -9.57 -7.34 -1.40
CA PRO A 16 -8.99 -7.89 -2.64
C PRO A 16 -9.45 -7.18 -3.91
N GLN A 17 -10.65 -6.60 -3.88
CA GLN A 17 -11.17 -5.92 -5.06
C GLN A 17 -11.09 -4.39 -4.92
N ASN A 18 -11.30 -3.90 -3.71
CA ASN A 18 -11.40 -2.45 -3.49
C ASN A 18 -10.11 -1.84 -2.98
N GLY A 19 -9.13 -2.67 -2.65
CA GLY A 19 -7.87 -2.17 -2.19
C GLY A 19 -7.90 -1.78 -0.72
N PHE A 20 -7.00 -0.90 -0.33
CA PHE A 20 -6.96 -0.43 1.05
C PHE A 20 -8.05 0.61 1.27
N ASP A 21 -8.89 0.37 2.27
CA ASP A 21 -9.96 1.31 2.59
C ASP A 21 -9.35 2.61 3.08
N VAL A 22 -9.32 3.58 2.19
CA VAL A 22 -8.62 4.85 2.44
C VAL A 22 -9.35 5.73 3.47
N ASN A 23 -10.52 5.30 3.92
CA ASN A 23 -11.26 6.06 4.91
C ASN A 23 -10.68 5.82 6.29
N ASN A 24 -10.32 4.57 6.58
CA ASN A 24 -9.80 4.22 7.88
C ASN A 24 -8.36 3.74 7.82
N LEU A 25 -7.61 4.30 6.88
CA LEU A 25 -6.18 4.03 6.78
C LEU A 25 -5.45 4.56 8.00
N ASP A 26 -4.66 3.72 8.63
CA ASP A 26 -3.80 4.14 9.72
C ASP A 26 -2.79 5.15 9.20
N PRO A 27 -2.63 6.26 9.95
CA PRO A 27 -1.78 7.40 9.58
C PRO A 27 -0.39 6.99 9.09
N ASP A 28 0.12 5.91 9.64
CA ASP A 28 1.42 5.38 9.25
C ASP A 28 1.37 4.75 7.85
N LEU A 29 0.40 3.85 7.65
CA LEU A 29 0.20 3.24 6.34
C LEU A 29 -0.09 4.31 5.30
N ARG A 30 -0.96 5.24 5.65
CA ARG A 30 -1.34 6.31 4.75
C ARG A 30 -0.11 7.14 4.38
N SER A 31 0.68 7.46 5.40
CA SER A 31 1.91 8.22 5.20
C SER A 31 2.85 7.46 4.27
N LEU A 32 3.01 6.17 4.54
CA LEU A 32 3.95 5.34 3.82
C LEU A 32 3.55 5.16 2.37
N PHE A 33 2.34 4.67 2.16
CA PHE A 33 1.86 4.37 0.82
C PHE A 33 1.89 5.60 -0.08
N SER A 34 1.47 6.73 0.46
CA SER A 34 1.50 7.98 -0.27
C SER A 34 2.93 8.47 -0.46
N ARG A 35 3.84 7.96 0.35
CA ARG A 35 5.26 8.28 0.23
C ARG A 35 5.92 7.28 -0.70
N ALA A 36 5.18 6.24 -1.04
CA ALA A 36 5.63 5.22 -1.96
C ALA A 36 5.12 5.51 -3.36
N GLY A 37 4.49 6.66 -3.51
CA GLY A 37 4.03 7.09 -4.82
C GLY A 37 2.63 6.58 -5.14
N ILE A 38 2.12 5.72 -4.28
CA ILE A 38 0.78 5.18 -4.47
C ILE A 38 -0.26 6.22 -4.11
N SER A 39 -0.89 6.77 -5.13
CA SER A 39 -1.96 7.73 -4.93
C SER A 39 -3.19 7.03 -4.33
N GLU A 40 -4.10 7.81 -3.74
CA GLU A 40 -5.26 7.25 -3.04
C GLU A 40 -6.03 6.29 -3.96
N ALA A 41 -6.26 6.72 -5.20
CA ALA A 41 -6.94 5.89 -6.18
C ALA A 41 -6.16 4.61 -6.46
N GLN A 42 -4.85 4.75 -6.67
CA GLN A 42 -3.99 3.61 -6.97
C GLN A 42 -4.00 2.63 -5.81
N LEU A 43 -4.12 3.17 -4.61
CA LEU A 43 -4.13 2.38 -3.39
C LEU A 43 -5.39 1.52 -3.31
N THR A 44 -6.40 1.90 -4.07
CA THR A 44 -7.65 1.17 -4.10
C THR A 44 -7.83 0.42 -5.42
N ASP A 45 -6.73 0.33 -6.17
CA ASP A 45 -6.69 -0.49 -7.37
C ASP A 45 -6.33 -1.92 -7.01
N ALA A 46 -6.89 -2.88 -7.75
CA ALA A 46 -6.81 -4.29 -7.38
C ALA A 46 -5.38 -4.79 -7.25
N GLU A 47 -4.67 -4.89 -8.36
CA GLU A 47 -3.33 -5.48 -8.36
C GLU A 47 -2.35 -4.62 -7.57
N THR A 48 -2.44 -3.31 -7.71
CA THR A 48 -1.59 -2.40 -6.95
C THR A 48 -1.64 -2.70 -5.46
N SER A 49 -2.83 -2.65 -4.87
CA SER A 49 -3.00 -2.84 -3.44
C SER A 49 -2.62 -4.27 -3.04
N LYS A 50 -2.96 -5.23 -3.90
CA LYS A 50 -2.66 -6.63 -3.64
C LYS A 50 -1.15 -6.86 -3.54
N LEU A 51 -0.39 -6.17 -4.37
CA LEU A 51 1.06 -6.30 -4.36
C LEU A 51 1.68 -5.49 -3.22
N ILE A 52 1.02 -4.41 -2.81
CA ILE A 52 1.39 -3.72 -1.59
C ILE A 52 1.24 -4.64 -0.40
N TYR A 53 0.12 -5.35 -0.35
CA TYR A 53 -0.15 -6.30 0.73
C TYR A 53 0.91 -7.41 0.71
N ASP A 54 1.27 -7.84 -0.49
CA ASP A 54 2.37 -8.78 -0.67
C ASP A 54 3.67 -8.18 -0.15
N PHE A 55 3.92 -6.94 -0.53
CA PHE A 55 5.08 -6.17 -0.07
C PHE A 55 5.18 -6.17 1.45
N ILE A 56 4.07 -5.85 2.08
CA ILE A 56 4.01 -5.69 3.52
C ILE A 56 4.41 -6.98 4.25
N GLU A 57 3.97 -8.12 3.74
CA GLU A 57 4.33 -9.40 4.33
C GLU A 57 5.84 -9.66 4.15
N ASP A 58 6.35 -9.27 2.98
CA ASP A 58 7.79 -9.39 2.68
C ASP A 58 8.61 -8.68 3.74
N GLN A 59 8.13 -7.52 4.17
CA GLN A 59 8.82 -6.69 5.14
C GLN A 59 8.63 -7.20 6.56
N GLY A 60 7.60 -8.02 6.77
CA GLY A 60 7.34 -8.57 8.09
C GLY A 60 5.97 -8.18 8.65
N GLY A 61 5.18 -7.48 7.86
CA GLY A 61 3.87 -7.09 8.28
C GLY A 61 3.74 -5.59 8.48
N LEU A 62 2.55 -5.12 8.84
CA LEU A 62 2.29 -3.69 9.00
C LEU A 62 3.23 -3.07 10.04
N GLU A 63 3.42 -3.80 11.12
CA GLU A 63 4.21 -3.34 12.25
C GLU A 63 5.66 -3.13 11.82
N ALA A 64 6.10 -3.90 10.85
CA ALA A 64 7.47 -3.84 10.38
C ALA A 64 7.73 -2.58 9.57
N VAL A 65 6.84 -2.27 8.62
CA VAL A 65 7.04 -1.12 7.75
C VAL A 65 6.97 0.17 8.55
N ARG A 66 6.23 0.12 9.66
CA ARG A 66 6.17 1.24 10.60
C ARG A 66 7.56 1.51 11.18
N GLN A 67 8.30 0.44 11.40
CA GLN A 67 9.64 0.53 11.95
C GLN A 67 10.60 1.03 10.89
N GLU A 68 10.43 0.52 9.67
CA GLU A 68 11.32 0.80 8.55
C GLU A 68 11.42 2.30 8.28
N MET A 69 10.35 3.02 8.61
CA MET A 69 10.35 4.49 8.49
C MET A 69 11.53 5.10 9.23
N ARG A 70 11.86 4.50 10.36
CA ARG A 70 12.98 4.92 11.19
C ARG A 70 13.97 3.77 11.38
N ARG A 71 13.99 2.87 10.40
CA ARG A 71 14.86 1.70 10.43
C ARG A 71 15.78 1.71 9.23
N GLN A 72 15.18 1.72 8.06
CA GLN A 72 15.92 1.84 6.81
C GLN A 72 16.23 3.31 6.54
N GLY B 1 18.20 0.39 -7.36
CA GLY B 1 17.62 1.73 -7.11
C GLY B 1 17.56 2.03 -5.63
N HIS B 2 16.33 2.15 -5.10
CA HIS B 2 16.10 2.35 -3.67
C HIS B 2 16.75 3.67 -3.22
N MET B 3 16.54 4.72 -4.03
CA MET B 3 17.07 6.06 -3.73
C MET B 3 16.49 6.58 -2.42
N LEU B 4 15.28 6.16 -2.12
CA LEU B 4 14.68 6.43 -0.84
C LEU B 4 14.97 5.26 0.08
N PRO B 5 15.39 5.54 1.31
CA PRO B 5 16.05 4.55 2.17
C PRO B 5 15.10 3.50 2.74
N ASP B 6 13.86 3.87 2.91
CA ASP B 6 12.91 3.04 3.64
C ASP B 6 11.96 2.28 2.73
N VAL B 7 10.92 1.73 3.36
CA VAL B 7 9.84 1.02 2.66
C VAL B 7 9.35 1.77 1.42
N ALA B 8 9.34 3.10 1.48
CA ALA B 8 8.81 3.92 0.39
C ALA B 8 9.34 3.51 -0.99
N GLN B 9 10.66 3.61 -1.20
CA GLN B 9 11.24 3.26 -2.49
C GLN B 9 11.23 1.75 -2.70
N ARG B 10 11.39 1.01 -1.60
CA ARG B 10 11.35 -0.44 -1.61
C ARG B 10 10.00 -0.92 -2.16
N LEU B 11 8.97 -0.15 -1.86
CA LEU B 11 7.62 -0.44 -2.30
C LEU B 11 7.39 0.03 -3.74
N MET B 12 7.84 1.24 -4.05
CA MET B 12 7.68 1.82 -5.39
C MET B 12 8.06 0.82 -6.48
N GLN B 13 9.27 0.28 -6.36
CA GLN B 13 9.80 -0.62 -7.37
C GLN B 13 9.08 -1.97 -7.31
N HIS B 14 8.57 -2.32 -6.14
CA HIS B 14 7.90 -3.60 -5.96
C HIS B 14 6.57 -3.65 -6.72
N LEU B 15 6.05 -2.49 -7.09
CA LEU B 15 4.90 -2.45 -7.98
C LEU B 15 5.35 -2.55 -9.43
N ALA B 16 6.37 -1.76 -9.77
CA ALA B 16 6.85 -1.66 -11.14
C ALA B 16 7.54 -2.93 -11.62
N GLU B 17 7.92 -3.78 -10.69
CA GLU B 17 8.58 -5.05 -11.03
C GLU B 17 7.58 -6.09 -11.50
N HIS B 18 6.29 -5.77 -11.43
CA HIS B 18 5.26 -6.74 -11.80
C HIS B 18 4.43 -6.25 -13.00
N GLY B 19 3.56 -5.28 -12.75
CA GLY B 19 2.63 -4.84 -13.77
C GLY B 19 1.49 -4.08 -13.15
N ILE B 20 1.82 -2.94 -12.58
CA ILE B 20 0.86 -2.14 -11.81
C ILE B 20 0.45 -0.88 -12.55
N GLN B 21 -0.82 -0.51 -12.43
CA GLN B 21 -1.31 0.72 -13.04
C GLN B 21 -1.30 1.85 -12.02
N PRO B 22 -0.68 2.99 -12.40
CA PRO B 22 -0.74 4.22 -11.60
C PRO B 22 -2.14 4.79 -11.54
N ALA B 23 -2.35 5.76 -10.65
CA ALA B 23 -3.65 6.39 -10.50
C ALA B 23 -3.98 7.27 -11.71
N ARG B 24 -4.45 6.63 -12.76
CA ARG B 24 -4.77 7.29 -14.00
C ARG B 24 -5.89 8.30 -13.83
N ASN B 25 -5.56 9.58 -13.97
CA ASN B 25 -6.53 10.67 -13.89
C ASN B 25 -7.35 10.78 -15.17
N MET B 26 -7.81 9.64 -15.67
CA MET B 26 -8.60 9.60 -16.89
C MET B 26 -9.54 8.42 -16.84
N ALA B 27 -9.00 7.30 -16.44
CA ALA B 27 -9.79 6.10 -16.18
C ALA B 27 -10.10 6.02 -14.69
N GLU B 28 -10.71 7.08 -14.18
CA GLU B 28 -10.95 7.23 -12.75
C GLU B 28 -12.04 6.26 -12.28
N HIS B 29 -11.64 5.32 -11.44
CA HIS B 29 -12.59 4.43 -10.78
C HIS B 29 -13.18 5.13 -9.57
N ILE B 30 -14.39 5.63 -9.72
CA ILE B 30 -15.02 6.45 -8.69
C ILE B 30 -15.53 5.61 -7.53
N PRO B 31 -15.29 6.09 -6.30
CA PRO B 31 -15.86 5.48 -5.10
C PRO B 31 -17.35 5.79 -5.00
N PRO B 32 -18.14 4.84 -4.48
CA PRO B 32 -19.59 5.01 -4.33
C PRO B 32 -19.94 6.28 -3.54
N ALA B 33 -20.58 7.23 -4.21
CA ALA B 33 -20.98 8.47 -3.58
C ALA B 33 -22.19 8.26 -2.68
N PRO B 34 -22.08 8.66 -1.40
CA PRO B 34 -23.17 8.54 -0.45
C PRO B 34 -24.08 9.77 -0.45
N ASN B 35 -25.37 9.54 -0.68
CA ASN B 35 -26.35 10.63 -0.67
C ASN B 35 -26.64 11.06 0.77
N TRP B 36 -26.07 12.21 1.15
CA TRP B 36 -26.22 12.72 2.50
C TRP B 36 -25.54 14.09 2.61
N GLY A 1 -12.64 0.36 25.57
CA GLY A 1 -11.31 0.47 24.92
C GLY A 1 -11.03 1.88 24.43
N HIS A 2 -9.75 2.24 24.39
CA HIS A 2 -9.35 3.56 23.89
C HIS A 2 -8.94 3.48 22.42
N MET A 3 -7.99 2.61 22.13
CA MET A 3 -7.43 2.54 20.79
C MET A 3 -8.02 1.37 20.01
N SER A 4 -8.21 1.59 18.72
CA SER A 4 -8.62 0.54 17.80
C SER A 4 -7.84 0.67 16.51
N GLY A 5 -6.62 0.16 16.51
CA GLY A 5 -5.77 0.26 15.34
C GLY A 5 -5.65 -1.04 14.59
N PHE A 6 -4.80 -1.05 13.58
CA PHE A 6 -4.62 -2.23 12.75
C PHE A 6 -3.35 -2.98 13.17
N LYS A 7 -3.53 -4.00 13.99
CA LYS A 7 -2.41 -4.80 14.47
C LYS A 7 -2.13 -5.95 13.51
N HIS A 8 -1.78 -5.61 12.27
CA HIS A 8 -1.50 -6.57 11.19
C HIS A 8 -2.49 -7.73 11.19
N VAL A 9 -3.78 -7.41 11.02
CA VAL A 9 -4.82 -8.42 11.08
C VAL A 9 -5.01 -9.09 9.72
N SER A 10 -4.01 -8.86 8.85
CA SER A 10 -4.03 -9.29 7.44
C SER A 10 -5.12 -8.56 6.65
N HIS A 11 -6.30 -8.44 7.23
CA HIS A 11 -7.36 -7.63 6.66
C HIS A 11 -7.13 -6.17 7.09
N VAL A 12 -5.95 -5.68 6.76
CA VAL A 12 -5.49 -4.33 7.11
C VAL A 12 -6.22 -3.25 6.31
N GLY A 13 -7.53 -3.19 6.49
CA GLY A 13 -8.34 -2.21 5.77
C GLY A 13 -8.32 -2.46 4.28
N TRP A 14 -7.78 -3.60 3.89
CA TRP A 14 -7.65 -3.96 2.49
C TRP A 14 -8.72 -4.96 2.08
N ASP A 15 -9.37 -4.68 0.96
CA ASP A 15 -10.32 -5.61 0.37
C ASP A 15 -9.76 -6.13 -0.94
N PRO A 16 -9.86 -7.45 -1.18
CA PRO A 16 -9.22 -8.12 -2.33
C PRO A 16 -9.38 -7.39 -3.66
N GLN A 17 -10.63 -7.16 -4.06
CA GLN A 17 -10.92 -6.57 -5.36
C GLN A 17 -11.04 -5.06 -5.28
N ASN A 18 -11.35 -4.56 -4.10
CA ASN A 18 -11.65 -3.14 -3.93
C ASN A 18 -10.39 -2.34 -3.61
N GLY A 19 -9.45 -2.98 -2.93
CA GLY A 19 -8.22 -2.31 -2.56
C GLY A 19 -8.24 -1.84 -1.12
N PHE A 20 -7.31 -0.95 -0.79
CA PHE A 20 -7.25 -0.37 0.55
C PHE A 20 -8.35 0.67 0.71
N ASP A 21 -9.04 0.62 1.83
CA ASP A 21 -10.05 1.63 2.12
C ASP A 21 -9.37 2.89 2.60
N VAL A 22 -9.48 3.95 1.81
CA VAL A 22 -8.85 5.22 2.12
C VAL A 22 -9.50 5.90 3.31
N ASN A 23 -10.63 5.36 3.76
CA ASN A 23 -11.28 5.86 4.97
C ASN A 23 -10.63 5.25 6.20
N ASN A 24 -10.43 3.94 6.17
CA ASN A 24 -9.80 3.23 7.29
C ASN A 24 -8.35 2.90 6.97
N LEU A 25 -7.64 3.85 6.36
CA LEU A 25 -6.22 3.68 6.12
C LEU A 25 -5.44 3.87 7.40
N ASP A 26 -4.63 2.87 7.74
CA ASP A 26 -3.75 2.95 8.90
C ASP A 26 -2.86 4.17 8.79
N PRO A 27 -2.77 4.94 9.90
CA PRO A 27 -2.02 6.21 9.97
C PRO A 27 -0.60 6.13 9.41
N ASP A 28 0.05 4.99 9.59
CA ASP A 28 1.43 4.85 9.15
C ASP A 28 1.47 4.41 7.70
N LEU A 29 0.56 3.51 7.32
CA LEU A 29 0.35 3.17 5.93
C LEU A 29 0.09 4.43 5.10
N ARG A 30 -0.83 5.25 5.59
CA ARG A 30 -1.19 6.50 4.93
C ARG A 30 0.07 7.34 4.68
N SER A 31 0.94 7.40 5.69
CA SER A 31 2.18 8.17 5.59
C SER A 31 3.08 7.58 4.51
N LEU A 32 3.29 6.27 4.58
CA LEU A 32 4.20 5.58 3.67
C LEU A 32 3.74 5.66 2.24
N PHE A 33 2.49 5.30 2.00
CA PHE A 33 1.98 5.19 0.65
C PHE A 33 2.03 6.55 -0.05
N SER A 34 1.91 7.62 0.73
CA SER A 34 2.05 8.97 0.22
C SER A 34 3.48 9.18 -0.30
N ARG A 35 4.46 8.68 0.46
CA ARG A 35 5.86 8.72 0.04
C ARG A 35 6.10 7.86 -1.19
N ALA A 36 5.43 6.71 -1.21
CA ALA A 36 5.62 5.73 -2.27
C ALA A 36 4.90 6.14 -3.56
N GLY A 37 4.07 7.18 -3.46
CA GLY A 37 3.40 7.71 -4.64
C GLY A 37 2.00 7.16 -4.79
N ILE A 38 1.68 6.15 -4.01
CA ILE A 38 0.38 5.49 -4.07
C ILE A 38 -0.72 6.43 -3.60
N SER A 39 -1.52 6.90 -4.55
CA SER A 39 -2.62 7.80 -4.24
C SER A 39 -3.91 7.01 -4.00
N GLU A 40 -5.00 7.72 -3.68
CA GLU A 40 -6.30 7.10 -3.40
C GLU A 40 -6.66 6.05 -4.45
N ALA A 41 -6.63 6.45 -5.72
CA ALA A 41 -7.01 5.55 -6.81
C ALA A 41 -6.11 4.32 -6.84
N GLN A 42 -4.82 4.53 -6.62
CA GLN A 42 -3.86 3.44 -6.72
C GLN A 42 -4.01 2.49 -5.53
N LEU A 43 -4.40 3.02 -4.39
CA LEU A 43 -4.68 2.19 -3.22
C LEU A 43 -5.97 1.42 -3.43
N THR A 44 -6.84 1.95 -4.27
CA THR A 44 -8.10 1.30 -4.56
C THR A 44 -8.03 0.55 -5.90
N ASP A 45 -6.79 0.29 -6.32
CA ASP A 45 -6.53 -0.54 -7.49
C ASP A 45 -6.49 -2.00 -7.10
N ALA A 46 -6.77 -2.89 -8.04
CA ALA A 46 -6.84 -4.32 -7.73
C ALA A 46 -5.46 -4.90 -7.48
N GLU A 47 -4.57 -4.84 -8.47
CA GLU A 47 -3.28 -5.51 -8.36
C GLU A 47 -2.33 -4.69 -7.49
N THR A 48 -2.40 -3.37 -7.62
CA THR A 48 -1.55 -2.49 -6.86
C THR A 48 -1.68 -2.74 -5.36
N SER A 49 -2.89 -2.60 -4.83
CA SER A 49 -3.11 -2.70 -3.38
C SER A 49 -2.70 -4.07 -2.85
N LYS A 50 -3.08 -5.12 -3.59
CA LYS A 50 -2.77 -6.49 -3.21
C LYS A 50 -1.27 -6.69 -3.06
N LEU A 51 -0.51 -6.06 -3.94
CA LEU A 51 0.93 -6.21 -3.93
C LEU A 51 1.60 -5.18 -3.03
N ILE A 52 0.92 -4.07 -2.74
CA ILE A 52 1.37 -3.19 -1.68
C ILE A 52 1.35 -3.92 -0.35
N TYR A 53 0.24 -4.61 -0.09
CA TYR A 53 0.14 -5.39 1.13
C TYR A 53 1.11 -6.57 1.07
N ASP A 54 1.29 -7.12 -0.13
CA ASP A 54 2.28 -8.17 -0.35
C ASP A 54 3.68 -7.66 -0.01
N PHE A 55 3.87 -6.37 -0.26
CA PHE A 55 5.11 -5.67 0.10
C PHE A 55 5.25 -5.54 1.61
N ILE A 56 4.15 -5.16 2.23
CA ILE A 56 4.11 -5.01 3.68
C ILE A 56 4.34 -6.36 4.35
N GLU A 57 3.73 -7.39 3.78
CA GLU A 57 3.94 -8.76 4.22
C GLU A 57 5.37 -9.20 3.98
N ASP A 58 5.92 -8.80 2.84
CA ASP A 58 7.33 -9.01 2.51
C ASP A 58 8.23 -8.50 3.63
N GLN A 59 7.84 -7.39 4.25
CA GLN A 59 8.57 -6.83 5.38
C GLN A 59 8.35 -7.69 6.63
N GLY A 60 7.23 -8.37 6.67
CA GLY A 60 6.87 -9.15 7.84
C GLY A 60 5.57 -8.67 8.47
N GLY A 61 5.05 -7.58 7.94
CA GLY A 61 3.80 -7.04 8.44
C GLY A 61 3.88 -5.55 8.70
N LEU A 62 2.80 -4.99 9.24
CA LEU A 62 2.68 -3.56 9.47
C LEU A 62 3.76 -3.03 10.39
N GLU A 63 3.99 -3.74 11.49
CA GLU A 63 4.97 -3.34 12.49
C GLU A 63 6.38 -3.26 11.90
N ALA A 64 6.66 -4.12 10.92
CA ALA A 64 7.96 -4.13 10.27
C ALA A 64 8.15 -2.86 9.45
N VAL A 65 7.09 -2.45 8.76
CA VAL A 65 7.12 -1.22 7.97
C VAL A 65 7.36 -0.02 8.87
N ARG A 66 6.76 -0.07 10.05
CA ARG A 66 6.93 0.98 11.05
C ARG A 66 8.39 1.07 11.49
N GLN A 67 9.09 -0.04 11.44
CA GLN A 67 10.50 -0.07 11.76
C GLN A 67 11.34 0.45 10.60
N GLU A 68 10.94 0.11 9.38
CA GLU A 68 11.60 0.61 8.17
C GLU A 68 11.63 2.13 8.15
N MET A 69 10.54 2.74 8.60
CA MET A 69 10.47 4.20 8.75
C MET A 69 11.64 4.73 9.57
N ARG A 70 12.20 3.87 10.41
CA ARG A 70 13.34 4.24 11.23
C ARG A 70 14.56 3.40 10.85
N ARG A 71 14.40 2.58 9.84
CA ARG A 71 15.44 1.63 9.45
C ARG A 71 16.13 2.11 8.17
N GLN A 72 15.82 1.48 7.04
CA GLN A 72 16.47 1.78 5.75
C GLN A 72 16.15 0.66 4.77
N GLY B 1 9.50 11.10 -5.80
CA GLY B 1 10.13 10.21 -6.80
C GLY B 1 10.72 8.97 -6.14
N HIS B 2 11.36 8.13 -6.93
CA HIS B 2 11.94 6.90 -6.39
C HIS B 2 13.32 7.17 -5.79
N MET B 3 13.33 7.81 -4.63
CA MET B 3 14.56 8.06 -3.92
C MET B 3 14.27 8.24 -2.43
N LEU B 4 13.94 7.14 -1.76
CA LEU B 4 13.62 7.16 -0.34
C LEU B 4 14.58 6.24 0.42
N PRO B 5 14.84 6.55 1.68
CA PRO B 5 15.73 5.75 2.52
C PRO B 5 14.97 4.73 3.36
N ASP B 6 13.87 4.22 2.83
CA ASP B 6 13.01 3.30 3.56
C ASP B 6 12.04 2.57 2.63
N VAL B 7 11.05 1.92 3.25
CA VAL B 7 9.95 1.23 2.57
C VAL B 7 9.49 1.92 1.28
N ALA B 8 9.39 3.23 1.29
CA ALA B 8 8.78 3.98 0.18
C ALA B 8 9.40 3.67 -1.18
N GLN B 9 10.72 3.75 -1.29
CA GLN B 9 11.37 3.47 -2.57
C GLN B 9 11.26 2.00 -2.90
N ARG B 10 11.18 1.21 -1.85
CA ARG B 10 11.15 -0.23 -1.97
C ARG B 10 9.77 -0.68 -2.41
N LEU B 11 8.79 0.21 -2.26
CA LEU B 11 7.43 -0.08 -2.64
C LEU B 11 7.27 0.08 -4.14
N MET B 12 7.86 1.15 -4.65
CA MET B 12 7.81 1.44 -6.08
C MET B 12 8.43 0.29 -6.86
N GLN B 13 9.55 -0.23 -6.37
CA GLN B 13 10.21 -1.36 -6.98
C GLN B 13 9.32 -2.60 -6.96
N HIS B 14 8.81 -2.92 -5.77
CA HIS B 14 8.03 -4.12 -5.56
C HIS B 14 6.78 -4.13 -6.45
N LEU B 15 6.24 -2.96 -6.72
CA LEU B 15 5.07 -2.83 -7.59
C LEU B 15 5.48 -2.89 -9.06
N ALA B 16 6.50 -2.13 -9.40
CA ALA B 16 7.00 -2.06 -10.77
C ALA B 16 7.41 -3.43 -11.31
N GLU B 17 7.90 -4.30 -10.42
CA GLU B 17 8.31 -5.64 -10.81
C GLU B 17 7.14 -6.45 -11.40
N HIS B 18 5.92 -6.11 -11.01
CA HIS B 18 4.76 -6.88 -11.46
C HIS B 18 4.01 -6.14 -12.57
N GLY B 19 4.00 -4.82 -12.50
CA GLY B 19 3.34 -4.04 -13.54
C GLY B 19 2.19 -3.22 -13.01
N ILE B 20 2.25 -2.88 -11.73
CA ILE B 20 1.26 -2.03 -11.08
C ILE B 20 1.00 -0.77 -11.88
N GLN B 21 -0.26 -0.37 -11.92
CA GLN B 21 -0.64 0.84 -12.63
C GLN B 21 -0.89 1.96 -11.64
N PRO B 22 -0.16 3.09 -11.80
CA PRO B 22 -0.30 4.26 -10.94
C PRO B 22 -1.73 4.82 -10.95
N ALA B 23 -1.98 5.79 -10.06
CA ALA B 23 -3.34 6.26 -9.74
C ALA B 23 -4.02 7.03 -10.87
N ARG B 24 -3.67 6.73 -12.11
CA ARG B 24 -4.30 7.33 -13.28
C ARG B 24 -4.52 6.28 -14.35
N ASN B 25 -4.92 5.09 -13.94
CA ASN B 25 -5.16 4.00 -14.88
C ASN B 25 -6.65 3.83 -15.13
N MET B 26 -7.00 3.73 -16.41
CA MET B 26 -8.40 3.60 -16.82
C MET B 26 -8.74 2.15 -17.12
N ALA B 27 -7.92 1.24 -16.60
CA ALA B 27 -8.13 -0.18 -16.79
C ALA B 27 -9.40 -0.66 -16.08
N GLU B 28 -9.83 0.13 -15.10
CA GLU B 28 -11.02 -0.18 -14.32
C GLU B 28 -11.32 1.01 -13.39
N HIS B 29 -11.53 0.74 -12.10
CA HIS B 29 -11.71 1.79 -11.08
C HIS B 29 -13.07 2.47 -11.19
N ILE B 30 -13.62 2.83 -10.03
CA ILE B 30 -14.94 3.42 -9.96
C ILE B 30 -14.87 4.95 -10.00
N PRO B 31 -15.44 5.55 -11.05
CA PRO B 31 -15.54 7.01 -11.19
C PRO B 31 -16.62 7.58 -10.27
N PRO B 32 -16.49 8.85 -9.88
CA PRO B 32 -17.48 9.53 -9.02
C PRO B 32 -18.88 9.50 -9.63
N ALA B 33 -19.78 8.78 -8.97
CA ALA B 33 -21.14 8.63 -9.46
C ALA B 33 -21.98 9.86 -9.16
N PRO B 34 -22.62 10.43 -10.20
CA PRO B 34 -23.39 11.67 -10.07
C PRO B 34 -24.78 11.44 -9.46
N ASN B 35 -24.82 11.06 -8.20
CA ASN B 35 -26.07 10.84 -7.50
C ASN B 35 -26.24 11.84 -6.37
N TRP B 36 -26.12 13.11 -6.70
CA TRP B 36 -26.25 14.18 -5.72
C TRP B 36 -27.57 14.92 -5.92
N GLY A 1 5.33 -16.72 6.78
CA GLY A 1 5.52 -16.71 8.24
C GLY A 1 4.68 -17.78 8.92
N HIS A 2 4.85 -17.92 10.23
CA HIS A 2 4.07 -18.87 11.01
C HIS A 2 3.49 -18.21 12.25
N MET A 3 2.81 -17.08 12.05
CA MET A 3 2.10 -16.38 13.12
C MET A 3 3.04 -16.00 14.26
N SER A 4 4.15 -15.36 13.91
CA SER A 4 5.16 -15.01 14.89
C SER A 4 5.13 -13.52 15.22
N GLY A 5 4.69 -12.70 14.27
CA GLY A 5 4.70 -11.27 14.47
C GLY A 5 3.38 -10.62 14.12
N PHE A 6 2.33 -10.97 14.84
CA PHE A 6 1.02 -10.41 14.59
C PHE A 6 0.62 -9.42 15.68
N LYS A 7 1.30 -8.28 15.71
CA LYS A 7 0.89 -7.18 16.58
C LYS A 7 -0.37 -6.55 16.00
N HIS A 8 -0.44 -6.53 14.68
CA HIS A 8 -1.61 -6.09 13.96
C HIS A 8 -2.01 -7.15 12.95
N VAL A 9 -3.30 -7.31 12.73
CA VAL A 9 -3.81 -8.39 11.90
C VAL A 9 -5.25 -8.08 11.51
N SER A 10 -5.59 -6.81 11.63
CA SER A 10 -6.95 -6.32 11.37
C SER A 10 -7.22 -6.23 9.87
N HIS A 11 -6.43 -6.98 9.10
CA HIS A 11 -6.50 -6.96 7.64
C HIS A 11 -6.25 -5.56 7.09
N VAL A 12 -5.74 -4.68 7.97
CA VAL A 12 -5.40 -3.27 7.65
C VAL A 12 -6.48 -2.56 6.82
N GLY A 13 -7.73 -3.02 6.91
CA GLY A 13 -8.81 -2.41 6.15
C GLY A 13 -8.66 -2.63 4.66
N TRP A 14 -7.96 -3.70 4.30
CA TRP A 14 -7.70 -4.02 2.91
C TRP A 14 -8.77 -4.95 2.34
N ASP A 15 -9.23 -4.62 1.15
CA ASP A 15 -10.18 -5.45 0.42
C ASP A 15 -9.49 -5.99 -0.83
N PRO A 16 -9.65 -7.28 -1.13
CA PRO A 16 -8.98 -7.96 -2.26
C PRO A 16 -9.25 -7.31 -3.61
N GLN A 17 -10.38 -6.63 -3.75
CA GLN A 17 -10.73 -6.00 -5.02
C GLN A 17 -10.51 -4.49 -4.98
N ASN A 18 -11.02 -3.85 -3.93
CA ASN A 18 -11.00 -2.38 -3.84
C ASN A 18 -9.72 -1.88 -3.18
N GLY A 19 -8.90 -2.79 -2.69
CA GLY A 19 -7.62 -2.42 -2.13
C GLY A 19 -7.72 -1.86 -0.73
N PHE A 20 -6.86 -0.92 -0.43
CA PHE A 20 -6.83 -0.30 0.90
C PHE A 20 -7.91 0.75 1.01
N ASP A 21 -8.75 0.63 2.01
CA ASP A 21 -9.78 1.63 2.26
C ASP A 21 -9.11 2.93 2.70
N VAL A 22 -9.02 3.87 1.78
CA VAL A 22 -8.26 5.10 1.98
C VAL A 22 -8.78 5.97 3.11
N ASN A 23 -10.08 5.90 3.39
CA ASN A 23 -10.67 6.72 4.45
C ASN A 23 -10.65 5.97 5.78
N ASN A 24 -10.23 4.72 5.74
CA ASN A 24 -10.06 3.91 6.94
C ASN A 24 -8.62 3.44 7.05
N LEU A 25 -7.72 4.15 6.38
CA LEU A 25 -6.31 3.82 6.37
C LEU A 25 -5.65 4.08 7.72
N ASP A 26 -4.79 3.16 8.13
CA ASP A 26 -3.96 3.32 9.32
C ASP A 26 -3.01 4.50 9.12
N PRO A 27 -2.80 5.32 10.16
CA PRO A 27 -1.94 6.51 10.08
C PRO A 27 -0.63 6.27 9.31
N ASP A 28 0.08 5.21 9.67
CA ASP A 28 1.36 4.91 9.04
C ASP A 28 1.16 4.49 7.59
N LEU A 29 0.12 3.70 7.34
CA LEU A 29 -0.20 3.30 5.97
C LEU A 29 -0.54 4.52 5.12
N ARG A 30 -1.35 5.41 5.68
CA ARG A 30 -1.74 6.64 5.01
C ARG A 30 -0.50 7.46 4.64
N SER A 31 0.47 7.47 5.55
CA SER A 31 1.70 8.22 5.34
C SER A 31 2.58 7.51 4.30
N LEU A 32 2.77 6.20 4.48
CA LEU A 32 3.69 5.44 3.65
C LEU A 32 3.31 5.47 2.18
N PHE A 33 2.10 5.04 1.89
CA PHE A 33 1.68 4.84 0.51
C PHE A 33 1.78 6.14 -0.26
N SER A 34 1.51 7.25 0.43
CA SER A 34 1.67 8.56 -0.15
C SER A 34 3.14 8.85 -0.48
N ARG A 35 4.02 8.46 0.44
CA ARG A 35 5.46 8.61 0.25
C ARG A 35 5.95 7.75 -0.92
N ALA A 36 5.39 6.55 -1.00
CA ALA A 36 5.79 5.57 -2.02
C ALA A 36 5.34 5.99 -3.41
N GLY A 37 4.45 6.98 -3.48
CA GLY A 37 3.97 7.45 -4.77
C GLY A 37 2.61 6.88 -5.10
N ILE A 38 2.23 5.84 -4.36
CA ILE A 38 0.94 5.21 -4.51
C ILE A 38 -0.16 6.18 -4.13
N SER A 39 -0.88 6.68 -5.13
CA SER A 39 -1.97 7.59 -4.90
C SER A 39 -3.21 6.82 -4.43
N GLU A 40 -4.23 7.54 -3.98
CA GLU A 40 -5.42 6.91 -3.41
C GLU A 40 -6.16 6.09 -4.48
N ALA A 41 -6.00 6.48 -5.74
CA ALA A 41 -6.52 5.70 -6.85
C ALA A 41 -5.82 4.35 -6.91
N GLN A 42 -4.51 4.37 -6.77
CA GLN A 42 -3.72 3.16 -6.79
C GLN A 42 -3.99 2.31 -5.54
N LEU A 43 -4.38 2.97 -4.46
CA LEU A 43 -4.74 2.27 -3.23
C LEU A 43 -6.14 1.67 -3.36
N THR A 44 -6.87 2.10 -4.36
CA THR A 44 -8.16 1.51 -4.66
C THR A 44 -8.06 0.67 -5.94
N ASP A 45 -6.82 0.34 -6.29
CA ASP A 45 -6.53 -0.54 -7.42
C ASP A 45 -6.48 -1.99 -6.96
N ALA A 46 -6.68 -2.93 -7.88
CA ALA A 46 -6.71 -4.34 -7.53
C ALA A 46 -5.30 -4.88 -7.30
N GLU A 47 -4.50 -4.99 -8.37
CA GLU A 47 -3.17 -5.59 -8.27
C GLU A 47 -2.24 -4.73 -7.43
N THR A 48 -2.34 -3.41 -7.58
CA THR A 48 -1.50 -2.50 -6.83
C THR A 48 -1.63 -2.72 -5.32
N SER A 49 -2.84 -2.56 -4.81
CA SER A 49 -3.08 -2.65 -3.37
C SER A 49 -2.77 -4.04 -2.83
N LYS A 50 -3.11 -5.07 -3.60
CA LYS A 50 -2.85 -6.44 -3.19
C LYS A 50 -1.36 -6.67 -3.02
N LEU A 51 -0.59 -6.10 -3.93
CA LEU A 51 0.85 -6.29 -3.92
C LEU A 51 1.54 -5.34 -2.95
N ILE A 52 0.88 -4.25 -2.57
CA ILE A 52 1.34 -3.46 -1.45
C ILE A 52 1.21 -4.26 -0.16
N TYR A 53 0.09 -4.96 -0.03
CA TYR A 53 -0.14 -5.84 1.12
C TYR A 53 0.87 -6.99 1.09
N ASP A 54 1.12 -7.49 -0.11
CA ASP A 54 2.15 -8.49 -0.34
C ASP A 54 3.53 -7.95 0.02
N PHE A 55 3.73 -6.67 -0.24
CA PHE A 55 4.95 -5.96 0.10
C PHE A 55 5.15 -5.90 1.60
N ILE A 56 4.08 -5.55 2.30
CA ILE A 56 4.09 -5.47 3.75
C ILE A 56 4.42 -6.83 4.35
N GLU A 57 3.80 -7.87 3.81
CA GLU A 57 4.12 -9.25 4.16
C GLU A 57 5.59 -9.57 3.85
N ASP A 58 6.02 -9.14 2.67
CA ASP A 58 7.39 -9.34 2.19
C ASP A 58 8.42 -8.79 3.19
N GLN A 59 8.09 -7.66 3.82
CA GLN A 59 8.97 -7.05 4.80
C GLN A 59 8.93 -7.80 6.13
N GLY A 60 7.89 -8.60 6.34
CA GLY A 60 7.76 -9.34 7.58
C GLY A 60 6.51 -8.98 8.33
N GLY A 61 5.69 -8.12 7.76
CA GLY A 61 4.44 -7.74 8.37
C GLY A 61 4.32 -6.25 8.58
N LEU A 62 3.25 -5.84 9.24
CA LEU A 62 2.96 -4.41 9.43
C LEU A 62 4.02 -3.73 10.28
N GLU A 63 4.49 -4.43 11.29
CA GLU A 63 5.41 -3.86 12.25
C GLU A 63 6.74 -3.52 11.61
N ALA A 64 7.17 -4.34 10.65
CA ALA A 64 8.42 -4.09 9.94
C ALA A 64 8.32 -2.79 9.14
N VAL A 65 7.16 -2.57 8.54
CA VAL A 65 6.89 -1.38 7.76
C VAL A 65 6.92 -0.14 8.63
N ARG A 66 6.28 -0.24 9.80
CA ARG A 66 6.24 0.88 10.73
C ARG A 66 7.64 1.25 11.21
N GLN A 67 8.52 0.26 11.26
CA GLN A 67 9.87 0.47 11.74
C GLN A 67 10.74 1.11 10.67
N GLU A 68 10.63 0.62 9.43
CA GLU A 68 11.45 1.16 8.32
C GLU A 68 11.35 2.67 8.25
N MET A 69 10.17 3.21 8.55
CA MET A 69 9.96 4.65 8.54
C MET A 69 10.99 5.39 9.38
N ARG A 70 11.32 4.82 10.53
CA ARG A 70 12.25 5.45 11.46
C ARG A 70 13.58 4.70 11.48
N ARG A 71 13.72 3.75 10.58
CA ARG A 71 14.87 2.85 10.60
C ARG A 71 15.77 3.04 9.40
N GLN A 72 15.17 2.97 8.22
CA GLN A 72 15.88 3.00 6.94
C GLN A 72 16.57 1.66 6.71
N GLY B 1 13.73 7.40 -10.64
CA GLY B 1 14.67 7.03 -9.55
C GLY B 1 13.99 7.02 -8.20
N HIS B 2 14.55 6.27 -7.26
CA HIS B 2 13.97 6.18 -5.94
C HIS B 2 15.06 6.29 -4.87
N MET B 3 14.81 7.12 -3.86
CA MET B 3 15.76 7.31 -2.78
C MET B 3 15.04 7.77 -1.52
N LEU B 4 14.36 6.82 -0.87
CA LEU B 4 13.61 7.11 0.34
C LEU B 4 14.10 6.25 1.48
N PRO B 5 14.22 6.81 2.68
CA PRO B 5 14.85 6.13 3.81
C PRO B 5 13.91 5.18 4.53
N ASP B 6 13.02 4.54 3.79
CA ASP B 6 12.05 3.65 4.40
C ASP B 6 11.37 2.75 3.37
N VAL B 7 10.32 2.09 3.81
CA VAL B 7 9.44 1.25 2.98
C VAL B 7 9.07 1.93 1.65
N ALA B 8 8.86 3.25 1.72
CA ALA B 8 8.32 4.02 0.59
C ALA B 8 9.03 3.76 -0.74
N GLN B 9 10.35 3.84 -0.77
CA GLN B 9 11.08 3.65 -2.02
C GLN B 9 11.05 2.18 -2.43
N ARG B 10 11.04 1.31 -1.43
CA ARG B 10 11.04 -0.12 -1.67
C ARG B 10 9.71 -0.57 -2.26
N LEU B 11 8.69 0.27 -2.04
CA LEU B 11 7.35 -0.02 -2.55
C LEU B 11 7.31 0.22 -4.05
N MET B 12 7.92 1.33 -4.48
CA MET B 12 7.95 1.71 -5.89
C MET B 12 8.44 0.54 -6.74
N GLN B 13 9.50 -0.10 -6.28
CA GLN B 13 10.10 -1.22 -7.01
C GLN B 13 9.21 -2.46 -6.95
N HIS B 14 8.60 -2.69 -5.79
CA HIS B 14 7.80 -3.89 -5.58
C HIS B 14 6.54 -3.89 -6.46
N LEU B 15 6.00 -2.71 -6.73
CA LEU B 15 4.87 -2.58 -7.64
C LEU B 15 5.34 -2.65 -9.08
N ALA B 16 6.49 -2.03 -9.36
CA ALA B 16 7.05 -1.99 -10.71
C ALA B 16 7.29 -3.38 -11.25
N GLU B 17 7.66 -4.31 -10.37
CA GLU B 17 7.94 -5.69 -10.74
C GLU B 17 6.71 -6.39 -11.34
N HIS B 18 5.51 -5.91 -11.05
CA HIS B 18 4.30 -6.61 -11.47
C HIS B 18 3.45 -5.77 -12.44
N GLY B 19 3.99 -4.64 -12.88
CA GLY B 19 3.29 -3.82 -13.86
C GLY B 19 2.05 -3.13 -13.32
N ILE B 20 2.08 -2.80 -12.03
CA ILE B 20 1.03 -2.04 -11.37
C ILE B 20 0.63 -0.78 -12.17
N GLN B 21 -0.62 -0.38 -12.06
CA GLN B 21 -1.11 0.81 -12.74
C GLN B 21 -0.83 2.07 -11.91
N PRO B 22 -0.23 3.09 -12.55
CA PRO B 22 -0.03 4.41 -11.95
C PRO B 22 -1.35 5.10 -11.67
N ALA B 23 -1.29 6.26 -11.02
CA ALA B 23 -2.49 7.01 -10.63
C ALA B 23 -3.20 7.61 -11.83
N ARG B 24 -3.74 6.74 -12.66
CA ARG B 24 -4.53 7.12 -13.83
C ARG B 24 -5.43 5.94 -14.21
N ASN B 25 -5.49 4.98 -13.29
CA ASN B 25 -6.21 3.74 -13.49
C ASN B 25 -7.69 3.90 -13.18
N MET B 26 -8.39 4.65 -14.04
CA MET B 26 -9.81 4.98 -13.87
C MET B 26 -10.11 5.39 -12.41
N ALA B 27 -9.90 6.66 -12.13
CA ALA B 27 -9.96 7.21 -10.78
C ALA B 27 -11.31 7.01 -10.10
N GLU B 28 -12.35 6.76 -10.91
CA GLU B 28 -13.70 6.52 -10.39
C GLU B 28 -13.70 5.44 -9.32
N HIS B 29 -13.36 4.21 -9.72
CA HIS B 29 -13.26 3.06 -8.81
C HIS B 29 -14.52 2.89 -7.96
N ILE B 30 -15.67 2.83 -8.62
CA ILE B 30 -16.91 2.53 -7.94
C ILE B 30 -17.36 1.14 -8.35
N PRO B 31 -17.79 0.31 -7.38
CA PRO B 31 -18.24 -1.06 -7.64
C PRO B 31 -19.33 -1.11 -8.70
N PRO B 32 -19.08 -1.83 -9.80
CA PRO B 32 -20.00 -1.91 -10.94
C PRO B 32 -21.42 -2.28 -10.51
N ALA B 33 -22.32 -1.33 -10.68
CA ALA B 33 -23.71 -1.52 -10.30
C ALA B 33 -24.47 -2.21 -11.42
N PRO B 34 -25.25 -3.25 -11.06
CA PRO B 34 -26.07 -3.99 -12.02
C PRO B 34 -27.17 -3.11 -12.61
N ASN B 35 -27.46 -2.01 -11.91
CA ASN B 35 -28.35 -0.96 -12.39
C ASN B 35 -29.82 -1.40 -12.36
N TRP B 36 -30.03 -2.66 -12.05
CA TRP B 36 -31.36 -3.24 -12.00
C TRP B 36 -31.77 -3.48 -10.55
N GLY A 1 11.74 -3.59 23.05
CA GLY A 1 10.99 -4.12 21.87
C GLY A 1 10.28 -3.02 21.11
N HIS A 2 10.54 -2.94 19.81
CA HIS A 2 9.92 -1.93 18.97
C HIS A 2 8.59 -2.42 18.43
N MET A 3 7.64 -2.67 19.33
CA MET A 3 6.31 -3.10 18.95
C MET A 3 5.41 -1.89 18.76
N SER A 4 5.67 -1.15 17.70
CA SER A 4 4.89 0.04 17.38
C SER A 4 3.67 -0.32 16.53
N GLY A 5 2.57 -0.65 17.18
CA GLY A 5 1.35 -0.93 16.45
C GLY A 5 0.70 -2.23 16.86
N PHE A 6 -0.35 -2.60 16.15
CA PHE A 6 -1.07 -3.85 16.42
C PHE A 6 -0.38 -5.02 15.71
N LYS A 7 -0.44 -6.19 16.33
CA LYS A 7 0.33 -7.34 15.87
C LYS A 7 -0.36 -8.07 14.72
N HIS A 8 -0.03 -7.62 13.51
CA HIS A 8 -0.32 -8.29 12.24
C HIS A 8 -1.45 -9.33 12.30
N VAL A 9 -2.68 -8.88 12.01
CA VAL A 9 -3.82 -9.78 11.92
C VAL A 9 -4.98 -9.09 11.20
N SER A 10 -4.93 -7.75 11.23
CA SER A 10 -5.92 -6.89 10.61
C SER A 10 -6.11 -7.17 9.13
N HIS A 11 -5.04 -7.61 8.47
CA HIS A 11 -5.00 -7.68 7.01
C HIS A 11 -5.15 -6.27 6.44
N VAL A 12 -4.74 -5.28 7.25
CA VAL A 12 -4.75 -3.84 6.91
C VAL A 12 -6.08 -3.33 6.36
N GLY A 13 -7.16 -4.07 6.61
CA GLY A 13 -8.45 -3.68 6.08
C GLY A 13 -8.48 -3.74 4.56
N TRP A 14 -7.60 -4.55 4.00
CA TRP A 14 -7.47 -4.70 2.57
C TRP A 14 -8.55 -5.62 2.01
N ASP A 15 -9.21 -5.16 0.96
CA ASP A 15 -10.19 -5.96 0.26
C ASP A 15 -9.58 -6.50 -1.03
N PRO A 16 -9.78 -7.79 -1.27
CA PRO A 16 -9.23 -8.50 -2.44
C PRO A 16 -9.42 -7.78 -3.77
N GLN A 17 -10.51 -7.04 -3.91
CA GLN A 17 -10.82 -6.37 -5.16
C GLN A 17 -10.55 -4.86 -5.10
N ASN A 18 -11.05 -4.20 -4.05
CA ASN A 18 -10.96 -2.74 -3.96
C ASN A 18 -9.78 -2.27 -3.14
N GLY A 19 -9.02 -3.20 -2.60
CA GLY A 19 -7.78 -2.86 -1.93
C GLY A 19 -7.98 -2.20 -0.59
N PHE A 20 -7.24 -1.12 -0.38
CA PHE A 20 -7.18 -0.44 0.91
C PHE A 20 -8.34 0.52 1.09
N ASP A 21 -8.81 0.62 2.32
CA ASP A 21 -9.82 1.61 2.68
C ASP A 21 -9.15 2.96 2.92
N VAL A 22 -9.40 3.91 2.02
CA VAL A 22 -8.65 5.16 2.01
C VAL A 22 -9.25 6.23 2.92
N ASN A 23 -10.49 6.03 3.36
CA ASN A 23 -11.09 6.97 4.29
C ASN A 23 -10.74 6.58 5.72
N ASN A 24 -10.36 5.33 5.91
CA ASN A 24 -9.89 4.85 7.20
C ASN A 24 -8.52 4.20 7.06
N LEU A 25 -7.61 4.94 6.46
CA LEU A 25 -6.23 4.47 6.28
C LEU A 25 -5.42 4.65 7.56
N ASP A 26 -4.67 3.63 7.91
CA ASP A 26 -3.79 3.65 9.08
C ASP A 26 -2.78 4.79 8.96
N PRO A 27 -2.60 5.58 10.03
CA PRO A 27 -1.71 6.75 10.02
C PRO A 27 -0.37 6.50 9.32
N ASP A 28 0.33 5.45 9.75
CA ASP A 28 1.65 5.15 9.22
C ASP A 28 1.56 4.70 7.77
N LEU A 29 0.58 3.84 7.48
CA LEU A 29 0.37 3.38 6.11
C LEU A 29 0.02 4.55 5.20
N ARG A 30 -0.80 5.46 5.70
CA ARG A 30 -1.19 6.65 4.97
C ARG A 30 0.04 7.48 4.64
N SER A 31 0.93 7.61 5.63
CA SER A 31 2.18 8.32 5.43
C SER A 31 3.02 7.61 4.38
N LEU A 32 3.16 6.31 4.55
CA LEU A 32 3.98 5.48 3.69
C LEU A 32 3.55 5.55 2.24
N PHE A 33 2.32 5.13 1.97
CA PHE A 33 1.84 4.96 0.62
C PHE A 33 1.88 6.28 -0.15
N SER A 34 1.66 7.38 0.58
CA SER A 34 1.74 8.71 -0.01
C SER A 34 3.18 9.02 -0.44
N ARG A 35 4.15 8.66 0.39
CA ARG A 35 5.55 8.85 0.07
C ARG A 35 5.93 8.01 -1.15
N ALA A 36 5.28 6.85 -1.25
CA ALA A 36 5.62 5.85 -2.26
C ALA A 36 5.08 6.23 -3.63
N GLY A 37 4.26 7.27 -3.70
CA GLY A 37 3.74 7.72 -4.98
C GLY A 37 2.46 7.00 -5.35
N ILE A 38 2.00 6.15 -4.46
CA ILE A 38 0.76 5.43 -4.65
C ILE A 38 -0.42 6.39 -4.49
N SER A 39 -1.07 6.68 -5.61
CA SER A 39 -2.25 7.52 -5.61
C SER A 39 -3.36 6.88 -4.80
N GLU A 40 -4.29 7.68 -4.30
CA GLU A 40 -5.42 7.15 -3.56
C GLU A 40 -6.19 6.17 -4.43
N ALA A 41 -6.20 6.43 -5.74
CA ALA A 41 -6.88 5.57 -6.71
C ALA A 41 -6.17 4.22 -6.84
N GLN A 42 -4.93 4.19 -6.40
CA GLN A 42 -4.11 2.99 -6.52
C GLN A 42 -4.29 2.11 -5.29
N LEU A 43 -4.66 2.75 -4.19
CA LEU A 43 -4.98 2.01 -2.98
C LEU A 43 -6.38 1.42 -3.11
N THR A 44 -7.06 1.79 -4.18
CA THR A 44 -8.34 1.19 -4.51
C THR A 44 -8.24 0.31 -5.75
N ASP A 45 -7.01 0.21 -6.27
CA ASP A 45 -6.72 -0.65 -7.42
C ASP A 45 -6.64 -2.10 -6.96
N ALA A 46 -6.92 -3.03 -7.86
CA ALA A 46 -6.92 -4.44 -7.52
C ALA A 46 -5.50 -4.95 -7.26
N GLU A 47 -4.63 -4.87 -8.26
CA GLU A 47 -3.31 -5.47 -8.14
C GLU A 47 -2.38 -4.57 -7.33
N THR A 48 -2.47 -3.26 -7.53
CA THR A 48 -1.63 -2.32 -6.80
C THR A 48 -1.74 -2.54 -5.31
N SER A 49 -2.97 -2.57 -4.81
CA SER A 49 -3.22 -2.78 -3.39
C SER A 49 -2.69 -4.14 -2.93
N LYS A 50 -2.89 -5.15 -3.77
CA LYS A 50 -2.47 -6.50 -3.43
C LYS A 50 -0.95 -6.58 -3.33
N LEU A 51 -0.25 -5.95 -4.26
CA LEU A 51 1.21 -5.93 -4.23
C LEU A 51 1.74 -5.10 -3.07
N ILE A 52 1.03 -4.03 -2.71
CA ILE A 52 1.37 -3.27 -1.52
C ILE A 52 1.21 -4.12 -0.27
N TYR A 53 0.09 -4.84 -0.18
CA TYR A 53 -0.15 -5.73 0.94
C TYR A 53 0.91 -6.82 0.98
N ASP A 54 1.18 -7.41 -0.18
CA ASP A 54 2.25 -8.40 -0.33
C ASP A 54 3.60 -7.80 0.06
N PHE A 55 3.79 -6.53 -0.26
CA PHE A 55 4.98 -5.78 0.13
C PHE A 55 5.12 -5.75 1.65
N ILE A 56 4.03 -5.40 2.32
CA ILE A 56 3.98 -5.37 3.77
C ILE A 56 4.19 -6.77 4.35
N GLU A 57 3.48 -7.73 3.77
CA GLU A 57 3.62 -9.13 4.13
C GLU A 57 5.06 -9.62 3.95
N ASP A 58 5.67 -9.19 2.86
CA ASP A 58 7.04 -9.57 2.49
C ASP A 58 8.02 -9.14 3.57
N GLN A 59 7.74 -8.01 4.22
CA GLN A 59 8.61 -7.47 5.24
C GLN A 59 8.47 -8.25 6.55
N GLY A 60 7.38 -8.98 6.68
CA GLY A 60 7.08 -9.67 7.92
C GLY A 60 5.79 -9.17 8.54
N GLY A 61 5.19 -8.17 7.92
CA GLY A 61 3.93 -7.66 8.38
C GLY A 61 3.96 -6.15 8.59
N LEU A 62 2.95 -5.64 9.28
CA LEU A 62 2.76 -4.20 9.42
C LEU A 62 3.82 -3.60 10.33
N GLU A 63 4.11 -4.31 11.40
CA GLU A 63 5.08 -3.88 12.40
C GLU A 63 6.44 -3.62 11.75
N ALA A 64 6.75 -4.41 10.73
CA ALA A 64 8.02 -4.34 10.05
C ALA A 64 8.16 -3.06 9.24
N VAL A 65 7.13 -2.71 8.47
CA VAL A 65 7.21 -1.56 7.58
C VAL A 65 7.25 -0.26 8.39
N ARG A 66 6.66 -0.28 9.58
CA ARG A 66 6.66 0.90 10.44
C ARG A 66 8.06 1.12 10.99
N GLN A 67 8.86 0.07 11.00
CA GLN A 67 10.24 0.14 11.46
C GLN A 67 11.17 0.59 10.34
N GLU A 68 10.84 0.28 9.09
CA GLU A 68 11.61 0.76 7.95
C GLU A 68 11.65 2.27 7.91
N MET A 69 10.55 2.86 8.37
CA MET A 69 10.45 4.32 8.49
C MET A 69 11.60 4.90 9.32
N ARG A 70 12.17 4.07 10.16
CA ARG A 70 13.29 4.45 11.01
C ARG A 70 14.44 3.46 10.83
N ARG A 71 14.41 2.73 9.72
CA ARG A 71 15.39 1.68 9.47
C ARG A 71 16.29 2.03 8.29
N GLN A 72 15.80 1.80 7.08
CA GLN A 72 16.60 2.01 5.89
C GLN A 72 16.19 3.31 5.18
N GLY B 1 20.47 2.80 -3.75
CA GLY B 1 19.46 1.76 -3.44
C GLY B 1 18.06 2.33 -3.41
N HIS B 2 17.79 3.14 -2.40
CA HIS B 2 16.51 3.81 -2.29
C HIS B 2 16.72 5.32 -2.17
N MET B 3 16.01 6.07 -2.98
CA MET B 3 16.09 7.53 -2.97
C MET B 3 15.33 8.10 -1.78
N LEU B 4 14.54 7.25 -1.14
CA LEU B 4 13.74 7.63 0.01
C LEU B 4 14.23 6.87 1.24
N PRO B 5 14.08 7.45 2.43
CA PRO B 5 14.65 6.92 3.66
C PRO B 5 13.70 6.02 4.45
N ASP B 6 12.83 5.29 3.74
CA ASP B 6 11.94 4.35 4.39
C ASP B 6 11.31 3.37 3.40
N VAL B 7 10.31 2.65 3.87
CA VAL B 7 9.55 1.68 3.09
C VAL B 7 9.09 2.23 1.73
N ALA B 8 8.80 3.51 1.69
CA ALA B 8 8.16 4.14 0.53
C ALA B 8 8.90 3.90 -0.78
N GLN B 9 10.21 4.05 -0.76
CA GLN B 9 11.01 3.82 -1.96
C GLN B 9 10.99 2.35 -2.32
N ARG B 10 10.98 1.53 -1.28
CA ARG B 10 10.97 0.09 -1.43
C ARG B 10 9.64 -0.36 -2.05
N LEU B 11 8.60 0.44 -1.85
CA LEU B 11 7.30 0.17 -2.44
C LEU B 11 7.34 0.38 -3.95
N MET B 12 7.92 1.51 -4.36
CA MET B 12 8.04 1.86 -5.77
C MET B 12 8.70 0.71 -6.54
N GLN B 13 9.74 0.15 -5.95
CA GLN B 13 10.47 -0.96 -6.55
C GLN B 13 9.58 -2.19 -6.68
N HIS B 14 8.71 -2.40 -5.69
CA HIS B 14 7.91 -3.62 -5.62
C HIS B 14 6.75 -3.59 -6.62
N LEU B 15 6.10 -2.44 -6.78
CA LEU B 15 5.02 -2.34 -7.76
C LEU B 15 5.58 -2.45 -9.18
N ALA B 16 6.81 -1.98 -9.34
CA ALA B 16 7.48 -2.02 -10.64
C ALA B 16 7.81 -3.44 -11.04
N GLU B 17 7.91 -4.34 -10.07
CA GLU B 17 8.23 -5.73 -10.32
C GLU B 17 7.09 -6.46 -11.02
N HIS B 18 5.89 -5.88 -11.02
CA HIS B 18 4.72 -6.60 -11.46
C HIS B 18 3.97 -5.90 -12.59
N GLY B 19 3.83 -4.58 -12.52
CA GLY B 19 3.16 -3.85 -13.57
C GLY B 19 1.94 -3.09 -13.11
N ILE B 20 2.00 -2.64 -11.86
CA ILE B 20 0.94 -1.85 -11.24
C ILE B 20 0.53 -0.65 -12.10
N GLN B 21 -0.77 -0.34 -12.10
CA GLN B 21 -1.29 0.78 -12.89
C GLN B 21 -1.15 2.08 -12.13
N PRO B 22 -0.33 3.01 -12.67
CA PRO B 22 -0.08 4.30 -12.04
C PRO B 22 -1.27 5.25 -12.05
N ALA B 23 -1.81 5.49 -10.86
CA ALA B 23 -2.82 6.53 -10.61
C ALA B 23 -4.01 6.50 -11.56
N ARG B 24 -4.20 5.39 -12.26
CA ARG B 24 -5.39 5.19 -13.10
C ARG B 24 -6.68 5.46 -12.30
N ASN B 25 -7.45 6.42 -12.78
CA ASN B 25 -8.66 6.87 -12.11
C ASN B 25 -9.87 6.02 -12.50
N MET B 26 -9.92 4.81 -11.97
CA MET B 26 -11.02 3.89 -12.24
C MET B 26 -12.28 4.30 -11.49
N ALA B 27 -13.43 4.12 -12.14
CA ALA B 27 -14.73 4.40 -11.54
C ALA B 27 -14.87 5.86 -11.12
N GLU B 28 -14.12 6.73 -11.79
CA GLU B 28 -14.02 8.15 -11.45
C GLU B 28 -13.78 8.33 -9.95
N HIS B 29 -12.62 7.89 -9.50
CA HIS B 29 -12.22 8.04 -8.10
C HIS B 29 -11.75 9.48 -7.85
N ILE B 30 -12.66 10.42 -8.09
CA ILE B 30 -12.41 11.83 -7.84
C ILE B 30 -13.64 12.45 -7.21
N PRO B 31 -13.50 13.09 -6.03
CA PRO B 31 -14.62 13.73 -5.34
C PRO B 31 -15.27 14.82 -6.20
N PRO B 32 -16.55 14.63 -6.56
CA PRO B 32 -17.31 15.57 -7.38
C PRO B 32 -17.62 16.86 -6.63
N ALA B 33 -17.31 17.99 -7.24
CA ALA B 33 -17.52 19.27 -6.61
C ALA B 33 -18.28 20.21 -7.54
N PRO B 34 -19.04 21.15 -6.99
CA PRO B 34 -19.80 22.14 -7.78
C PRO B 34 -18.91 23.22 -8.38
N ASN B 35 -17.62 22.93 -8.48
CA ASN B 35 -16.65 23.84 -9.05
C ASN B 35 -16.00 23.19 -10.26
N TRP B 36 -15.80 23.96 -11.31
CA TRP B 36 -15.24 23.43 -12.55
C TRP B 36 -13.89 24.10 -12.83
N GLY A 1 10.44 -7.53 25.84
CA GLY A 1 9.36 -8.32 25.19
C GLY A 1 9.69 -8.63 23.74
N HIS A 2 9.20 -9.76 23.26
CA HIS A 2 9.45 -10.19 21.89
C HIS A 2 8.55 -9.41 20.93
N MET A 3 7.30 -9.21 21.32
CA MET A 3 6.33 -8.42 20.55
C MET A 3 6.04 -9.06 19.18
N SER A 4 4.99 -9.86 19.15
CA SER A 4 4.52 -10.48 17.92
C SER A 4 3.02 -10.78 18.03
N GLY A 5 2.21 -9.78 17.72
CA GLY A 5 0.78 -9.94 17.84
C GLY A 5 0.09 -10.08 16.50
N PHE A 6 -1.21 -10.30 16.53
CA PHE A 6 -1.97 -10.50 15.30
C PHE A 6 -2.29 -9.16 14.64
N LYS A 7 -1.26 -8.37 14.42
CA LYS A 7 -1.37 -7.11 13.69
C LYS A 7 -1.05 -7.37 12.22
N HIS A 8 0.05 -8.09 12.01
CA HIS A 8 0.43 -8.51 10.68
C HIS A 8 -0.40 -9.72 10.25
N VAL A 9 -0.82 -9.73 8.98
CA VAL A 9 -1.61 -10.83 8.43
C VAL A 9 -3.00 -10.81 9.06
N SER A 10 -3.42 -9.60 9.41
CA SER A 10 -4.74 -9.39 9.97
C SER A 10 -5.65 -8.77 8.90
N HIS A 11 -5.26 -8.99 7.64
CA HIS A 11 -5.93 -8.40 6.47
C HIS A 11 -5.65 -6.90 6.36
N VAL A 12 -5.13 -6.32 7.45
CA VAL A 12 -4.88 -4.86 7.55
C VAL A 12 -6.17 -4.05 7.43
N GLY A 13 -6.72 -4.08 6.23
CA GLY A 13 -7.90 -3.32 5.89
C GLY A 13 -8.05 -3.31 4.38
N TRP A 14 -7.68 -4.44 3.79
CA TRP A 14 -7.59 -4.56 2.34
C TRP A 14 -8.65 -5.50 1.79
N ASP A 15 -9.17 -5.15 0.62
CA ASP A 15 -10.13 -5.99 -0.09
C ASP A 15 -9.49 -6.51 -1.39
N PRO A 16 -9.62 -7.83 -1.64
CA PRO A 16 -8.94 -8.51 -2.76
C PRO A 16 -9.30 -7.98 -4.15
N GLN A 17 -10.46 -7.34 -4.27
CA GLN A 17 -10.91 -6.83 -5.56
C GLN A 17 -10.73 -5.33 -5.66
N ASN A 18 -11.04 -4.62 -4.58
CA ASN A 18 -10.94 -3.18 -4.56
C ASN A 18 -9.53 -2.74 -4.16
N GLY A 19 -9.28 -2.71 -2.86
CA GLY A 19 -7.98 -2.28 -2.38
C GLY A 19 -8.01 -1.96 -0.91
N PHE A 20 -7.21 -0.98 -0.51
CA PHE A 20 -7.13 -0.59 0.89
C PHE A 20 -8.30 0.28 1.28
N ASP A 21 -8.77 0.10 2.50
CA ASP A 21 -9.83 0.93 3.05
C ASP A 21 -9.27 2.30 3.39
N VAL A 22 -9.35 3.21 2.42
CA VAL A 22 -8.75 4.53 2.56
C VAL A 22 -9.43 5.36 3.64
N ASN A 23 -10.65 4.99 4.03
CA ASN A 23 -11.35 5.70 5.08
C ASN A 23 -11.07 5.08 6.45
N ASN A 24 -10.16 4.12 6.48
CA ASN A 24 -9.67 3.52 7.72
C ASN A 24 -8.15 3.40 7.71
N LEU A 25 -7.50 4.19 6.85
CA LEU A 25 -6.06 4.12 6.69
C LEU A 25 -5.32 4.56 7.95
N ASP A 26 -4.26 3.84 8.26
CA ASP A 26 -3.41 4.13 9.41
C ASP A 26 -2.48 5.29 9.08
N PRO A 27 -2.23 6.21 10.03
CA PRO A 27 -1.33 7.35 9.82
C PRO A 27 -0.03 6.98 9.10
N ASP A 28 0.61 5.90 9.55
CA ASP A 28 1.89 5.49 8.97
C ASP A 28 1.69 4.97 7.55
N LEU A 29 0.71 4.08 7.37
CA LEU A 29 0.31 3.63 6.05
C LEU A 29 0.08 4.82 5.12
N ARG A 30 -0.70 5.78 5.58
CA ARG A 30 -1.02 6.97 4.80
C ARG A 30 0.26 7.70 4.40
N SER A 31 1.19 7.79 5.33
CA SER A 31 2.48 8.45 5.08
C SER A 31 3.31 7.63 4.10
N LEU A 32 3.40 6.33 4.38
CA LEU A 32 4.25 5.41 3.63
C LEU A 32 3.84 5.35 2.17
N PHE A 33 2.58 5.01 1.95
CA PHE A 33 2.06 4.85 0.61
C PHE A 33 2.17 6.16 -0.18
N SER A 34 1.90 7.27 0.50
CA SER A 34 2.01 8.59 -0.10
C SER A 34 3.46 8.89 -0.50
N ARG A 35 4.39 8.48 0.36
CA ARG A 35 5.82 8.62 0.08
C ARG A 35 6.21 7.79 -1.14
N ALA A 36 5.63 6.61 -1.23
CA ALA A 36 5.96 5.67 -2.30
C ALA A 36 5.39 6.14 -3.63
N GLY A 37 4.42 7.05 -3.57
CA GLY A 37 3.82 7.58 -4.78
C GLY A 37 2.42 7.06 -5.02
N ILE A 38 2.00 6.14 -4.16
CA ILE A 38 0.67 5.56 -4.24
C ILE A 38 -0.38 6.57 -3.80
N SER A 39 -1.24 6.97 -4.72
CA SER A 39 -2.34 7.87 -4.39
C SER A 39 -3.57 7.05 -4.01
N GLU A 40 -4.66 7.73 -3.66
CA GLU A 40 -5.85 7.07 -3.12
C GLU A 40 -6.40 6.02 -4.08
N ALA A 41 -6.54 6.39 -5.35
CA ALA A 41 -7.07 5.45 -6.35
C ALA A 41 -6.09 4.33 -6.62
N GLN A 42 -4.81 4.65 -6.73
CA GLN A 42 -3.77 3.63 -6.89
C GLN A 42 -3.82 2.65 -5.73
N LEU A 43 -4.03 3.19 -4.55
CA LEU A 43 -4.09 2.40 -3.31
C LEU A 43 -5.40 1.62 -3.22
N THR A 44 -6.25 1.81 -4.20
CA THR A 44 -7.49 1.05 -4.30
C THR A 44 -7.57 0.39 -5.67
N ASP A 45 -6.40 0.17 -6.28
CA ASP A 45 -6.30 -0.59 -7.50
C ASP A 45 -6.19 -2.07 -7.20
N ALA A 46 -6.81 -2.92 -8.01
CA ALA A 46 -6.87 -4.35 -7.72
C ALA A 46 -5.47 -4.94 -7.52
N GLU A 47 -4.61 -4.81 -8.54
CA GLU A 47 -3.29 -5.42 -8.47
C GLU A 47 -2.37 -4.61 -7.56
N THR A 48 -2.44 -3.29 -7.66
CA THR A 48 -1.64 -2.42 -6.81
C THR A 48 -1.80 -2.76 -5.33
N SER A 49 -3.05 -2.74 -4.86
CA SER A 49 -3.33 -2.97 -3.45
C SER A 49 -2.95 -4.38 -3.02
N LYS A 50 -3.26 -5.35 -3.88
CA LYS A 50 -2.98 -6.74 -3.58
C LYS A 50 -1.47 -6.95 -3.41
N LEU A 51 -0.71 -6.21 -4.19
CA LEU A 51 0.74 -6.33 -4.18
C LEU A 51 1.37 -5.45 -3.11
N ILE A 52 0.74 -4.33 -2.77
CA ILE A 52 1.16 -3.57 -1.61
C ILE A 52 1.00 -4.40 -0.34
N TYR A 53 -0.16 -5.04 -0.18
CA TYR A 53 -0.39 -5.88 0.98
C TYR A 53 0.61 -7.03 0.98
N ASP A 54 0.81 -7.62 -0.19
CA ASP A 54 1.81 -8.68 -0.36
C ASP A 54 3.18 -8.17 0.09
N PHE A 55 3.49 -6.95 -0.31
CA PHE A 55 4.72 -6.28 0.10
C PHE A 55 4.81 -6.20 1.62
N ILE A 56 3.80 -5.63 2.24
CA ILE A 56 3.79 -5.40 3.68
C ILE A 56 3.93 -6.72 4.44
N GLU A 57 3.20 -7.73 3.99
CA GLU A 57 3.27 -9.05 4.58
C GLU A 57 4.67 -9.64 4.37
N ASP A 58 5.21 -9.41 3.17
CA ASP A 58 6.55 -9.86 2.81
C ASP A 58 7.61 -9.23 3.70
N GLN A 59 7.41 -7.95 4.03
CA GLN A 59 8.35 -7.21 4.86
C GLN A 59 8.38 -7.77 6.29
N GLY A 60 7.38 -8.54 6.65
CA GLY A 60 7.29 -9.06 8.00
C GLY A 60 6.04 -8.58 8.71
N GLY A 61 5.24 -7.78 8.01
CA GLY A 61 4.01 -7.31 8.57
C GLY A 61 3.90 -5.81 8.58
N LEU A 62 2.86 -5.30 9.23
CA LEU A 62 2.56 -3.88 9.24
C LEU A 62 3.59 -3.14 10.09
N GLU A 63 3.84 -3.69 11.26
CA GLU A 63 4.76 -3.08 12.22
C GLU A 63 6.15 -2.92 11.60
N ALA A 64 6.49 -3.85 10.72
CA ALA A 64 7.81 -3.90 10.11
C ALA A 64 8.10 -2.67 9.27
N VAL A 65 7.22 -2.35 8.32
CA VAL A 65 7.48 -1.25 7.40
C VAL A 65 7.41 0.08 8.16
N ARG A 66 6.54 0.13 9.16
CA ARG A 66 6.36 1.33 9.97
C ARG A 66 7.65 1.66 10.70
N GLN A 67 8.44 0.64 10.99
CA GLN A 67 9.71 0.82 11.67
C GLN A 67 10.80 1.21 10.68
N GLU A 68 10.72 0.72 9.44
CA GLU A 68 11.68 1.09 8.39
C GLU A 68 11.54 2.55 8.04
N MET A 69 10.32 3.08 8.20
CA MET A 69 10.06 4.51 7.99
C MET A 69 10.88 5.33 8.98
N ARG A 70 11.15 4.73 10.13
CA ARG A 70 11.91 5.36 11.19
C ARG A 70 13.31 4.78 11.20
N ARG A 71 13.64 4.09 10.11
CA ARG A 71 14.90 3.38 9.98
C ARG A 71 15.54 3.69 8.63
N GLN A 72 15.35 2.78 7.67
CA GLN A 72 15.89 2.88 6.32
C GLN A 72 15.66 1.57 5.59
N GLY B 1 18.75 0.41 -6.00
CA GLY B 1 18.94 1.01 -4.66
C GLY B 1 17.69 1.67 -4.16
N HIS B 2 17.84 2.67 -3.30
CA HIS B 2 16.72 3.41 -2.76
C HIS B 2 17.00 4.91 -2.88
N MET B 3 16.37 5.57 -3.85
CA MET B 3 16.55 7.00 -4.05
C MET B 3 15.88 7.77 -2.90
N LEU B 4 15.03 7.07 -2.19
CA LEU B 4 14.36 7.61 -1.02
C LEU B 4 14.85 6.84 0.20
N PRO B 5 14.96 7.50 1.36
CA PRO B 5 15.56 6.93 2.56
C PRO B 5 14.53 6.23 3.44
N ASP B 6 13.73 5.40 2.81
CA ASP B 6 12.54 4.88 3.44
C ASP B 6 12.05 3.64 2.72
N VAL B 7 11.28 2.83 3.43
CA VAL B 7 10.62 1.66 2.85
C VAL B 7 9.70 2.08 1.70
N ALA B 8 9.41 3.38 1.66
CA ALA B 8 8.74 4.01 0.53
C ALA B 8 9.32 3.55 -0.81
N GLN B 9 10.63 3.73 -0.99
CA GLN B 9 11.28 3.36 -2.24
C GLN B 9 11.31 1.85 -2.39
N ARG B 10 11.33 1.16 -1.26
CA ARG B 10 11.34 -0.28 -1.24
C ARG B 10 10.00 -0.82 -1.79
N LEU B 11 8.94 -0.07 -1.50
CA LEU B 11 7.62 -0.41 -1.99
C LEU B 11 7.47 -0.03 -3.46
N MET B 12 8.05 1.11 -3.85
CA MET B 12 8.02 1.57 -5.24
C MET B 12 8.44 0.47 -6.19
N GLN B 13 9.55 -0.17 -5.85
CA GLN B 13 10.12 -1.22 -6.68
C GLN B 13 9.18 -2.42 -6.77
N HIS B 14 8.55 -2.75 -5.64
CA HIS B 14 7.73 -3.95 -5.55
C HIS B 14 6.50 -3.87 -6.45
N LEU B 15 5.99 -2.67 -6.69
CA LEU B 15 4.88 -2.50 -7.62
C LEU B 15 5.39 -2.51 -9.06
N ALA B 16 6.59 -1.94 -9.25
CA ALA B 16 7.17 -1.80 -10.59
C ALA B 16 7.51 -3.15 -11.20
N GLU B 17 7.69 -4.16 -10.35
CA GLU B 17 8.01 -5.52 -10.81
C GLU B 17 6.88 -6.10 -11.66
N HIS B 18 5.65 -5.72 -11.36
CA HIS B 18 4.50 -6.38 -11.93
C HIS B 18 3.88 -5.58 -13.08
N GLY B 19 3.18 -4.50 -12.75
CA GLY B 19 2.57 -3.67 -13.78
C GLY B 19 1.52 -2.74 -13.22
N ILE B 20 1.72 -2.33 -11.98
CA ILE B 20 0.80 -1.47 -11.25
C ILE B 20 0.49 -0.18 -12.03
N GLN B 21 -0.76 0.27 -11.93
CA GLN B 21 -1.17 1.52 -12.56
C GLN B 21 -0.90 2.68 -11.60
N PRO B 22 0.20 3.43 -11.84
CA PRO B 22 0.69 4.43 -10.90
C PRO B 22 0.06 5.81 -11.08
N ALA B 23 0.03 6.57 -9.99
CA ALA B 23 -0.49 7.92 -9.99
C ALA B 23 0.59 8.92 -10.39
N ARG B 24 1.76 8.41 -10.73
CA ARG B 24 2.89 9.25 -11.09
C ARG B 24 2.65 9.89 -12.45
N ASN B 25 2.17 9.08 -13.38
CA ASN B 25 1.83 9.56 -14.72
C ASN B 25 0.31 9.69 -14.84
N MET B 26 -0.35 9.79 -13.69
CA MET B 26 -1.80 9.95 -13.62
C MET B 26 -2.53 8.83 -14.36
N ALA B 27 -2.05 7.60 -14.18
CA ALA B 27 -2.63 6.45 -14.84
C ALA B 27 -3.45 5.61 -13.86
N GLU B 28 -4.06 6.28 -12.89
CA GLU B 28 -4.91 5.62 -11.93
C GLU B 28 -6.16 5.08 -12.61
N HIS B 29 -6.44 3.80 -12.40
CA HIS B 29 -7.61 3.15 -12.97
C HIS B 29 -8.89 3.92 -12.65
N ILE B 30 -9.65 4.24 -13.68
CA ILE B 30 -10.93 4.92 -13.52
C ILE B 30 -12.04 4.11 -14.17
N PRO B 31 -12.91 3.51 -13.36
CA PRO B 31 -14.02 2.71 -13.87
C PRO B 31 -15.24 3.56 -14.21
N PRO B 32 -15.64 3.59 -15.49
CA PRO B 32 -16.82 4.32 -15.95
C PRO B 32 -18.11 3.60 -15.53
N ALA B 33 -19.23 4.30 -15.64
CA ALA B 33 -20.52 3.72 -15.28
C ALA B 33 -21.19 3.11 -16.49
N PRO B 34 -21.35 1.77 -16.50
CA PRO B 34 -22.00 1.06 -17.60
C PRO B 34 -23.47 1.39 -17.70
N ASN B 35 -23.81 2.29 -18.62
CA ASN B 35 -25.20 2.66 -18.84
C ASN B 35 -25.68 2.16 -20.20
N TRP B 36 -26.94 2.40 -20.50
CA TRP B 36 -27.53 2.01 -21.78
C TRP B 36 -27.40 3.17 -22.77
N GLY A 1 -6.63 -3.64 29.87
CA GLY A 1 -6.03 -4.98 30.00
C GLY A 1 -6.39 -5.87 28.83
N HIS A 2 -5.66 -5.71 27.73
CA HIS A 2 -5.89 -6.49 26.52
C HIS A 2 -4.56 -6.83 25.87
N MET A 3 -4.18 -8.09 25.97
CA MET A 3 -2.86 -8.53 25.54
C MET A 3 -2.87 -8.94 24.07
N SER A 4 -1.71 -8.77 23.42
CA SER A 4 -1.48 -9.17 22.03
C SER A 4 -2.22 -8.29 21.03
N GLY A 5 -3.55 -8.30 21.10
CA GLY A 5 -4.35 -7.53 20.18
C GLY A 5 -4.73 -8.33 18.95
N PHE A 6 -4.75 -7.68 17.79
CA PHE A 6 -5.10 -8.35 16.54
C PHE A 6 -3.97 -8.13 15.54
N LYS A 7 -2.78 -8.63 15.88
CA LYS A 7 -1.59 -8.36 15.10
C LYS A 7 -1.33 -9.43 14.05
N HIS A 8 -0.80 -8.99 12.90
CA HIS A 8 -0.36 -9.87 11.82
C HIS A 8 -1.40 -10.94 11.48
N VAL A 9 -2.45 -10.51 10.80
CA VAL A 9 -3.61 -11.34 10.45
C VAL A 9 -4.78 -10.40 10.17
N SER A 10 -4.59 -9.16 10.60
CA SER A 10 -5.59 -8.12 10.50
C SER A 10 -5.95 -7.82 9.05
N HIS A 11 -4.97 -8.02 8.15
CA HIS A 11 -5.07 -7.58 6.75
C HIS A 11 -5.03 -6.06 6.68
N VAL A 12 -4.81 -5.45 7.86
CA VAL A 12 -4.65 -4.00 8.09
C VAL A 12 -5.85 -3.15 7.65
N GLY A 13 -6.36 -3.38 6.47
CA GLY A 13 -7.47 -2.61 5.95
C GLY A 13 -7.53 -2.71 4.45
N TRP A 14 -7.24 -3.91 3.95
CA TRP A 14 -7.15 -4.15 2.52
C TRP A 14 -8.14 -5.22 2.08
N ASP A 15 -8.86 -4.94 1.01
CA ASP A 15 -9.74 -5.93 0.40
C ASP A 15 -9.15 -6.38 -0.93
N PRO A 16 -9.22 -7.68 -1.22
CA PRO A 16 -8.58 -8.31 -2.39
C PRO A 16 -8.74 -7.49 -3.68
N GLN A 17 -9.96 -7.12 -4.01
CA GLN A 17 -10.22 -6.38 -5.25
C GLN A 17 -10.47 -4.91 -4.99
N ASN A 18 -11.05 -4.58 -3.85
CA ASN A 18 -11.41 -3.20 -3.56
C ASN A 18 -10.21 -2.39 -3.08
N GLY A 19 -9.15 -3.09 -2.70
CA GLY A 19 -7.94 -2.43 -2.29
C GLY A 19 -7.98 -1.98 -0.85
N PHE A 20 -7.09 -1.08 -0.50
CA PHE A 20 -7.03 -0.54 0.85
C PHE A 20 -8.17 0.43 1.08
N ASP A 21 -8.75 0.39 2.26
CA ASP A 21 -9.77 1.35 2.62
C ASP A 21 -9.12 2.67 2.96
N VAL A 22 -9.07 3.57 1.98
CA VAL A 22 -8.47 4.88 2.16
C VAL A 22 -9.21 5.67 3.25
N ASN A 23 -10.42 5.25 3.56
CA ASN A 23 -11.21 5.86 4.63
C ASN A 23 -10.83 5.27 6.00
N ASN A 24 -10.08 4.17 5.99
CA ASN A 24 -9.70 3.49 7.21
C ASN A 24 -8.20 3.18 7.23
N LEU A 25 -7.44 3.99 6.51
CA LEU A 25 -6.01 3.75 6.38
C LEU A 25 -5.26 4.03 7.66
N ASP A 26 -4.34 3.12 7.99
CA ASP A 26 -3.41 3.29 9.09
C ASP A 26 -2.58 4.54 8.88
N PRO A 27 -2.50 5.40 9.92
CA PRO A 27 -1.81 6.69 9.87
C PRO A 27 -0.37 6.60 9.34
N ASP A 28 0.30 5.51 9.64
CA ASP A 28 1.68 5.31 9.20
C ASP A 28 1.69 4.87 7.74
N LEU A 29 0.83 3.92 7.39
CA LEU A 29 0.72 3.47 6.01
C LEU A 29 0.29 4.62 5.10
N ARG A 30 -0.64 5.43 5.58
CA ARG A 30 -1.12 6.59 4.84
C ARG A 30 0.03 7.55 4.56
N SER A 31 0.97 7.60 5.49
CA SER A 31 2.17 8.41 5.33
C SER A 31 3.12 7.74 4.34
N LEU A 32 3.29 6.45 4.50
CA LEU A 32 4.25 5.66 3.76
C LEU A 32 3.87 5.53 2.29
N PHE A 33 2.67 5.05 2.05
CA PHE A 33 2.17 4.83 0.69
C PHE A 33 2.28 6.09 -0.14
N SER A 34 2.04 7.22 0.49
CA SER A 34 2.14 8.51 -0.17
C SER A 34 3.57 8.75 -0.64
N ARG A 35 4.54 8.40 0.20
CA ARG A 35 5.95 8.51 -0.16
C ARG A 35 6.27 7.56 -1.31
N ALA A 36 5.60 6.42 -1.30
CA ALA A 36 5.86 5.35 -2.25
C ALA A 36 5.28 5.67 -3.62
N GLY A 37 4.55 6.79 -3.74
CA GLY A 37 3.96 7.17 -5.00
C GLY A 37 2.58 6.60 -5.16
N ILE A 38 2.18 5.80 -4.19
CA ILE A 38 0.85 5.23 -4.13
C ILE A 38 -0.17 6.31 -3.79
N SER A 39 -0.96 6.69 -4.78
CA SER A 39 -2.00 7.66 -4.55
C SER A 39 -3.31 6.95 -4.26
N GLU A 40 -4.38 7.70 -4.06
CA GLU A 40 -5.68 7.14 -3.67
C GLU A 40 -6.18 6.13 -4.71
N ALA A 41 -5.96 6.42 -5.98
CA ALA A 41 -6.35 5.51 -7.06
C ALA A 41 -5.64 4.16 -6.93
N GLN A 42 -4.34 4.19 -6.63
CA GLN A 42 -3.57 2.97 -6.48
C GLN A 42 -4.02 2.16 -5.27
N LEU A 43 -4.44 2.86 -4.22
CA LEU A 43 -4.90 2.19 -3.01
C LEU A 43 -6.30 1.65 -3.19
N THR A 44 -6.93 1.99 -4.30
CA THR A 44 -8.24 1.47 -4.62
C THR A 44 -8.17 0.64 -5.91
N ASP A 45 -6.94 0.30 -6.28
CA ASP A 45 -6.68 -0.52 -7.46
C ASP A 45 -6.66 -2.00 -7.09
N ALA A 46 -6.91 -2.86 -8.06
CA ALA A 46 -6.96 -4.30 -7.81
C ALA A 46 -5.57 -4.86 -7.53
N GLU A 47 -4.72 -4.87 -8.55
CA GLU A 47 -3.42 -5.53 -8.43
C GLU A 47 -2.46 -4.70 -7.60
N THR A 48 -2.54 -3.38 -7.72
CA THR A 48 -1.69 -2.49 -6.95
C THR A 48 -1.82 -2.75 -5.46
N SER A 49 -3.03 -2.58 -4.93
CA SER A 49 -3.29 -2.73 -3.50
C SER A 49 -2.89 -4.12 -3.02
N LYS A 50 -3.21 -5.14 -3.82
CA LYS A 50 -2.90 -6.51 -3.46
C LYS A 50 -1.39 -6.71 -3.30
N LEU A 51 -0.64 -6.09 -4.18
CA LEU A 51 0.81 -6.23 -4.17
C LEU A 51 1.46 -5.25 -3.19
N ILE A 52 0.74 -4.19 -2.84
CA ILE A 52 1.16 -3.35 -1.71
C ILE A 52 1.07 -4.15 -0.42
N TYR A 53 -0.04 -4.85 -0.23
CA TYR A 53 -0.19 -5.70 0.93
C TYR A 53 0.83 -6.82 0.89
N ASP A 54 1.05 -7.35 -0.30
CA ASP A 54 2.10 -8.34 -0.54
C ASP A 54 3.44 -7.80 -0.07
N PHE A 55 3.67 -6.53 -0.35
CA PHE A 55 4.87 -5.82 0.08
C PHE A 55 4.96 -5.79 1.61
N ILE A 56 3.89 -5.37 2.24
CA ILE A 56 3.86 -5.23 3.70
C ILE A 56 4.03 -6.58 4.38
N GLU A 57 3.36 -7.59 3.82
CA GLU A 57 3.47 -8.95 4.32
C GLU A 57 4.90 -9.45 4.16
N ASP A 58 5.53 -9.08 3.03
CA ASP A 58 6.91 -9.42 2.73
C ASP A 58 7.86 -8.90 3.80
N GLN A 59 7.60 -7.68 4.27
CA GLN A 59 8.48 -7.03 5.24
C GLN A 59 8.40 -7.71 6.60
N GLY A 60 7.38 -8.53 6.79
CA GLY A 60 7.18 -9.20 8.06
C GLY A 60 5.84 -8.83 8.68
N GLY A 61 5.15 -7.88 8.08
CA GLY A 61 3.84 -7.50 8.55
C GLY A 61 3.71 -5.99 8.74
N LEU A 62 2.71 -5.60 9.52
CA LEU A 62 2.34 -4.20 9.66
C LEU A 62 3.36 -3.45 10.53
N GLU A 63 3.77 -4.10 11.61
CA GLU A 63 4.70 -3.48 12.55
C GLU A 63 6.07 -3.26 11.90
N ALA A 64 6.37 -4.06 10.89
CA ALA A 64 7.66 -3.99 10.21
C ALA A 64 7.83 -2.66 9.48
N VAL A 65 6.79 -2.23 8.78
CA VAL A 65 6.85 -0.99 8.01
C VAL A 65 7.01 0.21 8.92
N ARG A 66 6.39 0.13 10.09
CA ARG A 66 6.52 1.18 11.10
C ARG A 66 7.97 1.30 11.59
N GLN A 67 8.69 0.18 11.55
CA GLN A 67 10.08 0.14 11.96
C GLN A 67 10.96 0.80 10.89
N GLU A 68 10.66 0.50 9.63
CA GLU A 68 11.46 1.00 8.51
C GLU A 68 11.47 2.53 8.48
N MET A 69 10.39 3.14 8.95
CA MET A 69 10.29 4.60 9.01
C MET A 69 11.38 5.19 9.90
N ARG A 70 11.84 4.41 10.87
CA ARG A 70 12.92 4.83 11.74
C ARG A 70 14.10 3.88 11.57
N ARG A 71 14.13 3.18 10.45
CA ARG A 71 15.20 2.26 10.15
C ARG A 71 15.69 2.49 8.72
N GLN A 72 15.10 1.77 7.77
CA GLN A 72 15.43 1.88 6.34
C GLN A 72 14.83 0.69 5.60
N GLY B 1 16.00 -6.33 -6.70
CA GLY B 1 16.30 -5.97 -5.30
C GLY B 1 15.38 -4.89 -4.79
N HIS B 2 15.54 -4.52 -3.53
CA HIS B 2 14.74 -3.45 -2.94
C HIS B 2 15.61 -2.56 -2.05
N MET B 3 16.80 -2.25 -2.55
CA MET B 3 17.75 -1.43 -1.81
C MET B 3 17.51 0.05 -2.08
N LEU B 4 16.62 0.64 -1.28
CA LEU B 4 16.30 2.07 -1.37
C LEU B 4 16.14 2.63 0.05
N PRO B 5 15.87 3.94 0.25
CA PRO B 5 16.03 4.58 1.57
C PRO B 5 15.10 4.01 2.64
N ASP B 6 13.92 3.61 2.22
CA ASP B 6 12.92 3.08 3.14
C ASP B 6 11.82 2.34 2.40
N VAL B 7 10.81 1.92 3.13
CA VAL B 7 9.63 1.24 2.58
C VAL B 7 9.04 1.99 1.38
N ALA B 8 9.06 3.32 1.42
CA ALA B 8 8.49 4.15 0.35
C ALA B 8 9.00 3.73 -1.02
N GLN B 9 10.29 3.89 -1.22
CA GLN B 9 10.90 3.60 -2.51
C GLN B 9 10.96 2.09 -2.75
N ARG B 10 10.97 1.33 -1.65
CA ARG B 10 10.96 -0.13 -1.73
C ARG B 10 9.63 -0.61 -2.31
N LEU B 11 8.58 0.14 -2.03
CA LEU B 11 7.25 -0.14 -2.55
C LEU B 11 7.17 0.18 -4.03
N MET B 12 7.77 1.30 -4.42
CA MET B 12 7.79 1.73 -5.82
C MET B 12 8.21 0.59 -6.72
N GLN B 13 9.36 0.01 -6.37
CA GLN B 13 9.91 -1.12 -7.12
C GLN B 13 8.95 -2.29 -7.15
N HIS B 14 8.31 -2.57 -6.00
CA HIS B 14 7.51 -3.77 -5.86
C HIS B 14 6.22 -3.69 -6.68
N LEU B 15 5.78 -2.47 -6.98
CA LEU B 15 4.65 -2.31 -7.88
C LEU B 15 5.12 -2.31 -9.33
N ALA B 16 6.22 -1.62 -9.59
CA ALA B 16 6.75 -1.50 -10.95
C ALA B 16 7.25 -2.84 -11.48
N GLU B 17 7.74 -3.70 -10.59
CA GLU B 17 8.26 -4.99 -10.99
C GLU B 17 7.16 -5.92 -11.51
N HIS B 18 5.92 -5.61 -11.17
CA HIS B 18 4.79 -6.47 -11.57
C HIS B 18 4.01 -5.88 -12.74
N GLY B 19 3.79 -4.57 -12.73
CA GLY B 19 3.04 -3.95 -13.81
C GLY B 19 1.88 -3.11 -13.31
N ILE B 20 1.92 -2.78 -12.03
CA ILE B 20 0.92 -1.94 -11.38
C ILE B 20 0.59 -0.69 -12.18
N GLN B 21 -0.69 -0.30 -12.14
CA GLN B 21 -1.12 0.92 -12.81
C GLN B 21 -0.84 2.12 -11.93
N PRO B 22 0.07 3.01 -12.36
CA PRO B 22 0.52 4.15 -11.56
C PRO B 22 -0.56 5.22 -11.42
N ALA B 23 -0.63 5.84 -10.25
CA ALA B 23 -1.58 6.92 -10.01
C ALA B 23 -0.88 8.27 -10.06
N ARG B 24 0.39 8.26 -10.43
CA ARG B 24 1.11 9.50 -10.71
C ARG B 24 0.37 10.24 -11.83
N ASN B 25 0.22 9.55 -12.94
CA ASN B 25 -0.63 10.00 -14.03
C ASN B 25 -1.69 8.94 -14.28
N MET B 26 -2.92 9.37 -14.49
CA MET B 26 -4.03 8.43 -14.69
C MET B 26 -3.99 7.84 -16.10
N ALA B 27 -3.01 6.97 -16.34
CA ALA B 27 -2.87 6.32 -17.64
C ALA B 27 -3.91 5.23 -17.81
N GLU B 28 -3.70 4.09 -17.17
CA GLU B 28 -4.65 3.00 -17.23
C GLU B 28 -5.25 2.75 -15.86
N HIS B 29 -6.57 2.76 -15.80
CA HIS B 29 -7.30 2.47 -14.56
C HIS B 29 -8.79 2.46 -14.90
N ILE B 30 -9.09 2.19 -16.17
CA ILE B 30 -10.43 2.32 -16.68
C ILE B 30 -10.85 1.09 -17.47
N PRO B 31 -12.12 0.69 -17.32
CA PRO B 31 -12.70 -0.37 -18.11
C PRO B 31 -13.31 0.18 -19.41
N PRO B 32 -13.02 -0.47 -20.55
CA PRO B 32 -13.55 -0.05 -21.86
C PRO B 32 -15.06 0.14 -21.83
N ALA B 33 -15.50 1.37 -22.05
CA ALA B 33 -16.92 1.71 -22.01
C ALA B 33 -17.64 1.24 -23.26
N PRO B 34 -18.61 0.32 -23.11
CA PRO B 34 -19.40 -0.21 -24.23
C PRO B 34 -20.20 0.90 -24.92
N ASN B 35 -20.11 0.96 -26.24
CA ASN B 35 -20.80 1.98 -27.01
C ASN B 35 -21.18 1.42 -28.38
N TRP B 36 -21.71 2.29 -29.23
CA TRP B 36 -22.18 1.87 -30.55
C TRP B 36 -21.08 2.06 -31.59
N GLY A 1 1.83 -12.46 30.29
CA GLY A 1 2.41 -13.09 29.08
C GLY A 1 2.08 -12.30 27.82
N HIS A 2 2.20 -12.95 26.68
CA HIS A 2 1.89 -12.30 25.40
C HIS A 2 1.67 -13.37 24.33
N MET A 3 0.57 -13.24 23.61
CA MET A 3 0.25 -14.19 22.54
C MET A 3 -0.11 -13.45 21.26
N SER A 4 -0.04 -12.14 21.30
CA SER A 4 -0.27 -11.32 20.12
C SER A 4 1.07 -11.03 19.43
N GLY A 5 1.71 -12.09 18.94
CA GLY A 5 3.04 -11.95 18.38
C GLY A 5 3.01 -11.59 16.90
N PHE A 6 2.02 -12.11 16.20
CA PHE A 6 1.89 -11.84 14.77
C PHE A 6 1.08 -10.58 14.54
N LYS A 7 1.75 -9.51 14.15
CA LYS A 7 1.08 -8.23 13.94
C LYS A 7 0.56 -8.12 12.51
N HIS A 8 -0.58 -8.75 12.28
CA HIS A 8 -1.22 -8.77 10.98
C HIS A 8 -2.55 -9.51 11.08
N VAL A 9 -3.46 -8.96 11.87
CA VAL A 9 -4.71 -9.65 12.19
C VAL A 9 -5.89 -8.70 11.96
N SER A 10 -5.61 -7.41 11.97
CA SER A 10 -6.61 -6.38 11.76
C SER A 10 -7.23 -6.48 10.35
N HIS A 11 -6.57 -7.26 9.49
CA HIS A 11 -6.88 -7.30 8.06
C HIS A 11 -6.47 -5.99 7.41
N VAL A 12 -5.89 -5.11 8.24
CA VAL A 12 -5.35 -3.82 7.81
C VAL A 12 -6.39 -2.97 7.05
N GLY A 13 -7.67 -3.31 7.22
CA GLY A 13 -8.72 -2.61 6.51
C GLY A 13 -8.63 -2.82 5.01
N TRP A 14 -7.97 -3.90 4.61
CA TRP A 14 -7.75 -4.20 3.20
C TRP A 14 -8.79 -5.21 2.70
N ASP A 15 -9.35 -4.92 1.54
CA ASP A 15 -10.32 -5.80 0.92
C ASP A 15 -9.77 -6.32 -0.42
N PRO A 16 -9.94 -7.62 -0.68
CA PRO A 16 -9.38 -8.35 -1.83
C PRO A 16 -9.13 -7.51 -3.10
N GLN A 17 -10.20 -7.11 -3.77
CA GLN A 17 -10.08 -6.41 -5.04
C GLN A 17 -10.34 -4.91 -4.86
N ASN A 18 -11.08 -4.56 -3.82
CA ASN A 18 -11.43 -3.17 -3.59
C ASN A 18 -10.23 -2.38 -3.07
N GLY A 19 -9.35 -3.07 -2.36
CA GLY A 19 -8.11 -2.47 -1.93
C GLY A 19 -8.13 -2.00 -0.49
N PHE A 20 -7.30 -1.00 -0.20
CA PHE A 20 -7.19 -0.44 1.13
C PHE A 20 -8.25 0.62 1.36
N ASP A 21 -8.77 0.68 2.58
CA ASP A 21 -9.68 1.75 2.95
C ASP A 21 -8.88 3.05 3.07
N VAL A 22 -8.70 3.72 1.95
CA VAL A 22 -7.88 4.94 1.90
C VAL A 22 -8.45 6.04 2.77
N ASN A 23 -9.75 5.98 3.01
CA ASN A 23 -10.43 6.98 3.84
C ASN A 23 -10.10 6.74 5.31
N ASN A 24 -9.98 5.48 5.69
CA ASN A 24 -9.68 5.10 7.06
C ASN A 24 -8.34 4.37 7.12
N LEU A 25 -7.37 4.89 6.38
CA LEU A 25 -6.05 4.30 6.32
C LEU A 25 -5.34 4.39 7.67
N ASP A 26 -4.63 3.33 8.02
CA ASP A 26 -3.79 3.34 9.21
C ASP A 26 -2.78 4.46 9.08
N PRO A 27 -2.66 5.29 10.14
CA PRO A 27 -1.83 6.50 10.15
C PRO A 27 -0.42 6.31 9.61
N ASP A 28 0.11 5.08 9.66
CA ASP A 28 1.43 4.80 9.15
C ASP A 28 1.38 4.52 7.66
N LEU A 29 0.49 3.62 7.26
CA LEU A 29 0.22 3.36 5.84
C LEU A 29 -0.13 4.65 5.10
N ARG A 30 -0.99 5.44 5.72
CA ARG A 30 -1.42 6.73 5.17
C ARG A 30 -0.21 7.65 4.94
N SER A 31 0.85 7.39 5.68
CA SER A 31 2.07 8.18 5.58
C SER A 31 3.01 7.57 4.55
N LEU A 32 3.16 6.26 4.61
CA LEU A 32 4.13 5.53 3.81
C LEU A 32 3.78 5.52 2.34
N PHE A 33 2.58 5.08 2.04
CA PHE A 33 2.15 4.90 0.66
C PHE A 33 2.28 6.19 -0.14
N SER A 34 2.01 7.31 0.51
CA SER A 34 2.15 8.62 -0.12
C SER A 34 3.62 8.87 -0.48
N ARG A 35 4.53 8.33 0.33
CA ARG A 35 5.96 8.45 0.07
C ARG A 35 6.39 7.53 -1.06
N ALA A 36 5.63 6.46 -1.23
CA ALA A 36 5.96 5.43 -2.21
C ALA A 36 5.45 5.81 -3.59
N GLY A 37 4.55 6.79 -3.65
CA GLY A 37 4.00 7.22 -4.93
C GLY A 37 2.56 6.79 -5.11
N ILE A 38 2.11 5.96 -4.20
CA ILE A 38 0.76 5.40 -4.26
C ILE A 38 -0.30 6.45 -3.90
N SER A 39 -1.17 6.73 -4.85
CA SER A 39 -2.29 7.62 -4.59
C SER A 39 -3.55 6.81 -4.23
N GLU A 40 -4.64 7.49 -3.92
CA GLU A 40 -5.88 6.84 -3.51
C GLU A 40 -6.29 5.75 -4.49
N ALA A 41 -6.37 6.14 -5.76
CA ALA A 41 -6.89 5.25 -6.82
C ALA A 41 -6.09 3.96 -6.90
N GLN A 42 -4.84 4.02 -6.50
CA GLN A 42 -3.94 2.89 -6.62
C GLN A 42 -4.12 1.94 -5.45
N LEU A 43 -4.50 2.50 -4.30
CA LEU A 43 -4.79 1.69 -3.14
C LEU A 43 -6.13 0.99 -3.33
N THR A 44 -6.93 1.50 -4.25
CA THR A 44 -8.21 0.89 -4.60
C THR A 44 -8.12 0.14 -5.93
N ASP A 45 -6.89 -0.04 -6.40
CA ASP A 45 -6.64 -0.81 -7.62
C ASP A 45 -6.39 -2.28 -7.27
N ALA A 46 -6.84 -3.20 -8.11
CA ALA A 46 -6.77 -4.63 -7.80
C ALA A 46 -5.35 -5.13 -7.56
N GLU A 47 -4.54 -5.17 -8.62
CA GLU A 47 -3.20 -5.75 -8.52
C GLU A 47 -2.29 -4.84 -7.71
N THR A 48 -2.50 -3.53 -7.86
CA THR A 48 -1.69 -2.55 -7.17
C THR A 48 -1.83 -2.71 -5.66
N SER A 49 -3.07 -2.76 -5.19
CA SER A 49 -3.32 -2.81 -3.75
C SER A 49 -2.86 -4.12 -3.15
N LYS A 50 -3.17 -5.23 -3.83
CA LYS A 50 -2.82 -6.55 -3.30
C LYS A 50 -1.32 -6.76 -3.26
N LEU A 51 -0.61 -6.15 -4.21
CA LEU A 51 0.85 -6.24 -4.22
C LEU A 51 1.47 -5.35 -3.17
N ILE A 52 0.80 -4.25 -2.82
CA ILE A 52 1.21 -3.44 -1.68
C ILE A 52 0.97 -4.19 -0.37
N TYR A 53 -0.21 -4.80 -0.28
CA TYR A 53 -0.57 -5.58 0.88
C TYR A 53 0.40 -6.76 1.05
N ASP A 54 0.74 -7.38 -0.07
CA ASP A 54 1.72 -8.47 -0.10
C ASP A 54 3.11 -7.93 0.23
N PHE A 55 3.33 -6.67 -0.12
CA PHE A 55 4.57 -5.96 0.16
C PHE A 55 4.79 -5.83 1.66
N ILE A 56 3.76 -5.41 2.36
CA ILE A 56 3.83 -5.24 3.80
C ILE A 56 4.09 -6.58 4.47
N GLU A 57 3.53 -7.63 3.89
CA GLU A 57 3.76 -8.99 4.34
C GLU A 57 5.20 -9.42 4.03
N ASP A 58 5.63 -9.15 2.79
CA ASP A 58 6.99 -9.43 2.33
C ASP A 58 8.04 -8.81 3.27
N GLN A 59 7.73 -7.63 3.81
CA GLN A 59 8.63 -6.94 4.72
C GLN A 59 8.64 -7.58 6.11
N GLY A 60 7.69 -8.47 6.35
CA GLY A 60 7.64 -9.16 7.63
C GLY A 60 6.35 -8.91 8.40
N GLY A 61 5.54 -8.00 7.91
CA GLY A 61 4.27 -7.73 8.56
C GLY A 61 4.04 -6.24 8.76
N LEU A 62 2.99 -5.91 9.52
CA LEU A 62 2.61 -4.51 9.69
C LEU A 62 3.68 -3.71 10.42
N GLU A 63 4.17 -4.25 11.53
CA GLU A 63 5.17 -3.56 12.33
C GLU A 63 6.44 -3.30 11.53
N ALA A 64 6.76 -4.18 10.60
CA ALA A 64 8.00 -4.10 9.84
C ALA A 64 8.07 -2.80 9.04
N VAL A 65 6.95 -2.44 8.42
CA VAL A 65 6.88 -1.21 7.63
C VAL A 65 6.92 -0.01 8.56
N ARG A 66 6.21 -0.12 9.68
CA ARG A 66 6.13 0.94 10.67
C ARG A 66 7.49 1.11 11.36
N GLN A 67 8.31 0.07 11.32
CA GLN A 67 9.66 0.13 11.83
C GLN A 67 10.55 0.93 10.89
N GLU A 68 10.41 0.69 9.59
CA GLU A 68 11.24 1.37 8.59
C GLU A 68 10.97 2.87 8.59
N MET A 69 9.80 3.26 9.08
CA MET A 69 9.49 4.66 9.31
C MET A 69 10.52 5.30 10.23
N ARG A 70 11.11 4.49 11.09
CA ARG A 70 12.10 4.95 12.05
C ARG A 70 13.46 4.31 11.76
N ARG A 71 13.44 3.31 10.90
CA ARG A 71 14.66 2.61 10.48
C ARG A 71 15.52 3.51 9.62
N GLN A 72 15.00 3.84 8.44
CA GLN A 72 15.72 4.65 7.46
C GLN A 72 16.97 3.90 6.99
N GLY B 1 19.34 2.89 -7.06
CA GLY B 1 19.04 1.95 -5.95
C GLY B 1 17.78 2.35 -5.22
N HIS B 2 17.94 2.95 -4.06
CA HIS B 2 16.82 3.46 -3.29
C HIS B 2 17.08 4.91 -2.94
N MET B 3 16.50 5.82 -3.71
CA MET B 3 16.62 7.25 -3.45
C MET B 3 16.00 7.58 -2.09
N LEU B 4 15.04 6.76 -1.72
CA LEU B 4 14.45 6.80 -0.38
C LEU B 4 14.89 5.55 0.36
N PRO B 5 15.31 5.70 1.63
CA PRO B 5 15.97 4.62 2.37
C PRO B 5 15.01 3.60 2.96
N ASP B 6 13.76 3.99 3.06
CA ASP B 6 12.77 3.19 3.75
C ASP B 6 11.83 2.47 2.80
N VAL B 7 10.77 1.94 3.36
CA VAL B 7 9.73 1.23 2.60
C VAL B 7 9.25 2.00 1.37
N ALA B 8 9.31 3.32 1.42
CA ALA B 8 8.84 4.16 0.32
C ALA B 8 9.42 3.74 -1.03
N GLN B 9 10.74 3.82 -1.17
CA GLN B 9 11.40 3.46 -2.42
C GLN B 9 11.37 1.94 -2.61
N ARG B 10 11.29 1.22 -1.50
CA ARG B 10 11.23 -0.22 -1.52
C ARG B 10 9.90 -0.68 -2.15
N LEU B 11 8.90 0.18 -2.03
CA LEU B 11 7.57 -0.10 -2.58
C LEU B 11 7.54 0.21 -4.06
N MET B 12 8.17 1.33 -4.43
CA MET B 12 8.20 1.78 -5.83
C MET B 12 8.67 0.66 -6.75
N GLN B 13 9.85 0.12 -6.43
CA GLN B 13 10.45 -0.94 -7.21
C GLN B 13 9.58 -2.20 -7.21
N HIS B 14 8.87 -2.42 -6.11
CA HIS B 14 8.10 -3.64 -5.95
C HIS B 14 6.80 -3.59 -6.76
N LEU B 15 6.39 -2.41 -7.16
CA LEU B 15 5.23 -2.29 -8.02
C LEU B 15 5.66 -2.23 -9.49
N ALA B 16 6.78 -1.58 -9.71
CA ALA B 16 7.33 -1.43 -11.06
C ALA B 16 7.79 -2.78 -11.62
N GLU B 17 8.08 -3.72 -10.72
CA GLU B 17 8.56 -5.04 -11.13
C GLU B 17 7.44 -5.90 -11.72
N HIS B 18 6.20 -5.44 -11.63
CA HIS B 18 5.07 -6.22 -12.14
C HIS B 18 4.33 -5.48 -13.25
N GLY B 19 3.53 -4.48 -12.89
CA GLY B 19 2.79 -3.73 -13.89
C GLY B 19 1.66 -2.93 -13.28
N ILE B 20 1.90 -2.41 -12.09
CA ILE B 20 0.92 -1.64 -11.33
C ILE B 20 0.37 -0.46 -12.13
N GLN B 21 -0.93 -0.23 -11.96
CA GLN B 21 -1.62 0.86 -12.63
C GLN B 21 -1.50 2.13 -11.80
N PRO B 22 -1.10 3.24 -12.44
CA PRO B 22 -1.07 4.56 -11.80
C PRO B 22 -2.46 5.03 -11.42
N ALA B 23 -2.53 6.12 -10.66
CA ALA B 23 -3.81 6.65 -10.20
C ALA B 23 -4.55 7.36 -11.32
N ARG B 24 -4.96 6.57 -12.32
CA ARG B 24 -5.60 7.11 -13.50
C ARG B 24 -7.10 6.80 -13.53
N ASN B 25 -7.60 6.13 -12.50
CA ASN B 25 -9.03 5.80 -12.44
C ASN B 25 -9.80 6.85 -11.63
N MET B 26 -9.72 6.78 -10.30
CA MET B 26 -10.42 7.74 -9.43
C MET B 26 -11.92 7.76 -9.71
N ALA B 27 -12.47 6.63 -10.14
CA ALA B 27 -13.88 6.56 -10.50
C ALA B 27 -14.76 6.75 -9.27
N GLU B 28 -14.53 5.91 -8.27
CA GLU B 28 -15.30 5.95 -7.04
C GLU B 28 -14.60 6.82 -6.01
N HIS B 29 -13.97 7.88 -6.48
CA HIS B 29 -13.23 8.79 -5.62
C HIS B 29 -13.71 10.22 -5.85
N ILE B 30 -13.55 11.05 -4.84
CA ILE B 30 -13.85 12.47 -4.96
C ILE B 30 -12.70 13.27 -4.33
N PRO B 31 -11.63 13.49 -5.11
CA PRO B 31 -10.45 14.22 -4.65
C PRO B 31 -10.67 15.72 -4.60
N PRO B 32 -9.94 16.42 -3.71
CA PRO B 32 -10.04 17.88 -3.57
C PRO B 32 -9.66 18.60 -4.86
N ALA B 33 -10.63 19.30 -5.44
CA ALA B 33 -10.42 20.01 -6.69
C ALA B 33 -9.90 21.42 -6.42
N PRO B 34 -8.96 21.89 -7.25
CA PRO B 34 -8.39 23.25 -7.15
C PRO B 34 -9.40 24.33 -7.56
N ASN B 35 -10.61 24.23 -7.00
CA ASN B 35 -11.65 25.22 -7.23
C ASN B 35 -11.66 26.22 -6.07
N TRP B 36 -11.17 25.75 -4.93
CA TRP B 36 -11.08 26.56 -3.73
C TRP B 36 -9.66 27.07 -3.55
N GLY A 1 2.23 -10.14 24.87
CA GLY A 1 2.68 -8.73 24.81
C GLY A 1 4.18 -8.62 24.71
N HIS A 2 4.74 -7.52 25.24
CA HIS A 2 6.18 -7.26 25.23
C HIS A 2 6.70 -6.91 23.83
N MET A 3 6.41 -7.77 22.86
CA MET A 3 6.88 -7.58 21.50
C MET A 3 5.71 -7.40 20.53
N SER A 4 6.02 -6.97 19.32
CA SER A 4 5.02 -6.82 18.27
C SER A 4 5.49 -7.55 17.01
N GLY A 5 5.36 -8.86 17.00
CA GLY A 5 5.79 -9.65 15.86
C GLY A 5 4.66 -9.89 14.87
N PHE A 6 3.88 -10.94 15.12
CA PHE A 6 2.76 -11.28 14.25
C PHE A 6 1.56 -10.38 14.54
N LYS A 7 1.67 -9.13 14.13
CA LYS A 7 0.60 -8.16 14.29
C LYS A 7 -0.19 -8.04 13.00
N HIS A 8 -0.42 -9.16 12.35
CA HIS A 8 -1.12 -9.18 11.07
C HIS A 8 -2.41 -9.97 11.19
N VAL A 9 -3.37 -9.43 11.93
CA VAL A 9 -4.62 -10.09 12.19
C VAL A 9 -5.80 -9.17 11.97
N SER A 10 -5.55 -7.86 12.09
CA SER A 10 -6.59 -6.85 11.93
C SER A 10 -7.03 -6.74 10.47
N HIS A 11 -6.38 -7.52 9.60
CA HIS A 11 -6.60 -7.45 8.15
C HIS A 11 -6.03 -6.16 7.59
N VAL A 12 -5.58 -5.29 8.50
CA VAL A 12 -5.03 -3.96 8.22
C VAL A 12 -6.04 -3.00 7.54
N GLY A 13 -6.85 -3.50 6.64
CA GLY A 13 -7.82 -2.67 5.96
C GLY A 13 -7.75 -2.80 4.45
N TRP A 14 -7.40 -4.00 3.99
CA TRP A 14 -7.31 -4.28 2.57
C TRP A 14 -8.34 -5.32 2.16
N ASP A 15 -9.05 -5.04 1.08
CA ASP A 15 -10.02 -5.99 0.54
C ASP A 15 -9.54 -6.44 -0.84
N PRO A 16 -9.69 -7.75 -1.17
CA PRO A 16 -9.18 -8.37 -2.40
C PRO A 16 -9.16 -7.46 -3.62
N GLN A 17 -10.32 -7.00 -4.06
CA GLN A 17 -10.41 -6.17 -5.25
C GLN A 17 -10.64 -4.70 -4.90
N ASN A 18 -11.31 -4.46 -3.78
CA ASN A 18 -11.61 -3.10 -3.34
C ASN A 18 -10.32 -2.37 -2.97
N GLY A 19 -9.37 -3.10 -2.42
CA GLY A 19 -8.09 -2.53 -2.05
C GLY A 19 -8.07 -2.02 -0.63
N PHE A 20 -7.07 -1.22 -0.31
CA PHE A 20 -6.98 -0.56 0.97
C PHE A 20 -8.00 0.57 1.02
N ASP A 21 -8.89 0.52 1.99
CA ASP A 21 -9.93 1.54 2.07
C ASP A 21 -9.32 2.84 2.58
N VAL A 22 -9.43 3.88 1.75
CA VAL A 22 -8.76 5.15 2.01
C VAL A 22 -9.42 5.94 3.14
N ASN A 23 -10.61 5.54 3.55
CA ASN A 23 -11.32 6.26 4.60
C ASN A 23 -10.75 5.90 5.97
N ASN A 24 -10.27 4.67 6.09
CA ASN A 24 -9.75 4.17 7.35
C ASN A 24 -8.29 3.76 7.21
N LEU A 25 -7.57 4.42 6.32
CA LEU A 25 -6.15 4.19 6.14
C LEU A 25 -5.39 4.63 7.39
N ASP A 26 -4.74 3.67 8.04
CA ASP A 26 -3.89 3.97 9.19
C ASP A 26 -2.86 5.02 8.82
N PRO A 27 -2.68 6.02 9.70
CA PRO A 27 -1.77 7.16 9.49
C PRO A 27 -0.37 6.76 9.04
N ASP A 28 0.09 5.58 9.43
CA ASP A 28 1.41 5.10 9.01
C ASP A 28 1.34 4.64 7.56
N LEU A 29 0.30 3.89 7.24
CA LEU A 29 0.08 3.44 5.87
C LEU A 29 -0.13 4.63 4.95
N ARG A 30 -0.99 5.54 5.38
CA ARG A 30 -1.28 6.76 4.64
C ARG A 30 0.02 7.53 4.37
N SER A 31 0.88 7.57 5.38
CA SER A 31 2.17 8.22 5.27
C SER A 31 3.02 7.54 4.20
N LEU A 32 3.20 6.22 4.36
CA LEU A 32 4.09 5.46 3.50
C LEU A 32 3.67 5.48 2.04
N PHE A 33 2.40 5.20 1.80
CA PHE A 33 1.91 4.99 0.45
C PHE A 33 2.03 6.25 -0.38
N SER A 34 1.57 7.37 0.16
CA SER A 34 1.67 8.64 -0.53
C SER A 34 3.13 9.09 -0.65
N ARG A 35 3.96 8.57 0.24
CA ARG A 35 5.39 8.79 0.21
C ARG A 35 6.06 7.86 -0.81
N ALA A 36 5.30 6.86 -1.21
CA ALA A 36 5.74 5.86 -2.18
C ALA A 36 5.04 6.06 -3.52
N GLY A 37 4.49 7.25 -3.72
CA GLY A 37 3.87 7.58 -5.00
C GLY A 37 2.44 7.06 -5.14
N ILE A 38 2.09 6.10 -4.30
CA ILE A 38 0.77 5.52 -4.31
C ILE A 38 -0.29 6.54 -3.92
N SER A 39 -1.04 7.00 -4.91
CA SER A 39 -2.15 7.90 -4.66
C SER A 39 -3.35 7.10 -4.14
N GLU A 40 -4.37 7.79 -3.67
CA GLU A 40 -5.55 7.11 -3.11
C GLU A 40 -6.12 6.08 -4.07
N ALA A 41 -6.23 6.47 -5.34
CA ALA A 41 -6.82 5.61 -6.37
C ALA A 41 -6.06 4.29 -6.48
N GLN A 42 -4.80 4.31 -6.08
CA GLN A 42 -3.93 3.14 -6.20
C GLN A 42 -4.15 2.19 -5.03
N LEU A 43 -4.50 2.73 -3.87
CA LEU A 43 -4.89 1.88 -2.76
C LEU A 43 -6.19 1.16 -3.09
N THR A 44 -7.00 1.79 -3.92
CA THR A 44 -8.26 1.20 -4.35
C THR A 44 -8.10 0.52 -5.71
N ASP A 45 -6.86 0.37 -6.15
CA ASP A 45 -6.57 -0.31 -7.40
C ASP A 45 -6.32 -1.79 -7.13
N ALA A 46 -6.86 -2.66 -7.98
CA ALA A 46 -6.84 -4.10 -7.74
C ALA A 46 -5.43 -4.63 -7.53
N GLU A 47 -4.63 -4.63 -8.60
CA GLU A 47 -3.29 -5.19 -8.55
C GLU A 47 -2.37 -4.33 -7.69
N THR A 48 -2.50 -3.02 -7.79
CA THR A 48 -1.63 -2.12 -7.05
C THR A 48 -1.70 -2.38 -5.53
N SER A 49 -2.91 -2.40 -4.98
CA SER A 49 -3.07 -2.56 -3.55
C SER A 49 -2.61 -3.95 -3.09
N LYS A 50 -2.89 -4.95 -3.90
CA LYS A 50 -2.58 -6.33 -3.55
C LYS A 50 -1.07 -6.53 -3.40
N LEU A 51 -0.29 -5.91 -4.27
CA LEU A 51 1.17 -6.04 -4.17
C LEU A 51 1.72 -5.23 -3.02
N ILE A 52 1.06 -4.13 -2.67
CA ILE A 52 1.44 -3.39 -1.46
C ILE A 52 1.22 -4.26 -0.23
N TYR A 53 0.07 -4.94 -0.19
CA TYR A 53 -0.26 -5.84 0.92
C TYR A 53 0.77 -6.97 0.98
N ASP A 54 1.11 -7.50 -0.18
CA ASP A 54 2.16 -8.52 -0.30
C ASP A 54 3.51 -7.96 0.14
N PHE A 55 3.77 -6.72 -0.25
CA PHE A 55 4.99 -6.01 0.12
C PHE A 55 5.16 -5.95 1.63
N ILE A 56 4.13 -5.49 2.31
CA ILE A 56 4.16 -5.33 3.75
C ILE A 56 4.40 -6.68 4.44
N GLU A 57 3.78 -7.73 3.90
CA GLU A 57 3.97 -9.08 4.42
C GLU A 57 5.41 -9.55 4.19
N ASP A 58 5.92 -9.26 2.99
CA ASP A 58 7.27 -9.68 2.59
C ASP A 58 8.34 -9.16 3.53
N GLN A 59 8.11 -8.01 4.11
CA GLN A 59 9.09 -7.38 4.98
C GLN A 59 9.02 -7.95 6.40
N GLY A 60 8.09 -8.86 6.63
CA GLY A 60 7.95 -9.46 7.93
C GLY A 60 6.60 -9.21 8.56
N GLY A 61 5.88 -8.22 8.04
CA GLY A 61 4.55 -7.94 8.54
C GLY A 61 4.20 -6.47 8.55
N LEU A 62 3.01 -6.17 9.05
CA LEU A 62 2.47 -4.81 9.04
C LEU A 62 3.36 -3.86 9.84
N GLU A 63 3.92 -4.35 10.93
CA GLU A 63 4.73 -3.53 11.80
C GLU A 63 6.12 -3.29 11.22
N ALA A 64 6.51 -4.12 10.27
CA ALA A 64 7.87 -4.08 9.72
C ALA A 64 8.15 -2.76 9.02
N VAL A 65 7.35 -2.45 8.00
CA VAL A 65 7.56 -1.23 7.21
C VAL A 65 7.12 -0.02 8.01
N ARG A 66 6.26 -0.29 8.97
CA ARG A 66 5.74 0.71 9.90
C ARG A 66 6.87 1.20 10.80
N GLN A 67 7.83 0.31 11.04
CA GLN A 67 8.99 0.61 11.86
C GLN A 67 10.10 1.22 11.04
N GLU A 68 10.16 0.87 9.74
CA GLU A 68 11.23 1.33 8.87
C GLU A 68 11.23 2.85 8.74
N MET A 69 10.10 3.46 9.07
CA MET A 69 10.00 4.91 9.09
C MET A 69 10.96 5.50 10.12
N ARG A 70 11.18 4.76 11.19
CA ARG A 70 12.06 5.17 12.26
C ARG A 70 13.28 4.26 12.31
N ARG A 71 13.36 3.38 11.33
CA ARG A 71 14.43 2.39 11.25
C ARG A 71 15.53 2.92 10.34
N GLN A 72 15.15 3.20 9.11
CA GLN A 72 16.04 3.85 8.17
C GLN A 72 15.96 5.36 8.36
N GLY B 1 14.37 8.20 -10.31
CA GLY B 1 14.14 6.80 -9.89
C GLY B 1 13.57 6.71 -8.50
N HIS B 2 13.39 5.49 -8.01
CA HIS B 2 12.85 5.27 -6.68
C HIS B 2 13.98 5.25 -5.64
N MET B 3 14.28 6.43 -5.09
CA MET B 3 15.37 6.57 -4.15
C MET B 3 14.89 7.23 -2.85
N LEU B 4 14.24 6.45 -2.02
CA LEU B 4 13.78 6.92 -0.72
C LEU B 4 14.76 6.48 0.36
N PRO B 5 14.89 7.27 1.42
CA PRO B 5 15.76 6.95 2.55
C PRO B 5 15.10 5.98 3.52
N ASP B 6 14.03 5.34 3.05
CA ASP B 6 13.23 4.46 3.88
C ASP B 6 12.55 3.38 3.05
N VAL B 7 11.60 2.69 3.67
CA VAL B 7 10.90 1.58 3.04
C VAL B 7 10.16 1.98 1.75
N ALA B 8 9.76 3.25 1.66
CA ALA B 8 8.94 3.73 0.53
C ALA B 8 9.53 3.38 -0.84
N GLN B 9 10.85 3.43 -0.97
CA GLN B 9 11.48 3.16 -2.26
C GLN B 9 11.34 1.69 -2.64
N ARG B 10 11.40 0.83 -1.63
CA ARG B 10 11.35 -0.61 -1.85
C ARG B 10 9.96 -1.02 -2.31
N LEU B 11 9.01 -0.13 -2.09
CA LEU B 11 7.62 -0.40 -2.40
C LEU B 11 7.33 -0.11 -3.86
N MET B 12 7.82 1.02 -4.37
CA MET B 12 7.62 1.38 -5.77
C MET B 12 8.22 0.32 -6.69
N GLN B 13 9.35 -0.22 -6.28
CA GLN B 13 10.03 -1.25 -7.04
C GLN B 13 9.26 -2.57 -6.93
N HIS B 14 8.74 -2.84 -5.75
CA HIS B 14 7.97 -4.06 -5.50
C HIS B 14 6.70 -4.07 -6.35
N LEU B 15 6.19 -2.89 -6.65
CA LEU B 15 4.99 -2.75 -7.47
C LEU B 15 5.33 -2.75 -8.95
N ALA B 16 6.34 -1.96 -9.30
CA ALA B 16 6.78 -1.82 -10.68
C ALA B 16 7.03 -3.17 -11.35
N GLU B 17 7.61 -4.11 -10.59
CA GLU B 17 7.90 -5.44 -11.12
C GLU B 17 6.63 -6.17 -11.56
N HIS B 18 5.50 -5.86 -10.94
CA HIS B 18 4.27 -6.61 -11.17
C HIS B 18 3.30 -5.87 -12.10
N GLY B 19 3.71 -4.71 -12.58
CA GLY B 19 2.89 -3.99 -13.55
C GLY B 19 1.80 -3.15 -12.92
N ILE B 20 2.05 -2.67 -11.71
CA ILE B 20 1.14 -1.76 -11.03
C ILE B 20 0.92 -0.48 -11.83
N GLN B 21 -0.30 0.02 -11.82
CA GLN B 21 -0.64 1.24 -12.54
C GLN B 21 -0.52 2.45 -11.62
N PRO B 22 0.46 3.34 -11.87
CA PRO B 22 0.66 4.54 -11.06
C PRO B 22 -0.39 5.61 -11.31
N ALA B 23 -0.78 6.32 -10.26
CA ALA B 23 -1.78 7.37 -10.38
C ALA B 23 -1.13 8.75 -10.28
N ARG B 24 0.18 8.73 -10.02
CA ARG B 24 0.97 9.96 -9.85
C ARG B 24 0.49 10.77 -8.65
N ASN B 25 -0.55 11.57 -8.86
CA ASN B 25 -1.12 12.39 -7.80
C ASN B 25 -2.61 12.61 -8.06
N MET B 26 -3.21 11.71 -8.82
CA MET B 26 -4.64 11.78 -9.10
C MET B 26 -5.41 11.16 -7.94
N ALA B 27 -6.16 12.00 -7.23
CA ALA B 27 -6.92 11.56 -6.07
C ALA B 27 -8.38 11.29 -6.44
N GLU B 28 -9.18 11.02 -5.41
CA GLU B 28 -10.59 10.68 -5.55
C GLU B 28 -10.78 9.30 -6.17
N HIS B 29 -12.01 8.79 -6.08
CA HIS B 29 -12.33 7.45 -6.57
C HIS B 29 -13.65 7.51 -7.33
N ILE B 30 -13.86 8.63 -8.00
CA ILE B 30 -15.13 8.94 -8.65
C ILE B 30 -15.34 8.10 -9.89
N PRO B 31 -16.40 7.27 -9.91
CA PRO B 31 -16.85 6.58 -11.10
C PRO B 31 -17.87 7.42 -11.85
N PRO B 32 -17.56 7.84 -13.08
CA PRO B 32 -18.40 8.75 -13.84
C PRO B 32 -19.40 8.03 -14.74
N ALA B 33 -20.63 8.52 -14.73
CA ALA B 33 -21.66 8.03 -15.63
C ALA B 33 -21.57 8.78 -16.96
N PRO B 34 -21.34 8.06 -18.07
CA PRO B 34 -21.09 8.65 -19.38
C PRO B 34 -22.34 9.22 -20.06
N ASN B 35 -23.07 10.07 -19.33
CA ASN B 35 -24.26 10.76 -19.87
C ASN B 35 -25.34 9.77 -20.31
N TRP B 36 -26.29 9.52 -19.43
CA TRP B 36 -27.40 8.62 -19.74
C TRP B 36 -28.53 9.37 -20.44
N GLY A 1 -12.31 -3.13 20.21
CA GLY A 1 -12.32 -4.59 19.93
C GLY A 1 -10.92 -5.16 19.91
N HIS A 2 -10.81 -6.46 20.11
CA HIS A 2 -9.50 -7.10 20.15
C HIS A 2 -9.45 -8.32 19.23
N MET A 3 -8.51 -8.32 18.33
CA MET A 3 -8.22 -9.47 17.49
C MET A 3 -6.72 -9.68 17.44
N SER A 4 -6.20 -10.29 18.49
CA SER A 4 -4.77 -10.47 18.64
C SER A 4 -4.20 -11.49 17.67
N GLY A 5 -3.90 -11.04 16.47
CA GLY A 5 -3.20 -11.87 15.50
C GLY A 5 -1.73 -11.50 15.47
N PHE A 6 -1.12 -11.66 14.30
CA PHE A 6 0.28 -11.32 14.15
C PHE A 6 0.45 -10.10 13.24
N LYS A 7 1.67 -9.83 12.79
CA LYS A 7 1.96 -8.60 12.05
C LYS A 7 1.23 -8.50 10.71
N HIS A 8 0.76 -9.64 10.18
CA HIS A 8 0.00 -9.63 8.94
C HIS A 8 -1.14 -10.64 9.03
N VAL A 9 -2.07 -10.60 8.05
CA VAL A 9 -3.24 -11.49 8.03
C VAL A 9 -4.32 -10.91 8.93
N SER A 10 -3.87 -10.34 10.05
CA SER A 10 -4.69 -9.45 10.83
C SER A 10 -5.30 -8.43 9.88
N HIS A 11 -6.62 -8.31 9.90
CA HIS A 11 -7.33 -7.52 8.90
C HIS A 11 -6.90 -6.06 8.90
N VAL A 12 -5.89 -5.78 8.07
CA VAL A 12 -5.38 -4.42 7.86
C VAL A 12 -6.49 -3.45 7.47
N GLY A 13 -7.46 -3.96 6.73
CA GLY A 13 -8.47 -3.13 6.13
C GLY A 13 -8.30 -3.12 4.62
N TRP A 14 -7.93 -4.26 4.08
CA TRP A 14 -7.66 -4.39 2.66
C TRP A 14 -8.47 -5.53 2.07
N ASP A 15 -9.16 -5.25 0.98
CA ASP A 15 -9.89 -6.27 0.25
C ASP A 15 -9.18 -6.57 -1.07
N PRO A 16 -8.92 -7.85 -1.34
CA PRO A 16 -8.13 -8.31 -2.50
C PRO A 16 -8.65 -7.77 -3.85
N GLN A 17 -9.92 -7.45 -3.91
CA GLN A 17 -10.53 -6.92 -5.13
C GLN A 17 -10.75 -5.41 -5.03
N ASN A 18 -11.14 -4.95 -3.86
CA ASN A 18 -11.54 -3.56 -3.67
C ASN A 18 -10.35 -2.66 -3.38
N GLY A 19 -9.39 -3.18 -2.65
CA GLY A 19 -8.23 -2.39 -2.27
C GLY A 19 -8.22 -2.05 -0.80
N PHE A 20 -7.37 -1.11 -0.43
CA PHE A 20 -7.27 -0.65 0.95
C PHE A 20 -8.45 0.22 1.30
N ASP A 21 -8.87 0.16 2.56
CA ASP A 21 -9.92 1.03 3.06
C ASP A 21 -9.33 2.41 3.30
N VAL A 22 -9.48 3.28 2.31
CA VAL A 22 -8.79 4.57 2.32
C VAL A 22 -9.33 5.50 3.43
N ASN A 23 -10.55 5.26 3.87
CA ASN A 23 -11.13 6.07 4.94
C ASN A 23 -10.83 5.45 6.31
N ASN A 24 -10.23 4.26 6.31
CA ASN A 24 -9.74 3.64 7.54
C ASN A 24 -8.24 3.37 7.43
N LEU A 25 -7.58 4.16 6.60
CA LEU A 25 -6.14 4.01 6.39
C LEU A 25 -5.36 4.36 7.64
N ASP A 26 -4.58 3.40 8.12
CA ASP A 26 -3.66 3.62 9.22
C ASP A 26 -2.71 4.76 8.88
N PRO A 27 -2.60 5.76 9.78
CA PRO A 27 -1.80 6.98 9.57
C PRO A 27 -0.36 6.70 9.15
N ASP A 28 0.20 5.59 9.59
CA ASP A 28 1.56 5.22 9.22
C ASP A 28 1.58 4.77 7.76
N LEU A 29 0.58 3.98 7.38
CA LEU A 29 0.43 3.58 5.99
C LEU A 29 0.17 4.80 5.13
N ARG A 30 -0.64 5.72 5.66
CA ARG A 30 -0.91 7.00 5.02
C ARG A 30 0.41 7.70 4.67
N SER A 31 1.29 7.78 5.66
CA SER A 31 2.60 8.38 5.51
C SER A 31 3.40 7.69 4.41
N LEU A 32 3.44 6.37 4.47
CA LEU A 32 4.26 5.57 3.57
C LEU A 32 3.79 5.67 2.14
N PHE A 33 2.51 5.42 1.92
CA PHE A 33 1.97 5.29 0.56
C PHE A 33 2.11 6.61 -0.21
N SER A 34 1.83 7.72 0.46
CA SER A 34 1.97 9.03 -0.15
C SER A 34 3.43 9.28 -0.55
N ARG A 35 4.34 8.80 0.29
CA ARG A 35 5.76 8.88 -0.01
C ARG A 35 6.14 7.97 -1.16
N ALA A 36 5.48 6.81 -1.21
CA ALA A 36 5.75 5.79 -2.20
C ALA A 36 5.12 6.12 -3.55
N GLY A 37 4.43 7.27 -3.63
CA GLY A 37 3.84 7.71 -4.87
C GLY A 37 2.43 7.18 -5.05
N ILE A 38 2.07 6.25 -4.18
CA ILE A 38 0.76 5.63 -4.20
C ILE A 38 -0.32 6.65 -3.86
N SER A 39 -1.24 6.84 -4.79
CA SER A 39 -2.35 7.75 -4.56
C SER A 39 -3.60 6.98 -4.16
N GLU A 40 -4.67 7.69 -3.82
CA GLU A 40 -5.94 7.08 -3.44
C GLU A 40 -6.36 6.01 -4.46
N ALA A 41 -6.19 6.33 -5.73
CA ALA A 41 -6.55 5.44 -6.81
C ALA A 41 -5.84 4.10 -6.69
N GLN A 42 -4.52 4.15 -6.57
CA GLN A 42 -3.70 2.94 -6.47
C GLN A 42 -4.09 2.10 -5.26
N LEU A 43 -4.44 2.76 -4.17
CA LEU A 43 -4.85 2.05 -2.97
C LEU A 43 -6.19 1.36 -3.18
N THR A 44 -6.94 1.83 -4.17
CA THR A 44 -8.21 1.22 -4.51
C THR A 44 -8.11 0.52 -5.86
N ASP A 45 -6.87 0.25 -6.28
CA ASP A 45 -6.62 -0.51 -7.50
C ASP A 45 -6.38 -1.96 -7.16
N ALA A 46 -6.94 -2.85 -7.96
CA ALA A 46 -6.91 -4.27 -7.67
C ALA A 46 -5.48 -4.78 -7.55
N GLU A 47 -4.75 -4.74 -8.66
CA GLU A 47 -3.40 -5.28 -8.70
C GLU A 47 -2.47 -4.47 -7.80
N THR A 48 -2.62 -3.15 -7.82
CA THR A 48 -1.76 -2.28 -7.03
C THR A 48 -1.85 -2.59 -5.54
N SER A 49 -3.06 -2.50 -4.97
CA SER A 49 -3.24 -2.69 -3.54
C SER A 49 -2.84 -4.11 -3.13
N LYS A 50 -3.10 -5.06 -4.02
CA LYS A 50 -2.72 -6.44 -3.82
C LYS A 50 -1.21 -6.56 -3.59
N LEU A 51 -0.45 -5.85 -4.41
CA LEU A 51 1.00 -5.84 -4.29
C LEU A 51 1.49 -5.01 -3.11
N ILE A 52 0.81 -3.90 -2.84
CA ILE A 52 1.17 -3.08 -1.70
C ILE A 52 1.07 -3.88 -0.40
N TYR A 53 -0.05 -4.56 -0.21
CA TYR A 53 -0.21 -5.40 0.98
C TYR A 53 0.78 -6.56 0.93
N ASP A 54 0.94 -7.13 -0.25
CA ASP A 54 1.92 -8.20 -0.46
C ASP A 54 3.31 -7.74 -0.04
N PHE A 55 3.62 -6.49 -0.33
CA PHE A 55 4.87 -5.86 0.09
C PHE A 55 4.97 -5.81 1.61
N ILE A 56 3.93 -5.30 2.23
CA ILE A 56 3.87 -5.15 3.68
C ILE A 56 3.95 -6.52 4.35
N GLU A 57 3.26 -7.49 3.79
CA GLU A 57 3.27 -8.85 4.30
C GLU A 57 4.65 -9.49 4.10
N ASP A 58 5.29 -9.14 2.98
CA ASP A 58 6.61 -9.66 2.65
C ASP A 58 7.66 -9.23 3.67
N GLN A 59 7.48 -8.06 4.24
CA GLN A 59 8.41 -7.55 5.23
C GLN A 59 8.14 -8.14 6.61
N GLY A 60 7.07 -8.91 6.72
CA GLY A 60 6.71 -9.50 7.98
C GLY A 60 5.35 -9.03 8.46
N GLY A 61 4.97 -7.83 8.06
CA GLY A 61 3.67 -7.31 8.44
C GLY A 61 3.64 -5.81 8.50
N LEU A 62 2.52 -5.27 8.99
CA LEU A 62 2.29 -3.84 9.04
C LEU A 62 3.38 -3.12 9.82
N GLU A 63 3.60 -3.55 11.05
CA GLU A 63 4.54 -2.90 11.95
C GLU A 63 5.96 -2.97 11.39
N ALA A 64 6.22 -3.96 10.56
CA ALA A 64 7.55 -4.18 10.01
C ALA A 64 7.99 -3.00 9.13
N VAL A 65 7.13 -2.59 8.20
CA VAL A 65 7.47 -1.49 7.29
C VAL A 65 7.46 -0.16 8.03
N ARG A 66 6.75 -0.12 9.15
CA ARG A 66 6.70 1.07 9.99
C ARG A 66 8.02 1.24 10.73
N GLN A 67 8.71 0.12 10.93
CA GLN A 67 10.03 0.14 11.55
C GLN A 67 11.11 0.50 10.53
N GLU A 68 10.85 0.20 9.26
CA GLU A 68 11.75 0.58 8.18
C GLU A 68 11.80 2.10 8.07
N MET A 69 10.74 2.75 8.56
CA MET A 69 10.69 4.21 8.63
C MET A 69 11.80 4.74 9.55
N ARG A 70 12.13 3.97 10.57
CA ARG A 70 13.18 4.35 11.49
C ARG A 70 14.39 3.43 11.30
N ARG A 71 14.46 2.82 10.14
CA ARG A 71 15.55 1.91 9.82
C ARG A 71 16.16 2.28 8.47
N GLN A 72 15.49 1.87 7.40
CA GLN A 72 15.92 2.13 6.02
C GLN A 72 15.07 1.30 5.08
N GLY B 1 18.03 3.57 -7.28
CA GLY B 1 17.32 3.96 -6.04
C GLY B 1 16.14 4.87 -6.33
N HIS B 2 15.52 5.39 -5.29
CA HIS B 2 14.41 6.33 -5.45
C HIS B 2 14.56 7.49 -4.48
N MET B 3 13.69 8.49 -4.61
CA MET B 3 13.81 9.75 -3.86
C MET B 3 13.28 9.62 -2.43
N LEU B 4 13.31 8.41 -1.89
CA LEU B 4 12.81 8.18 -0.53
C LEU B 4 13.87 7.47 0.29
N PRO B 5 14.23 8.07 1.44
CA PRO B 5 15.27 7.52 2.32
C PRO B 5 14.72 6.45 3.25
N ASP B 6 13.58 5.88 2.90
CA ASP B 6 12.91 4.92 3.75
C ASP B 6 12.27 3.81 2.92
N VAL B 7 11.45 3.00 3.58
CA VAL B 7 10.72 1.91 2.94
C VAL B 7 9.88 2.37 1.74
N ALA B 8 9.63 3.67 1.64
CA ALA B 8 8.78 4.21 0.58
C ALA B 8 9.37 3.95 -0.82
N GLN B 9 10.69 4.06 -0.94
CA GLN B 9 11.33 3.81 -2.24
C GLN B 9 11.27 2.33 -2.56
N ARG B 10 11.16 1.55 -1.51
CA ARG B 10 11.15 0.10 -1.60
C ARG B 10 9.77 -0.37 -2.05
N LEU B 11 8.79 0.51 -1.96
CA LEU B 11 7.43 0.19 -2.36
C LEU B 11 7.29 0.34 -3.86
N MET B 12 7.90 1.40 -4.39
CA MET B 12 7.88 1.64 -5.83
C MET B 12 8.48 0.45 -6.57
N GLN B 13 9.57 -0.08 -6.00
CA GLN B 13 10.25 -1.24 -6.57
C GLN B 13 9.32 -2.45 -6.61
N HIS B 14 8.43 -2.55 -5.63
CA HIS B 14 7.61 -3.73 -5.47
C HIS B 14 6.36 -3.69 -6.36
N LEU B 15 6.00 -2.51 -6.85
CA LEU B 15 4.91 -2.42 -7.82
C LEU B 15 5.47 -2.53 -9.22
N ALA B 16 6.65 -1.95 -9.43
CA ALA B 16 7.29 -1.95 -10.75
C ALA B 16 7.70 -3.36 -11.20
N GLU B 17 7.71 -4.30 -10.25
CA GLU B 17 8.12 -5.66 -10.54
C GLU B 17 6.93 -6.55 -10.90
N HIS B 18 5.72 -6.01 -10.86
CA HIS B 18 4.52 -6.81 -11.17
C HIS B 18 3.60 -6.11 -12.15
N GLY B 19 4.15 -5.20 -12.95
CA GLY B 19 3.36 -4.47 -13.93
C GLY B 19 2.19 -3.73 -13.32
N ILE B 20 2.43 -3.15 -12.15
CA ILE B 20 1.38 -2.45 -11.41
C ILE B 20 1.15 -1.04 -11.98
N GLN B 21 -0.08 -0.58 -11.87
CA GLN B 21 -0.45 0.72 -12.40
C GLN B 21 -0.19 1.82 -11.38
N PRO B 22 0.58 2.85 -11.76
CA PRO B 22 0.85 3.99 -10.91
C PRO B 22 -0.19 5.09 -11.08
N ALA B 23 -0.44 5.84 -10.01
CA ALA B 23 -1.46 6.89 -10.04
C ALA B 23 -0.82 8.26 -10.24
N ARG B 24 0.47 8.27 -10.54
CA ARG B 24 1.16 9.51 -10.89
C ARG B 24 0.88 9.88 -12.34
N ASN B 25 0.25 8.96 -13.04
CA ASN B 25 -0.30 9.22 -14.36
C ASN B 25 -1.81 8.99 -14.30
N MET B 26 -2.53 9.49 -15.28
CA MET B 26 -3.99 9.43 -15.25
C MET B 26 -4.49 8.15 -15.91
N ALA B 27 -5.41 7.46 -15.24
CA ALA B 27 -6.00 6.25 -15.76
C ALA B 27 -7.48 6.19 -15.40
N GLU B 28 -8.10 5.04 -15.66
CA GLU B 28 -9.55 4.85 -15.54
C GLU B 28 -10.17 5.57 -14.34
N HIS B 29 -9.84 5.11 -13.13
CA HIS B 29 -10.40 5.70 -11.92
C HIS B 29 -9.35 6.50 -11.17
N ILE B 30 -8.32 6.94 -11.89
CA ILE B 30 -7.23 7.69 -11.27
C ILE B 30 -7.43 9.18 -11.49
N PRO B 31 -7.72 9.92 -10.42
CA PRO B 31 -7.90 11.39 -10.48
C PRO B 31 -6.65 12.09 -10.97
N PRO B 32 -6.76 12.82 -12.10
CA PRO B 32 -5.63 13.53 -12.70
C PRO B 32 -5.06 14.57 -11.74
N ALA B 33 -3.82 14.35 -11.32
CA ALA B 33 -3.14 15.27 -10.42
C ALA B 33 -2.74 16.55 -11.16
N PRO B 34 -3.21 17.70 -10.69
CA PRO B 34 -2.91 19.00 -11.30
C PRO B 34 -1.43 19.35 -11.18
N ASN B 35 -0.93 20.06 -12.19
CA ASN B 35 0.46 20.48 -12.21
C ASN B 35 0.57 21.94 -11.80
N TRP B 36 -0.40 22.41 -11.05
CA TRP B 36 -0.44 23.80 -10.61
C TRP B 36 0.01 23.90 -9.15
N GLY A 1 -5.78 1.44 26.90
CA GLY A 1 -4.76 0.38 27.02
C GLY A 1 -3.40 0.93 27.31
N HIS A 2 -2.39 0.07 27.25
CA HIS A 2 -1.01 0.47 27.51
C HIS A 2 -0.28 0.77 26.20
N MET A 3 -0.51 -0.08 25.21
CA MET A 3 0.09 0.10 23.89
C MET A 3 -0.94 -0.16 22.79
N SER A 4 -0.98 0.71 21.81
CA SER A 4 -1.84 0.51 20.65
C SER A 4 -1.13 -0.32 19.59
N GLY A 5 -1.77 -1.40 19.14
CA GLY A 5 -1.18 -2.24 18.12
C GLY A 5 -2.21 -2.81 17.18
N PHE A 6 -1.78 -3.29 16.03
CA PHE A 6 -2.69 -3.84 15.04
C PHE A 6 -2.52 -5.36 14.97
N LYS A 7 -1.26 -5.78 14.94
CA LYS A 7 -0.89 -7.20 14.89
C LYS A 7 -1.09 -7.77 13.49
N HIS A 8 -0.11 -8.56 13.06
CA HIS A 8 -0.13 -9.18 11.75
C HIS A 8 -1.12 -10.34 11.69
N VAL A 9 -2.41 -10.00 11.66
CA VAL A 9 -3.45 -10.99 11.44
C VAL A 9 -3.98 -10.77 10.04
N SER A 10 -3.27 -11.35 9.08
CA SER A 10 -3.38 -11.01 7.66
C SER A 10 -4.80 -10.67 7.20
N HIS A 11 -5.13 -9.39 7.33
CA HIS A 11 -6.35 -8.80 6.80
C HIS A 11 -6.08 -7.34 6.51
N VAL A 12 -5.49 -6.66 7.50
CA VAL A 12 -4.89 -5.33 7.32
C VAL A 12 -5.92 -4.21 7.09
N GLY A 13 -7.11 -4.58 6.65
CA GLY A 13 -8.09 -3.60 6.24
C GLY A 13 -8.10 -3.47 4.74
N TRP A 14 -7.56 -4.50 4.08
CA TRP A 14 -7.43 -4.54 2.64
C TRP A 14 -8.42 -5.54 2.05
N ASP A 15 -9.02 -5.18 0.92
CA ASP A 15 -9.89 -6.08 0.19
C ASP A 15 -9.22 -6.47 -1.12
N PRO A 16 -9.31 -7.77 -1.49
CA PRO A 16 -8.64 -8.36 -2.65
C PRO A 16 -8.38 -7.39 -3.82
N GLN A 17 -9.42 -7.05 -4.57
CA GLN A 17 -9.24 -6.15 -5.70
C GLN A 17 -9.79 -4.75 -5.43
N ASN A 18 -10.34 -4.53 -4.23
CA ASN A 18 -10.88 -3.22 -3.89
C ASN A 18 -9.83 -2.35 -3.22
N GLY A 19 -8.79 -2.98 -2.69
CA GLY A 19 -7.69 -2.24 -2.14
C GLY A 19 -7.84 -1.96 -0.66
N PHE A 20 -7.04 -1.01 -0.18
CA PHE A 20 -7.07 -0.63 1.23
C PHE A 20 -8.16 0.40 1.46
N ASP A 21 -8.79 0.36 2.62
CA ASP A 21 -9.80 1.34 2.94
C ASP A 21 -9.12 2.66 3.28
N VAL A 22 -9.17 3.58 2.33
CA VAL A 22 -8.48 4.86 2.46
C VAL A 22 -9.14 5.79 3.49
N ASN A 23 -10.27 5.36 4.02
CA ASN A 23 -11.00 6.15 5.00
C ASN A 23 -10.45 5.91 6.41
N ASN A 24 -10.15 4.64 6.72
CA ASN A 24 -9.58 4.32 8.02
C ASN A 24 -8.12 3.87 7.90
N LEU A 25 -7.41 4.48 6.96
CA LEU A 25 -5.99 4.20 6.78
C LEU A 25 -5.20 4.63 8.00
N ASP A 26 -4.31 3.77 8.46
CA ASP A 26 -3.38 4.09 9.52
C ASP A 26 -2.42 5.18 9.05
N PRO A 27 -2.22 6.20 9.91
CA PRO A 27 -1.38 7.38 9.60
C PRO A 27 0.01 7.04 9.05
N ASP A 28 0.59 5.94 9.52
CA ASP A 28 1.93 5.55 9.05
C ASP A 28 1.82 4.86 7.70
N LEU A 29 0.82 4.00 7.53
CA LEU A 29 0.53 3.41 6.23
C LEU A 29 0.23 4.53 5.22
N ARG A 30 -0.64 5.44 5.63
CA ARG A 30 -1.03 6.60 4.84
C ARG A 30 0.19 7.37 4.38
N SER A 31 1.08 7.66 5.32
CA SER A 31 2.30 8.40 5.02
C SER A 31 3.15 7.64 4.02
N LEU A 32 3.35 6.35 4.27
CA LEU A 32 4.23 5.55 3.45
C LEU A 32 3.73 5.44 2.02
N PHE A 33 2.51 4.98 1.88
CA PHE A 33 1.96 4.70 0.56
C PHE A 33 2.01 5.94 -0.31
N SER A 34 1.59 7.06 0.26
CA SER A 34 1.63 8.35 -0.42
C SER A 34 3.08 8.73 -0.76
N ARG A 35 4.00 8.37 0.11
CA ARG A 35 5.40 8.67 -0.06
C ARG A 35 6.04 7.73 -1.09
N ALA A 36 5.48 6.55 -1.21
CA ALA A 36 5.99 5.53 -2.12
C ALA A 36 5.43 5.73 -3.53
N GLY A 37 4.47 6.61 -3.67
CA GLY A 37 3.91 6.91 -4.97
C GLY A 37 2.47 6.45 -5.08
N ILE A 38 2.06 5.57 -4.19
CA ILE A 38 0.71 5.03 -4.19
C ILE A 38 -0.27 6.11 -3.69
N SER A 39 -1.25 6.45 -4.52
CA SER A 39 -2.26 7.42 -4.11
C SER A 39 -3.46 6.69 -3.51
N GLU A 40 -4.47 7.42 -3.06
CA GLU A 40 -5.68 6.79 -2.52
C GLU A 40 -6.33 5.94 -3.60
N ALA A 41 -6.30 6.45 -4.83
CA ALA A 41 -6.83 5.73 -5.97
C ALA A 41 -6.03 4.46 -6.23
N GLN A 42 -4.73 4.61 -6.41
CA GLN A 42 -3.86 3.48 -6.71
C GLN A 42 -3.93 2.43 -5.60
N LEU A 43 -4.09 2.90 -4.37
CA LEU A 43 -4.15 2.05 -3.19
C LEU A 43 -5.41 1.18 -3.20
N THR A 44 -6.38 1.58 -4.01
CA THR A 44 -7.62 0.82 -4.11
C THR A 44 -7.74 0.16 -5.49
N ASP A 45 -6.64 0.15 -6.23
CA ASP A 45 -6.60 -0.56 -7.51
C ASP A 45 -6.33 -2.04 -7.31
N ALA A 46 -6.83 -2.85 -8.22
CA ALA A 46 -6.80 -4.30 -8.09
C ALA A 46 -5.38 -4.84 -7.89
N GLU A 47 -4.55 -4.69 -8.91
CA GLU A 47 -3.22 -5.28 -8.90
C GLU A 47 -2.28 -4.52 -7.99
N THR A 48 -2.47 -3.21 -7.90
CA THR A 48 -1.65 -2.37 -7.05
C THR A 48 -1.73 -2.77 -5.58
N SER A 49 -2.94 -2.74 -5.03
CA SER A 49 -3.14 -2.96 -3.61
C SER A 49 -2.74 -4.37 -3.21
N LYS A 50 -3.07 -5.33 -4.07
CA LYS A 50 -2.75 -6.73 -3.84
C LYS A 50 -1.26 -6.91 -3.65
N LEU A 51 -0.46 -6.18 -4.42
CA LEU A 51 0.99 -6.25 -4.30
C LEU A 51 1.46 -5.52 -3.06
N ILE A 52 0.85 -4.38 -2.74
CA ILE A 52 1.17 -3.66 -1.52
C ILE A 52 0.94 -4.53 -0.28
N TYR A 53 -0.18 -5.23 -0.25
CA TYR A 53 -0.51 -6.12 0.86
C TYR A 53 0.55 -7.21 0.99
N ASP A 54 0.88 -7.84 -0.13
CA ASP A 54 1.96 -8.83 -0.17
C ASP A 54 3.29 -8.20 0.26
N PHE A 55 3.48 -6.97 -0.19
CA PHE A 55 4.65 -6.17 0.17
C PHE A 55 4.78 -6.04 1.68
N ILE A 56 3.74 -5.54 2.32
CA ILE A 56 3.73 -5.33 3.76
C ILE A 56 4.02 -6.61 4.52
N GLU A 57 3.51 -7.73 3.99
CA GLU A 57 3.69 -9.02 4.63
C GLU A 57 5.12 -9.51 4.46
N ASP A 58 5.82 -8.96 3.47
CA ASP A 58 7.20 -9.33 3.20
C ASP A 58 8.13 -8.81 4.30
N GLN A 59 7.84 -7.64 4.83
CA GLN A 59 8.65 -7.08 5.91
C GLN A 59 8.25 -7.68 7.26
N GLY A 60 7.21 -8.49 7.27
CA GLY A 60 6.78 -9.13 8.50
C GLY A 60 5.38 -8.74 8.90
N GLY A 61 4.95 -7.57 8.45
CA GLY A 61 3.61 -7.10 8.78
C GLY A 61 3.57 -5.61 8.95
N LEU A 62 2.43 -5.10 9.38
CA LEU A 62 2.20 -3.66 9.48
C LEU A 62 3.13 -3.02 10.50
N GLU A 63 3.30 -3.67 11.65
CA GLU A 63 4.19 -3.17 12.71
C GLU A 63 5.59 -2.91 12.17
N ALA A 64 6.11 -3.86 11.39
CA ALA A 64 7.46 -3.77 10.85
C ALA A 64 7.58 -2.65 9.83
N VAL A 65 6.57 -2.55 8.97
CA VAL A 65 6.56 -1.57 7.89
C VAL A 65 6.57 -0.15 8.44
N ARG A 66 5.83 0.07 9.53
CA ARG A 66 5.76 1.39 10.15
C ARG A 66 7.14 1.81 10.69
N GLN A 67 7.94 0.82 11.05
CA GLN A 67 9.23 1.08 11.67
C GLN A 67 10.30 1.30 10.61
N GLU A 68 10.15 0.62 9.47
CA GLU A 68 11.12 0.69 8.37
C GLU A 68 11.47 2.13 8.03
N MET A 69 10.49 3.01 8.21
CA MET A 69 10.64 4.44 7.90
C MET A 69 11.90 5.01 8.53
N ARG A 70 12.18 4.55 9.75
CA ARG A 70 13.31 5.01 10.50
C ARG A 70 14.12 3.81 11.01
N ARG A 71 14.04 2.72 10.28
CA ARG A 71 14.71 1.48 10.67
C ARG A 71 15.71 1.03 9.62
N GLN A 72 15.21 0.27 8.64
CA GLN A 72 16.03 -0.32 7.59
C GLN A 72 17.14 -1.18 8.17
N GLY B 1 22.23 0.79 -2.38
CA GLY B 1 20.89 0.52 -1.82
C GLY B 1 19.82 1.32 -2.53
N HIS B 2 18.57 0.84 -2.45
CA HIS B 2 17.45 1.53 -3.08
C HIS B 2 17.31 2.95 -2.53
N MET B 3 16.97 3.89 -3.43
CA MET B 3 16.98 5.33 -3.14
C MET B 3 16.44 5.67 -1.76
N LEU B 4 15.14 5.55 -1.60
CA LEU B 4 14.53 5.69 -0.29
C LEU B 4 15.04 4.60 0.63
N PRO B 5 15.48 4.97 1.82
CA PRO B 5 16.13 4.04 2.75
C PRO B 5 15.12 3.21 3.52
N ASP B 6 13.89 3.21 3.06
CA ASP B 6 12.82 2.54 3.77
C ASP B 6 11.86 1.85 2.81
N VAL B 7 10.73 1.42 3.36
CA VAL B 7 9.67 0.76 2.61
C VAL B 7 9.24 1.56 1.38
N ALA B 8 9.38 2.87 1.43
CA ALA B 8 8.92 3.75 0.35
C ALA B 8 9.45 3.33 -1.03
N GLN B 9 10.77 3.28 -1.19
CA GLN B 9 11.34 2.89 -2.48
C GLN B 9 11.18 1.40 -2.68
N ARG B 10 11.11 0.68 -1.57
CA ARG B 10 10.90 -0.75 -1.59
C ARG B 10 9.53 -1.06 -2.19
N LEU B 11 8.59 -0.13 -2.01
CA LEU B 11 7.26 -0.23 -2.60
C LEU B 11 7.32 0.12 -4.07
N MET B 12 8.02 1.19 -4.40
CA MET B 12 8.13 1.67 -5.78
C MET B 12 8.58 0.54 -6.71
N GLN B 13 9.62 -0.16 -6.32
CA GLN B 13 10.14 -1.28 -7.10
C GLN B 13 9.14 -2.43 -7.14
N HIS B 14 8.34 -2.54 -6.09
CA HIS B 14 7.41 -3.66 -5.96
C HIS B 14 6.23 -3.51 -6.91
N LEU B 15 5.87 -2.28 -7.26
CA LEU B 15 4.80 -2.04 -8.21
C LEU B 15 5.34 -1.92 -9.63
N ALA B 16 6.40 -1.15 -9.79
CA ALA B 16 6.94 -0.83 -11.11
C ALA B 16 7.39 -2.07 -11.88
N GLU B 17 7.86 -3.09 -11.15
CA GLU B 17 8.39 -4.29 -11.78
C GLU B 17 7.29 -5.27 -12.17
N HIS B 18 6.03 -4.92 -11.95
CA HIS B 18 4.93 -5.81 -12.30
C HIS B 18 3.91 -5.14 -13.22
N GLY B 19 4.30 -4.02 -13.82
CA GLY B 19 3.41 -3.30 -14.72
C GLY B 19 2.12 -2.86 -14.04
N ILE B 20 2.26 -2.44 -12.79
CA ILE B 20 1.12 -2.02 -11.98
C ILE B 20 0.52 -0.71 -12.50
N GLN B 21 -0.79 -0.57 -12.36
CA GLN B 21 -1.50 0.63 -12.76
C GLN B 21 -1.01 1.83 -11.96
N PRO B 22 -0.53 2.87 -12.64
CA PRO B 22 -0.04 4.08 -12.00
C PRO B 22 -1.17 4.96 -11.47
N ALA B 23 -0.89 5.69 -10.40
CA ALA B 23 -1.86 6.59 -9.82
C ALA B 23 -2.05 7.83 -10.68
N ARG B 24 -2.83 7.70 -11.74
CA ARG B 24 -3.06 8.79 -12.67
C ARG B 24 -4.17 8.44 -13.65
N ASN B 25 -4.60 9.43 -14.44
CA ASN B 25 -5.56 9.23 -15.53
C ASN B 25 -6.96 8.89 -15.01
N MET B 26 -7.24 7.62 -14.84
CA MET B 26 -8.57 7.17 -14.47
C MET B 26 -8.49 6.00 -13.52
N ALA B 27 -9.17 6.13 -12.39
CA ALA B 27 -9.16 5.09 -11.36
C ALA B 27 -10.57 4.74 -10.94
N GLU B 28 -11.47 4.67 -11.91
CA GLU B 28 -12.87 4.35 -11.65
C GLU B 28 -13.05 2.84 -11.46
N HIS B 29 -12.37 2.31 -10.46
CA HIS B 29 -12.41 0.89 -10.15
C HIS B 29 -13.35 0.62 -9.00
N ILE B 30 -14.08 1.63 -8.57
CA ILE B 30 -14.96 1.51 -7.42
C ILE B 30 -16.36 1.06 -7.87
N PRO B 31 -16.80 -0.10 -7.37
CA PRO B 31 -18.14 -0.62 -7.66
C PRO B 31 -19.22 0.24 -6.99
N PRO B 32 -20.15 0.78 -7.79
CA PRO B 32 -21.23 1.63 -7.27
C PRO B 32 -22.17 0.86 -6.36
N ALA B 33 -22.32 1.34 -5.13
CA ALA B 33 -23.24 0.74 -4.18
C ALA B 33 -24.63 1.35 -4.35
N PRO B 34 -25.56 0.59 -4.93
CA PRO B 34 -26.89 1.08 -5.25
C PRO B 34 -27.90 0.91 -4.10
N ASN B 35 -28.67 1.94 -3.86
CA ASN B 35 -29.75 1.88 -2.88
C ASN B 35 -30.99 1.27 -3.52
N TRP B 36 -31.52 0.22 -2.92
CA TRP B 36 -32.68 -0.46 -3.45
C TRP B 36 -33.95 0.08 -2.80
N GLY A 1 3.31 -21.09 15.15
CA GLY A 1 4.50 -21.06 16.03
C GLY A 1 4.20 -20.39 17.36
N HIS A 2 5.02 -20.68 18.36
CA HIS A 2 4.86 -20.08 19.67
C HIS A 2 5.45 -18.68 19.69
N MET A 3 6.50 -18.48 18.91
CA MET A 3 7.13 -17.18 18.78
C MET A 3 7.17 -16.77 17.31
N SER A 4 7.41 -17.74 16.45
CA SER A 4 7.48 -17.50 15.02
C SER A 4 6.08 -17.54 14.41
N GLY A 5 5.87 -16.71 13.40
CA GLY A 5 4.58 -16.65 12.76
C GLY A 5 4.45 -15.41 11.90
N PHE A 6 3.29 -15.23 11.29
CA PHE A 6 3.07 -14.08 10.42
C PHE A 6 2.22 -13.05 11.14
N LYS A 7 2.84 -11.96 11.59
CA LYS A 7 2.15 -10.93 12.34
C LYS A 7 1.18 -10.12 11.46
N HIS A 8 0.00 -10.70 11.31
CA HIS A 8 -1.13 -10.06 10.65
C HIS A 8 -2.42 -10.61 11.24
N VAL A 9 -3.53 -9.94 10.94
CA VAL A 9 -4.86 -10.38 11.37
C VAL A 9 -5.81 -9.21 11.18
N SER A 10 -5.23 -8.03 11.29
CA SER A 10 -5.89 -6.77 11.11
C SER A 10 -6.56 -6.64 9.74
N HIS A 11 -5.99 -7.34 8.75
CA HIS A 11 -6.35 -7.16 7.34
C HIS A 11 -5.87 -5.80 6.82
N VAL A 12 -5.41 -4.98 7.77
CA VAL A 12 -4.76 -3.69 7.51
C VAL A 12 -5.67 -2.70 6.77
N GLY A 13 -6.95 -3.05 6.62
CA GLY A 13 -7.87 -2.19 5.89
C GLY A 13 -7.85 -2.47 4.41
N TRP A 14 -7.33 -3.64 4.05
CA TRP A 14 -7.22 -4.04 2.66
C TRP A 14 -8.26 -5.09 2.29
N ASP A 15 -8.89 -4.90 1.14
CA ASP A 15 -9.79 -5.88 0.57
C ASP A 15 -9.25 -6.36 -0.76
N PRO A 16 -9.28 -7.69 -0.99
CA PRO A 16 -8.70 -8.32 -2.19
C PRO A 16 -9.18 -7.72 -3.50
N GLN A 17 -10.40 -7.21 -3.52
CA GLN A 17 -10.96 -6.59 -4.73
C GLN A 17 -11.02 -5.07 -4.60
N ASN A 18 -11.43 -4.59 -3.44
CA ASN A 18 -11.64 -3.15 -3.23
C ASN A 18 -10.31 -2.41 -3.06
N GLY A 19 -9.30 -3.12 -2.58
CA GLY A 19 -8.02 -2.50 -2.33
C GLY A 19 -7.91 -1.98 -0.91
N PHE A 20 -7.02 -1.03 -0.70
CA PHE A 20 -6.91 -0.37 0.60
C PHE A 20 -8.03 0.63 0.77
N ASP A 21 -8.83 0.46 1.80
CA ASP A 21 -9.92 1.38 2.07
C ASP A 21 -9.35 2.73 2.47
N VAL A 22 -9.42 3.69 1.57
CA VAL A 22 -8.78 4.99 1.75
C VAL A 22 -9.45 5.82 2.84
N ASN A 23 -10.62 5.39 3.28
CA ASN A 23 -11.31 6.05 4.38
C ASN A 23 -10.77 5.56 5.73
N ASN A 24 -10.48 4.28 5.81
CA ASN A 24 -10.01 3.67 7.04
C ASN A 24 -8.49 3.54 7.04
N LEU A 25 -7.82 4.27 6.16
CA LEU A 25 -6.36 4.23 6.08
C LEU A 25 -5.73 4.81 7.33
N ASP A 26 -4.88 4.01 7.97
CA ASP A 26 -4.06 4.47 9.08
C ASP A 26 -3.09 5.53 8.58
N PRO A 27 -3.03 6.67 9.29
CA PRO A 27 -2.17 7.82 8.92
C PRO A 27 -0.71 7.43 8.68
N ASP A 28 -0.24 6.40 9.38
CA ASP A 28 1.14 5.95 9.25
C ASP A 28 1.32 5.16 7.96
N LEU A 29 0.34 4.31 7.65
CA LEU A 29 0.33 3.60 6.37
C LEU A 29 0.19 4.61 5.24
N ARG A 30 -0.76 5.53 5.41
CA ARG A 30 -1.00 6.57 4.42
C ARG A 30 0.27 7.38 4.19
N SER A 31 1.03 7.62 5.26
CA SER A 31 2.29 8.33 5.17
C SER A 31 3.22 7.63 4.18
N LEU A 32 3.34 6.31 4.34
CA LEU A 32 4.21 5.51 3.50
C LEU A 32 3.74 5.48 2.07
N PHE A 33 2.48 5.14 1.90
CA PHE A 33 1.92 4.95 0.56
C PHE A 33 2.00 6.24 -0.24
N SER A 34 1.69 7.35 0.41
CA SER A 34 1.76 8.65 -0.21
C SER A 34 3.22 9.01 -0.53
N ARG A 35 4.13 8.52 0.32
CA ARG A 35 5.55 8.77 0.16
C ARG A 35 6.11 7.88 -0.95
N ALA A 36 5.46 6.76 -1.17
CA ALA A 36 5.86 5.81 -2.19
C ALA A 36 5.32 6.23 -3.56
N GLY A 37 4.53 7.31 -3.57
CA GLY A 37 3.98 7.82 -4.81
C GLY A 37 2.62 7.22 -5.11
N ILE A 38 2.22 6.25 -4.31
CA ILE A 38 0.96 5.56 -4.47
C ILE A 38 -0.20 6.43 -3.97
N SER A 39 -1.01 6.88 -4.90
CA SER A 39 -2.14 7.73 -4.55
C SER A 39 -3.27 6.91 -3.93
N GLU A 40 -4.24 7.59 -3.34
CA GLU A 40 -5.41 6.93 -2.75
C GLU A 40 -6.07 6.00 -3.78
N ALA A 41 -6.24 6.52 -4.98
CA ALA A 41 -6.86 5.75 -6.06
C ALA A 41 -6.01 4.52 -6.39
N GLN A 42 -4.71 4.71 -6.43
CA GLN A 42 -3.78 3.63 -6.77
C GLN A 42 -3.88 2.51 -5.72
N LEU A 43 -4.15 2.88 -4.48
CA LEU A 43 -4.29 1.90 -3.41
C LEU A 43 -5.57 1.07 -3.57
N THR A 44 -6.50 1.56 -4.38
CA THR A 44 -7.75 0.83 -4.58
C THR A 44 -7.70 0.03 -5.88
N ASP A 45 -6.54 0.02 -6.54
CA ASP A 45 -6.31 -0.86 -7.67
C ASP A 45 -6.07 -2.28 -7.17
N ALA A 46 -6.75 -3.25 -7.77
CA ALA A 46 -6.72 -4.63 -7.27
C ALA A 46 -5.30 -5.14 -7.06
N GLU A 47 -4.50 -5.10 -8.12
CA GLU A 47 -3.14 -5.61 -8.05
C GLU A 47 -2.25 -4.73 -7.18
N THR A 48 -2.35 -3.43 -7.37
CA THR A 48 -1.56 -2.49 -6.58
C THR A 48 -1.74 -2.73 -5.09
N SER A 49 -2.99 -2.77 -4.64
CA SER A 49 -3.30 -2.95 -3.24
C SER A 49 -2.85 -4.32 -2.75
N LYS A 50 -3.21 -5.36 -3.51
CA LYS A 50 -2.86 -6.73 -3.16
C LYS A 50 -1.35 -6.88 -3.04
N LEU A 51 -0.62 -6.20 -3.89
CA LEU A 51 0.82 -6.30 -3.90
C LEU A 51 1.48 -5.35 -2.90
N ILE A 52 0.74 -4.36 -2.41
CA ILE A 52 1.21 -3.60 -1.25
C ILE A 52 0.99 -4.41 0.03
N TYR A 53 -0.13 -5.13 0.09
CA TYR A 53 -0.35 -6.05 1.20
C TYR A 53 0.69 -7.15 1.15
N ASP A 54 0.85 -7.72 -0.04
CA ASP A 54 1.93 -8.66 -0.32
C ASP A 54 3.28 -8.08 0.08
N PHE A 55 3.42 -6.79 -0.12
CA PHE A 55 4.65 -6.06 0.20
C PHE A 55 4.87 -6.02 1.70
N ILE A 56 3.90 -5.49 2.42
CA ILE A 56 3.99 -5.38 3.87
C ILE A 56 4.24 -6.74 4.50
N GLU A 57 3.56 -7.74 3.98
CA GLU A 57 3.75 -9.11 4.41
C GLU A 57 5.17 -9.59 4.10
N ASP A 58 5.58 -9.38 2.85
CA ASP A 58 6.93 -9.73 2.40
C ASP A 58 8.01 -9.09 3.27
N GLN A 59 7.73 -7.88 3.77
CA GLN A 59 8.69 -7.19 4.63
C GLN A 59 8.78 -7.86 6.01
N GLY A 60 7.86 -8.77 6.27
CA GLY A 60 7.88 -9.49 7.53
C GLY A 60 6.63 -9.29 8.36
N GLY A 61 5.69 -8.49 7.85
CA GLY A 61 4.44 -8.31 8.55
C GLY A 61 4.03 -6.86 8.65
N LEU A 62 2.89 -6.62 9.29
CA LEU A 62 2.28 -5.29 9.34
C LEU A 62 3.22 -4.25 9.96
N GLU A 63 3.84 -4.60 11.09
CA GLU A 63 4.70 -3.67 11.81
C GLU A 63 5.96 -3.32 11.03
N ALA A 64 6.38 -4.20 10.14
CA ALA A 64 7.68 -4.09 9.49
C ALA A 64 7.86 -2.75 8.77
N VAL A 65 7.00 -2.48 7.79
CA VAL A 65 7.17 -1.29 6.96
C VAL A 65 6.99 -0.02 7.79
N ARG A 66 6.24 -0.14 8.87
CA ARG A 66 5.94 0.98 9.73
C ARG A 66 7.17 1.36 10.55
N GLN A 67 8.02 0.37 10.76
CA GLN A 67 9.25 0.56 11.52
C GLN A 67 10.42 0.92 10.61
N GLU A 68 10.31 0.58 9.33
CA GLU A 68 11.39 0.88 8.38
C GLU A 68 11.50 2.37 8.14
N MET A 69 10.47 3.11 8.53
CA MET A 69 10.53 4.56 8.52
C MET A 69 11.63 5.05 9.44
N ARG A 70 11.96 4.22 10.43
CA ARG A 70 12.95 4.55 11.44
C ARG A 70 13.99 3.44 11.52
N ARG A 71 14.05 2.62 10.48
CA ARG A 71 14.95 1.47 10.44
C ARG A 71 16.20 1.77 9.64
N GLN A 72 16.07 1.67 8.32
CA GLN A 72 17.19 1.89 7.42
C GLN A 72 16.77 2.80 6.28
N GLY B 1 20.66 -0.90 -2.90
CA GLY B 1 19.63 -0.41 -3.84
C GLY B 1 18.24 -0.84 -3.40
N HIS B 2 17.23 -0.38 -4.14
CA HIS B 2 15.83 -0.71 -3.85
C HIS B 2 15.40 -0.11 -2.51
N MET B 3 16.06 0.98 -2.13
CA MET B 3 15.82 1.64 -0.86
C MET B 3 16.70 2.89 -0.76
N LEU B 4 16.19 3.92 -0.11
CA LEU B 4 16.90 5.20 -0.06
C LEU B 4 16.61 5.95 1.27
N PRO B 5 15.44 6.59 1.46
CA PRO B 5 15.12 7.22 2.75
C PRO B 5 14.53 6.23 3.76
N ASP B 6 13.70 5.35 3.25
CA ASP B 6 12.98 4.40 4.07
C ASP B 6 12.37 3.28 3.21
N VAL B 7 11.46 2.53 3.81
CA VAL B 7 10.75 1.43 3.14
C VAL B 7 10.05 1.90 1.85
N ALA B 8 9.68 3.17 1.78
CA ALA B 8 8.98 3.72 0.62
C ALA B 8 9.65 3.34 -0.71
N GLN B 9 10.97 3.47 -0.78
CA GLN B 9 11.70 3.14 -2.01
C GLN B 9 11.58 1.65 -2.33
N ARG B 10 11.59 0.83 -1.28
CA ARG B 10 11.46 -0.60 -1.41
C ARG B 10 10.06 -0.93 -1.94
N LEU B 11 9.11 -0.08 -1.59
CA LEU B 11 7.73 -0.25 -2.00
C LEU B 11 7.50 0.26 -3.43
N MET B 12 8.05 1.44 -3.75
CA MET B 12 7.86 2.06 -5.08
C MET B 12 8.13 1.04 -6.18
N GLN B 13 9.32 0.46 -6.14
CA GLN B 13 9.74 -0.50 -7.15
C GLN B 13 8.94 -1.79 -7.06
N HIS B 14 8.48 -2.13 -5.86
CA HIS B 14 7.75 -3.38 -5.62
C HIS B 14 6.49 -3.45 -6.50
N LEU B 15 5.89 -2.32 -6.77
CA LEU B 15 4.72 -2.28 -7.65
C LEU B 15 5.15 -2.26 -9.11
N ALA B 16 6.24 -1.57 -9.39
CA ALA B 16 6.74 -1.42 -10.75
C ALA B 16 7.16 -2.77 -11.33
N GLU B 17 7.65 -3.65 -10.45
CA GLU B 17 8.10 -4.97 -10.85
C GLU B 17 6.94 -5.84 -11.36
N HIS B 18 5.70 -5.46 -11.06
CA HIS B 18 4.55 -6.31 -11.38
C HIS B 18 3.55 -5.62 -12.30
N GLY B 19 3.87 -4.42 -12.76
CA GLY B 19 3.02 -3.74 -13.73
C GLY B 19 1.79 -3.08 -13.11
N ILE B 20 1.94 -2.62 -11.88
CA ILE B 20 0.90 -1.88 -11.18
C ILE B 20 0.52 -0.59 -11.92
N GLN B 21 -0.76 -0.23 -11.85
CA GLN B 21 -1.24 1.02 -12.44
C GLN B 21 -0.64 2.20 -11.69
N PRO B 22 0.06 3.10 -12.41
CA PRO B 22 0.62 4.31 -11.82
C PRO B 22 -0.46 5.29 -11.40
N ALA B 23 -0.08 6.25 -10.56
CA ALA B 23 -1.01 7.25 -10.04
C ALA B 23 -1.42 8.25 -11.12
N ARG B 24 -2.32 7.81 -11.98
CA ARG B 24 -2.86 8.66 -13.03
C ARG B 24 -4.25 9.15 -12.63
N ASN B 25 -4.44 10.46 -12.62
CA ASN B 25 -5.74 11.02 -12.28
C ASN B 25 -6.71 10.82 -13.44
N MET B 26 -7.73 10.01 -13.21
CA MET B 26 -8.77 9.74 -14.21
C MET B 26 -10.15 9.96 -13.63
N ALA B 27 -10.19 10.37 -12.36
CA ALA B 27 -11.44 10.58 -11.61
C ALA B 27 -12.18 9.26 -11.39
N GLU B 28 -12.80 8.74 -12.45
CA GLU B 28 -13.56 7.50 -12.36
C GLU B 28 -12.61 6.31 -12.46
N HIS B 29 -12.77 5.35 -11.56
CA HIS B 29 -11.85 4.23 -11.46
C HIS B 29 -12.61 2.91 -11.53
N ILE B 30 -13.71 2.91 -12.27
CA ILE B 30 -14.56 1.74 -12.37
C ILE B 30 -14.38 1.04 -13.72
N PRO B 31 -14.04 -0.26 -13.69
CA PRO B 31 -13.89 -1.07 -14.90
C PRO B 31 -15.24 -1.40 -15.53
N PRO B 32 -15.33 -1.34 -16.87
CA PRO B 32 -16.57 -1.60 -17.61
C PRO B 32 -17.09 -3.01 -17.41
N ALA B 33 -18.40 -3.13 -17.30
CA ALA B 33 -19.05 -4.42 -17.11
C ALA B 33 -19.31 -5.11 -18.45
N PRO B 34 -19.06 -6.42 -18.53
CA PRO B 34 -19.26 -7.21 -19.76
C PRO B 34 -20.75 -7.36 -20.09
N ASN B 35 -21.57 -7.11 -19.09
CA ASN B 35 -23.01 -7.14 -19.26
C ASN B 35 -23.66 -6.12 -18.33
N TRP B 36 -24.52 -5.31 -18.88
CA TRP B 36 -25.20 -4.28 -18.11
C TRP B 36 -26.70 -4.48 -18.23
N GLY A 1 16.14 -17.20 13.37
CA GLY A 1 14.82 -17.88 13.41
C GLY A 1 13.69 -16.98 12.98
N HIS A 2 13.99 -15.72 12.69
CA HIS A 2 12.96 -14.76 12.32
C HIS A 2 12.77 -14.72 10.80
N MET A 3 12.22 -15.79 10.27
CA MET A 3 11.90 -15.84 8.85
C MET A 3 10.42 -15.56 8.65
N SER A 4 10.12 -14.31 8.30
CA SER A 4 8.75 -13.82 8.13
C SER A 4 8.07 -13.64 9.48
N GLY A 5 6.99 -12.87 9.49
CA GLY A 5 6.28 -12.60 10.72
C GLY A 5 4.80 -12.39 10.48
N PHE A 6 4.00 -13.32 10.97
CA PHE A 6 2.55 -13.20 10.87
C PHE A 6 2.03 -12.09 11.77
N LYS A 7 1.70 -10.96 11.16
CA LYS A 7 1.16 -9.82 11.89
C LYS A 7 -0.15 -9.36 11.24
N HIS A 8 -0.86 -10.32 10.67
CA HIS A 8 -2.14 -10.06 10.03
C HIS A 8 -3.24 -9.90 11.08
N VAL A 9 -3.55 -8.67 11.41
CA VAL A 9 -4.63 -8.37 12.34
C VAL A 9 -5.48 -7.23 11.79
N SER A 10 -6.76 -7.22 12.14
CA SER A 10 -7.68 -6.16 11.74
C SER A 10 -7.97 -6.20 10.23
N HIS A 11 -7.41 -7.19 9.56
CA HIS A 11 -7.52 -7.32 8.10
C HIS A 11 -6.88 -6.13 7.38
N VAL A 12 -6.25 -5.25 8.18
CA VAL A 12 -5.56 -4.05 7.68
C VAL A 12 -6.53 -3.10 6.96
N GLY A 13 -7.83 -3.41 7.00
CA GLY A 13 -8.81 -2.65 6.26
C GLY A 13 -8.59 -2.77 4.77
N TRP A 14 -8.09 -3.93 4.35
CA TRP A 14 -7.75 -4.17 2.95
C TRP A 14 -8.69 -5.19 2.33
N ASP A 15 -9.10 -4.91 1.10
CA ASP A 15 -9.87 -5.85 0.29
C ASP A 15 -9.10 -6.16 -0.98
N PRO A 16 -8.97 -7.45 -1.32
CA PRO A 16 -8.18 -7.92 -2.46
C PRO A 16 -8.50 -7.22 -3.79
N GLN A 17 -9.73 -6.78 -3.95
CA GLN A 17 -10.15 -6.12 -5.17
C GLN A 17 -10.30 -4.62 -4.97
N ASN A 18 -10.90 -4.22 -3.85
CA ASN A 18 -11.24 -2.83 -3.59
C ASN A 18 -10.06 -2.05 -3.02
N GLY A 19 -9.03 -2.75 -2.60
CA GLY A 19 -7.85 -2.10 -2.08
C GLY A 19 -7.94 -1.78 -0.61
N PHE A 20 -7.09 -0.88 -0.16
CA PHE A 20 -7.09 -0.44 1.23
C PHE A 20 -8.18 0.61 1.43
N ASP A 21 -8.81 0.59 2.59
CA ASP A 21 -9.80 1.59 2.91
C ASP A 21 -9.10 2.93 3.14
N VAL A 22 -9.16 3.79 2.14
CA VAL A 22 -8.43 5.06 2.16
C VAL A 22 -8.97 6.04 3.21
N ASN A 23 -10.15 5.75 3.73
CA ASN A 23 -10.72 6.59 4.79
C ASN A 23 -10.26 6.09 6.15
N ASN A 24 -10.21 4.78 6.29
CA ASN A 24 -9.78 4.13 7.52
C ASN A 24 -8.31 3.72 7.42
N LEU A 25 -7.55 4.48 6.64
CA LEU A 25 -6.14 4.20 6.42
C LEU A 25 -5.33 4.38 7.70
N ASP A 26 -4.48 3.41 7.97
CA ASP A 26 -3.53 3.49 9.08
C ASP A 26 -2.60 4.68 8.86
N PRO A 27 -2.42 5.49 9.93
CA PRO A 27 -1.63 6.72 9.89
C PRO A 27 -0.22 6.53 9.30
N ASP A 28 0.36 5.36 9.50
CA ASP A 28 1.69 5.08 8.99
C ASP A 28 1.60 4.63 7.55
N LEU A 29 0.67 3.72 7.26
CA LEU A 29 0.35 3.34 5.90
C LEU A 29 0.12 4.57 5.03
N ARG A 30 -0.76 5.44 5.48
CA ARG A 30 -1.13 6.65 4.74
C ARG A 30 0.13 7.47 4.44
N SER A 31 0.99 7.60 5.44
CA SER A 31 2.23 8.35 5.30
C SER A 31 3.18 7.64 4.32
N LEU A 32 3.32 6.34 4.51
CA LEU A 32 4.23 5.51 3.74
C LEU A 32 3.86 5.51 2.26
N PHE A 33 2.62 5.14 2.00
CA PHE A 33 2.13 5.05 0.64
C PHE A 33 2.23 6.40 -0.06
N SER A 34 2.04 7.46 0.70
CA SER A 34 2.16 8.81 0.17
C SER A 34 3.58 9.12 -0.26
N ARG A 35 4.57 8.53 0.41
CA ARG A 35 5.97 8.66 0.01
C ARG A 35 6.27 7.75 -1.15
N ALA A 36 5.73 6.54 -1.08
CA ALA A 36 6.01 5.49 -2.05
C ALA A 36 5.37 5.80 -3.40
N GLY A 37 4.42 6.73 -3.41
CA GLY A 37 3.82 7.17 -4.66
C GLY A 37 2.42 6.64 -4.86
N ILE A 38 1.96 5.82 -3.93
CA ILE A 38 0.61 5.27 -4.03
C ILE A 38 -0.42 6.32 -3.66
N SER A 39 -1.26 6.68 -4.62
CA SER A 39 -2.37 7.58 -4.37
C SER A 39 -3.61 6.75 -4.02
N GLU A 40 -4.62 7.40 -3.45
CA GLU A 40 -5.83 6.72 -2.99
C GLU A 40 -6.38 5.76 -4.03
N ALA A 41 -6.49 6.23 -5.27
CA ALA A 41 -6.97 5.39 -6.37
C ALA A 41 -6.07 4.17 -6.55
N GLN A 42 -4.78 4.42 -6.70
CA GLN A 42 -3.80 3.34 -6.88
C GLN A 42 -3.90 2.32 -5.74
N LEU A 43 -4.12 2.84 -4.54
CA LEU A 43 -4.21 2.03 -3.33
C LEU A 43 -5.49 1.21 -3.32
N THR A 44 -6.41 1.54 -4.20
CA THR A 44 -7.68 0.84 -4.28
C THR A 44 -7.84 0.16 -5.63
N ASP A 45 -6.73 -0.03 -6.32
CA ASP A 45 -6.72 -0.79 -7.57
C ASP A 45 -6.47 -2.27 -7.28
N ALA A 46 -7.01 -3.14 -8.13
CA ALA A 46 -7.01 -4.58 -7.90
C ALA A 46 -5.62 -5.15 -7.62
N GLU A 47 -4.75 -5.05 -8.61
CA GLU A 47 -3.43 -5.65 -8.52
C GLU A 47 -2.52 -4.83 -7.60
N THR A 48 -2.68 -3.52 -7.65
CA THR A 48 -1.84 -2.62 -6.90
C THR A 48 -1.96 -2.85 -5.40
N SER A 49 -3.17 -2.76 -4.88
CA SER A 49 -3.40 -2.89 -3.45
C SER A 49 -2.95 -4.25 -2.95
N LYS A 50 -3.23 -5.28 -3.74
CA LYS A 50 -2.87 -6.64 -3.39
C LYS A 50 -1.36 -6.78 -3.28
N LEU A 51 -0.65 -6.18 -4.23
CA LEU A 51 0.80 -6.23 -4.22
C LEU A 51 1.40 -5.32 -3.16
N ILE A 52 0.71 -4.22 -2.85
CA ILE A 52 1.12 -3.37 -1.74
C ILE A 52 1.03 -4.14 -0.42
N TYR A 53 -0.07 -4.85 -0.21
CA TYR A 53 -0.20 -5.65 0.99
C TYR A 53 0.80 -6.80 0.97
N ASP A 54 0.98 -7.40 -0.20
CA ASP A 54 1.99 -8.43 -0.41
C ASP A 54 3.37 -7.89 -0.04
N PHE A 55 3.57 -6.63 -0.37
CA PHE A 55 4.78 -5.90 -0.01
C PHE A 55 4.93 -5.86 1.51
N ILE A 56 3.89 -5.39 2.18
CA ILE A 56 3.86 -5.27 3.63
C ILE A 56 4.14 -6.62 4.28
N GLU A 57 3.53 -7.67 3.73
CA GLU A 57 3.79 -9.04 4.15
C GLU A 57 5.28 -9.37 4.01
N ASP A 58 5.82 -9.10 2.83
CA ASP A 58 7.22 -9.41 2.50
C ASP A 58 8.19 -8.70 3.44
N GLN A 59 7.81 -7.52 3.92
CA GLN A 59 8.68 -6.74 4.80
C GLN A 59 8.76 -7.38 6.19
N GLY A 60 7.85 -8.30 6.47
CA GLY A 60 7.81 -8.93 7.77
C GLY A 60 6.50 -8.69 8.49
N GLY A 61 5.54 -8.11 7.78
CA GLY A 61 4.22 -7.91 8.34
C GLY A 61 3.88 -6.43 8.51
N LEU A 62 2.70 -6.17 9.05
CA LEU A 62 2.18 -4.81 9.16
C LEU A 62 3.09 -3.91 10.00
N GLU A 63 3.65 -4.46 11.07
CA GLU A 63 4.50 -3.69 11.98
C GLU A 63 5.78 -3.24 11.29
N ALA A 64 6.28 -4.04 10.35
CA ALA A 64 7.56 -3.78 9.72
C ALA A 64 7.55 -2.44 8.98
N VAL A 65 6.60 -2.29 8.06
CA VAL A 65 6.55 -1.12 7.18
C VAL A 65 6.42 0.17 7.98
N ARG A 66 5.69 0.07 9.07
CA ARG A 66 5.48 1.22 9.95
C ARG A 66 6.78 1.65 10.63
N GLN A 67 7.65 0.68 10.89
CA GLN A 67 8.87 0.94 11.63
C GLN A 67 10.06 1.22 10.72
N GLU A 68 10.03 0.67 9.49
CA GLU A 68 11.16 0.82 8.58
C GLU A 68 11.39 2.28 8.21
N MET A 69 10.37 3.11 8.45
CA MET A 69 10.50 4.55 8.29
C MET A 69 11.71 5.09 9.05
N ARG A 70 11.95 4.51 10.22
CA ARG A 70 13.05 4.89 11.09
C ARG A 70 13.98 3.71 11.31
N ARG A 71 13.83 2.68 10.49
CA ARG A 71 14.63 1.47 10.61
C ARG A 71 15.67 1.40 9.52
N GLN A 72 15.21 1.52 8.27
CA GLN A 72 16.05 1.41 7.09
C GLN A 72 16.73 0.04 7.08
N GLY B 1 18.72 2.64 -7.15
CA GLY B 1 17.85 2.80 -5.96
C GLY B 1 17.13 4.14 -5.95
N HIS B 2 15.93 4.16 -5.39
CA HIS B 2 15.18 5.40 -5.23
C HIS B 2 15.74 6.15 -4.03
N MET B 3 15.82 7.45 -4.11
CA MET B 3 16.44 8.23 -3.06
C MET B 3 15.48 8.53 -1.92
N LEU B 4 15.04 7.47 -1.27
CA LEU B 4 14.19 7.58 -0.09
C LEU B 4 14.87 6.91 1.09
N PRO B 5 14.78 7.52 2.27
CA PRO B 5 15.49 7.06 3.45
C PRO B 5 14.69 6.08 4.30
N ASP B 6 13.69 5.45 3.70
CA ASP B 6 12.85 4.52 4.42
C ASP B 6 12.21 3.49 3.48
N VAL B 7 11.25 2.76 3.99
CA VAL B 7 10.62 1.65 3.27
C VAL B 7 9.82 2.13 2.04
N ALA B 8 9.52 3.41 1.97
CA ALA B 8 8.76 3.97 0.85
C ALA B 8 9.37 3.60 -0.51
N GLN B 9 10.68 3.72 -0.62
CA GLN B 9 11.39 3.42 -1.87
C GLN B 9 11.20 1.96 -2.25
N ARG B 10 11.07 1.13 -1.23
CA ARG B 10 11.00 -0.30 -1.39
C ARG B 10 9.67 -0.70 -2.02
N LEU B 11 8.70 0.20 -1.96
CA LEU B 11 7.37 -0.09 -2.46
C LEU B 11 7.31 0.22 -3.94
N MET B 12 8.01 1.28 -4.34
CA MET B 12 8.06 1.67 -5.75
C MET B 12 8.56 0.50 -6.58
N GLN B 13 9.58 -0.18 -6.06
CA GLN B 13 10.16 -1.35 -6.71
C GLN B 13 9.13 -2.47 -6.82
N HIS B 14 8.50 -2.78 -5.69
CA HIS B 14 7.62 -3.94 -5.59
C HIS B 14 6.43 -3.83 -6.54
N LEU B 15 6.06 -2.61 -6.86
CA LEU B 15 4.97 -2.37 -7.79
C LEU B 15 5.49 -2.35 -9.23
N ALA B 16 6.54 -1.56 -9.44
CA ALA B 16 7.10 -1.37 -10.78
C ALA B 16 7.59 -2.66 -11.40
N GLU B 17 8.07 -3.58 -10.56
CA GLU B 17 8.67 -4.83 -11.04
C GLU B 17 7.65 -5.79 -11.64
N HIS B 18 6.36 -5.61 -11.30
CA HIS B 18 5.34 -6.57 -11.71
C HIS B 18 4.53 -6.09 -12.91
N GLY B 19 3.84 -4.98 -12.73
CA GLY B 19 2.93 -4.48 -13.75
C GLY B 19 1.71 -3.86 -13.13
N ILE B 20 1.92 -2.78 -12.39
CA ILE B 20 0.89 -2.18 -11.57
C ILE B 20 0.08 -1.12 -12.31
N GLN B 21 -1.19 -1.00 -11.94
CA GLN B 21 -2.07 0.03 -12.46
C GLN B 21 -2.04 1.24 -11.54
N PRO B 22 -1.30 2.29 -11.93
CA PRO B 22 -1.16 3.51 -11.12
C PRO B 22 -2.42 4.36 -11.13
N ALA B 23 -2.47 5.31 -10.19
CA ALA B 23 -3.63 6.19 -10.03
C ALA B 23 -3.70 7.24 -11.13
N ARG B 24 -2.84 7.08 -12.12
CA ARG B 24 -2.79 8.01 -13.25
C ARG B 24 -2.94 7.25 -14.56
N ASN B 25 -4.18 6.99 -14.95
CA ASN B 25 -4.49 6.31 -16.20
C ASN B 25 -5.99 6.32 -16.44
N MET B 26 -6.75 6.18 -15.35
CA MET B 26 -8.20 6.27 -15.39
C MET B 26 -8.68 7.17 -14.25
N ALA B 27 -9.58 8.07 -14.57
CA ALA B 27 -10.15 8.96 -13.55
C ALA B 27 -11.36 8.30 -12.92
N GLU B 28 -11.23 7.93 -11.64
CA GLU B 28 -12.26 7.20 -10.91
C GLU B 28 -12.36 5.76 -11.44
N HIS B 29 -12.49 4.81 -10.54
CA HIS B 29 -12.51 3.41 -10.93
C HIS B 29 -13.88 3.02 -11.49
N ILE B 30 -14.07 3.33 -12.77
CA ILE B 30 -15.27 2.96 -13.49
C ILE B 30 -15.19 1.49 -13.91
N PRO B 31 -16.18 0.68 -13.50
CA PRO B 31 -16.22 -0.74 -13.86
C PRO B 31 -16.31 -0.94 -15.37
N PRO B 32 -15.31 -1.63 -15.95
CA PRO B 32 -15.25 -1.90 -17.40
C PRO B 32 -16.39 -2.79 -17.86
N ALA B 33 -17.12 -2.32 -18.86
CA ALA B 33 -18.20 -3.09 -19.43
C ALA B 33 -17.66 -4.15 -20.37
N PRO B 34 -18.12 -5.41 -20.22
CA PRO B 34 -17.71 -6.51 -21.08
C PRO B 34 -18.36 -6.43 -22.46
N ASN B 35 -18.01 -5.38 -23.20
CA ASN B 35 -18.61 -5.13 -24.51
C ASN B 35 -17.87 -5.94 -25.59
N TRP B 36 -17.79 -7.24 -25.37
CA TRP B 36 -17.19 -8.13 -26.35
C TRP B 36 -17.95 -9.45 -26.38
N GLY A 1 2.29 -8.30 25.89
CA GLY A 1 1.44 -7.27 25.25
C GLY A 1 0.16 -7.87 24.69
N HIS A 2 -0.97 -7.27 25.02
CA HIS A 2 -2.26 -7.76 24.55
C HIS A 2 -2.55 -7.26 23.13
N MET A 3 -1.68 -7.64 22.19
CA MET A 3 -1.83 -7.26 20.78
C MET A 3 -1.93 -5.74 20.66
N SER A 4 -0.88 -5.05 21.08
CA SER A 4 -0.81 -3.60 21.00
C SER A 4 -0.55 -3.16 19.57
N GLY A 5 -1.61 -2.89 18.83
CA GLY A 5 -1.50 -2.52 17.44
C GLY A 5 -2.11 -3.57 16.54
N PHE A 6 -2.33 -3.22 15.28
CA PHE A 6 -2.93 -4.15 14.33
C PHE A 6 -1.96 -5.26 13.94
N LYS A 7 -0.70 -5.10 14.36
CA LYS A 7 0.32 -6.16 14.32
C LYS A 7 0.36 -6.90 12.99
N HIS A 8 -0.40 -7.99 12.90
CA HIS A 8 -0.52 -8.76 11.69
C HIS A 8 -1.84 -9.52 11.70
N VAL A 9 -2.95 -8.80 11.77
CA VAL A 9 -4.27 -9.42 11.79
C VAL A 9 -4.64 -9.83 10.37
N SER A 10 -3.90 -9.26 9.42
CA SER A 10 -4.03 -9.57 8.00
C SER A 10 -5.38 -9.12 7.46
N HIS A 11 -6.01 -8.21 8.20
CA HIS A 11 -7.24 -7.59 7.73
C HIS A 11 -6.91 -6.23 7.15
N VAL A 12 -6.17 -5.44 7.94
CA VAL A 12 -5.52 -4.21 7.48
C VAL A 12 -6.51 -3.16 6.92
N GLY A 13 -7.81 -3.45 7.02
CA GLY A 13 -8.79 -2.61 6.35
C GLY A 13 -8.67 -2.73 4.84
N TRP A 14 -8.21 -3.88 4.38
CA TRP A 14 -7.87 -4.10 2.99
C TRP A 14 -8.78 -5.17 2.38
N ASP A 15 -9.16 -4.96 1.12
CA ASP A 15 -9.92 -5.95 0.37
C ASP A 15 -9.15 -6.29 -0.90
N PRO A 16 -9.02 -7.60 -1.20
CA PRO A 16 -8.24 -8.11 -2.33
C PRO A 16 -8.58 -7.47 -3.67
N GLN A 17 -9.80 -6.98 -3.84
CA GLN A 17 -10.20 -6.34 -5.09
C GLN A 17 -10.28 -4.82 -4.94
N ASN A 18 -11.02 -4.36 -3.94
CA ASN A 18 -11.28 -2.93 -3.77
C ASN A 18 -10.07 -2.20 -3.23
N GLY A 19 -9.14 -2.95 -2.65
CA GLY A 19 -7.91 -2.35 -2.17
C GLY A 19 -8.02 -1.90 -0.73
N PHE A 20 -7.16 -0.96 -0.37
CA PHE A 20 -7.14 -0.40 0.97
C PHE A 20 -8.26 0.61 1.13
N ASP A 21 -8.92 0.60 2.28
CA ASP A 21 -9.95 1.58 2.55
C ASP A 21 -9.29 2.93 2.85
N VAL A 22 -9.38 3.83 1.89
CA VAL A 22 -8.66 5.10 1.97
C VAL A 22 -9.33 6.07 2.94
N ASN A 23 -10.44 5.67 3.53
CA ASN A 23 -11.10 6.47 4.55
C ASN A 23 -10.58 6.06 5.93
N ASN A 24 -10.26 4.79 6.09
CA ASN A 24 -9.74 4.28 7.35
C ASN A 24 -8.28 3.84 7.23
N LEU A 25 -7.54 4.54 6.38
CA LEU A 25 -6.11 4.28 6.24
C LEU A 25 -5.37 4.71 7.49
N ASP A 26 -4.64 3.78 8.09
CA ASP A 26 -3.83 4.07 9.27
C ASP A 26 -2.73 5.07 8.95
N PRO A 27 -2.47 6.01 9.87
CA PRO A 27 -1.51 7.11 9.68
C PRO A 27 -0.22 6.70 8.98
N ASP A 28 0.44 5.68 9.51
CA ASP A 28 1.73 5.22 8.97
C ASP A 28 1.59 4.70 7.54
N LEU A 29 0.62 3.83 7.30
CA LEU A 29 0.34 3.34 5.96
C LEU A 29 0.06 4.51 5.01
N ARG A 30 -0.79 5.42 5.48
CA ARG A 30 -1.21 6.57 4.69
C ARG A 30 -0.01 7.44 4.35
N SER A 31 0.94 7.51 5.28
CA SER A 31 2.18 8.23 5.07
C SER A 31 3.02 7.52 4.02
N LEU A 32 3.21 6.22 4.23
CA LEU A 32 4.06 5.39 3.40
C LEU A 32 3.64 5.41 1.93
N PHE A 33 2.39 5.03 1.69
CA PHE A 33 1.91 4.81 0.34
C PHE A 33 2.03 6.08 -0.50
N SER A 34 1.76 7.20 0.13
CA SER A 34 1.86 8.48 -0.54
C SER A 34 3.32 8.80 -0.91
N ARG A 35 4.26 8.40 -0.04
CA ARG A 35 5.68 8.56 -0.33
C ARG A 35 6.09 7.66 -1.47
N ALA A 36 5.54 6.46 -1.47
CA ALA A 36 5.90 5.40 -2.40
C ALA A 36 5.40 5.72 -3.83
N GLY A 37 4.54 6.72 -3.94
CA GLY A 37 4.02 7.11 -5.23
C GLY A 37 2.64 6.53 -5.48
N ILE A 38 2.17 5.77 -4.52
CA ILE A 38 0.86 5.16 -4.60
C ILE A 38 -0.22 6.18 -4.23
N SER A 39 -0.92 6.66 -5.25
CA SER A 39 -2.03 7.56 -5.03
C SER A 39 -3.18 6.83 -4.35
N GLU A 40 -4.10 7.55 -3.71
CA GLU A 40 -5.25 6.93 -3.06
C GLU A 40 -6.02 6.03 -4.04
N ALA A 41 -6.12 6.47 -5.29
CA ALA A 41 -6.77 5.68 -6.32
C ALA A 41 -6.00 4.39 -6.55
N GLN A 42 -4.68 4.49 -6.56
CA GLN A 42 -3.81 3.34 -6.81
C GLN A 42 -3.93 2.33 -5.67
N LEU A 43 -4.25 2.80 -4.49
CA LEU A 43 -4.47 1.94 -3.33
C LEU A 43 -5.75 1.14 -3.48
N THR A 44 -6.62 1.60 -4.37
CA THR A 44 -7.87 0.91 -4.64
C THR A 44 -7.84 0.23 -6.01
N ASP A 45 -6.64 0.13 -6.59
CA ASP A 45 -6.44 -0.63 -7.82
C ASP A 45 -6.08 -2.08 -7.47
N ALA A 46 -6.70 -3.02 -8.17
CA ALA A 46 -6.64 -4.44 -7.82
C ALA A 46 -5.21 -4.96 -7.67
N GLU A 47 -4.50 -5.06 -8.79
CA GLU A 47 -3.18 -5.67 -8.80
C GLU A 47 -2.21 -4.88 -7.93
N THR A 48 -2.35 -3.56 -7.96
CA THR A 48 -1.51 -2.69 -7.18
C THR A 48 -1.66 -2.96 -5.69
N SER A 49 -2.90 -2.89 -5.22
CA SER A 49 -3.19 -2.99 -3.81
C SER A 49 -2.76 -4.33 -3.24
N LYS A 50 -3.03 -5.39 -3.99
CA LYS A 50 -2.67 -6.73 -3.54
C LYS A 50 -1.16 -6.89 -3.44
N LEU A 51 -0.44 -6.30 -4.38
CA LEU A 51 1.01 -6.37 -4.39
C LEU A 51 1.61 -5.47 -3.31
N ILE A 52 0.89 -4.41 -2.94
CA ILE A 52 1.28 -3.60 -1.80
C ILE A 52 1.17 -4.43 -0.51
N TYR A 53 0.07 -5.17 -0.39
CA TYR A 53 -0.11 -6.04 0.76
C TYR A 53 0.95 -7.15 0.74
N ASP A 54 1.16 -7.71 -0.44
CA ASP A 54 2.21 -8.70 -0.67
C ASP A 54 3.57 -8.13 -0.24
N PHE A 55 3.72 -6.83 -0.46
CA PHE A 55 4.91 -6.08 -0.06
C PHE A 55 5.03 -6.02 1.46
N ILE A 56 3.95 -5.61 2.11
CA ILE A 56 3.91 -5.50 3.56
C ILE A 56 4.22 -6.86 4.21
N GLU A 57 3.62 -7.90 3.64
CA GLU A 57 3.91 -9.27 4.04
C GLU A 57 5.41 -9.56 3.93
N ASP A 58 5.96 -9.26 2.76
CA ASP A 58 7.37 -9.48 2.45
C ASP A 58 8.29 -8.76 3.44
N GLN A 59 7.85 -7.62 3.95
CA GLN A 59 8.66 -6.84 4.88
C GLN A 59 8.62 -7.43 6.28
N GLY A 60 7.70 -8.36 6.50
CA GLY A 60 7.60 -9.00 7.81
C GLY A 60 6.26 -8.78 8.46
N GLY A 61 5.40 -8.06 7.76
CA GLY A 61 4.08 -7.77 8.28
C GLY A 61 3.86 -6.29 8.47
N LEU A 62 2.82 -5.92 9.21
CA LEU A 62 2.39 -4.53 9.27
C LEU A 62 3.28 -3.71 10.20
N GLU A 63 3.60 -4.27 11.36
CA GLU A 63 4.40 -3.57 12.37
C GLU A 63 5.77 -3.22 11.82
N ALA A 64 6.33 -4.12 11.03
CA ALA A 64 7.63 -3.91 10.42
C ALA A 64 7.61 -2.64 9.59
N VAL A 65 6.64 -2.56 8.68
CA VAL A 65 6.54 -1.44 7.75
C VAL A 65 6.42 -0.11 8.50
N ARG A 66 5.67 -0.13 9.59
CA ARG A 66 5.48 1.06 10.42
C ARG A 66 6.82 1.55 10.97
N GLN A 67 7.71 0.62 11.27
CA GLN A 67 8.95 0.93 11.94
C GLN A 67 10.09 1.13 10.94
N GLU A 68 9.94 0.58 9.73
CA GLU A 68 10.98 0.73 8.69
C GLU A 68 11.28 2.20 8.42
N MET A 69 10.31 3.05 8.73
CA MET A 69 10.47 4.49 8.55
C MET A 69 11.66 5.03 9.35
N ARG A 70 12.00 4.31 10.41
CA ARG A 70 13.14 4.66 11.26
C ARG A 70 14.10 3.48 11.39
N ARG A 71 13.93 2.48 10.55
CA ARG A 71 14.67 1.24 10.66
C ARG A 71 15.42 0.93 9.37
N GLN A 72 14.68 0.89 8.28
CA GLN A 72 15.26 0.54 6.98
C GLN A 72 16.06 1.72 6.43
N GLY B 1 20.02 2.16 -0.95
CA GLY B 1 18.63 2.70 -0.92
C GLY B 1 18.04 2.81 -2.31
N HIS B 2 16.91 3.48 -2.44
CA HIS B 2 16.28 3.70 -3.73
C HIS B 2 15.96 5.17 -3.94
N MET B 3 14.87 5.64 -3.32
CA MET B 3 14.46 7.03 -3.43
C MET B 3 14.19 7.62 -2.06
N LEU B 4 12.98 7.39 -1.58
CA LEU B 4 12.57 7.82 -0.24
C LEU B 4 13.47 7.18 0.82
N PRO B 5 13.70 7.87 1.93
CA PRO B 5 14.65 7.43 2.96
C PRO B 5 14.06 6.43 3.94
N ASP B 6 13.09 5.67 3.47
CA ASP B 6 12.42 4.68 4.30
C ASP B 6 11.86 3.56 3.44
N VAL B 7 11.02 2.72 4.05
CA VAL B 7 10.42 1.58 3.37
C VAL B 7 9.70 1.98 2.07
N ALA B 8 9.26 3.23 1.98
CA ALA B 8 8.57 3.73 0.78
C ALA B 8 9.38 3.54 -0.50
N GLN B 9 10.70 3.51 -0.37
CA GLN B 9 11.58 3.30 -1.53
C GLN B 9 11.46 1.87 -2.03
N ARG B 10 11.23 0.96 -1.10
CA ARG B 10 11.19 -0.45 -1.39
C ARG B 10 9.86 -0.79 -2.07
N LEU B 11 8.88 0.07 -1.82
CA LEU B 11 7.56 -0.10 -2.39
C LEU B 11 7.56 0.27 -3.87
N MET B 12 8.23 1.37 -4.19
CA MET B 12 8.29 1.85 -5.58
C MET B 12 8.78 0.74 -6.49
N GLN B 13 9.88 0.13 -6.10
CA GLN B 13 10.48 -0.95 -6.89
C GLN B 13 9.54 -2.14 -6.95
N HIS B 14 9.02 -2.55 -5.79
CA HIS B 14 8.23 -3.78 -5.68
C HIS B 14 7.03 -3.79 -6.63
N LEU B 15 6.47 -2.62 -6.87
CA LEU B 15 5.33 -2.49 -7.77
C LEU B 15 5.81 -2.47 -9.22
N ALA B 16 6.74 -1.59 -9.50
CA ALA B 16 7.27 -1.39 -10.85
C ALA B 16 7.88 -2.66 -11.43
N GLU B 17 8.34 -3.56 -10.56
CA GLU B 17 8.95 -4.82 -10.99
C GLU B 17 7.96 -5.73 -11.72
N HIS B 18 6.66 -5.56 -11.46
CA HIS B 18 5.67 -6.46 -12.03
C HIS B 18 4.91 -5.82 -13.18
N GLY B 19 4.00 -4.90 -12.87
CA GLY B 19 3.24 -4.23 -13.91
C GLY B 19 1.99 -3.55 -13.38
N ILE B 20 2.16 -2.84 -12.27
CA ILE B 20 1.07 -2.11 -11.64
C ILE B 20 0.47 -1.06 -12.56
N GLN B 21 -0.85 -1.00 -12.58
CA GLN B 21 -1.57 0.07 -13.25
C GLN B 21 -1.80 1.20 -12.24
N PRO B 22 -0.98 2.25 -12.30
CA PRO B 22 -0.89 3.21 -11.22
C PRO B 22 -1.95 4.31 -11.23
N ALA B 23 -2.86 4.22 -10.26
CA ALA B 23 -3.73 5.32 -9.83
C ALA B 23 -4.72 5.80 -10.88
N ARG B 24 -4.18 6.42 -11.92
CA ARG B 24 -4.95 7.17 -12.92
C ARG B 24 -5.34 8.54 -12.37
N ASN B 25 -5.24 8.68 -11.04
CA ASN B 25 -5.46 9.94 -10.33
C ASN B 25 -6.93 10.36 -10.29
N MET B 26 -7.62 10.18 -11.40
CA MET B 26 -9.04 10.48 -11.49
C MET B 26 -9.83 9.45 -10.68
N ALA B 27 -10.96 9.87 -10.13
CA ALA B 27 -11.77 8.99 -9.31
C ALA B 27 -12.66 8.10 -10.16
N GLU B 28 -12.04 7.26 -10.97
CA GLU B 28 -12.76 6.30 -11.78
C GLU B 28 -13.28 5.18 -10.90
N HIS B 29 -12.63 5.00 -9.75
CA HIS B 29 -13.14 4.11 -8.72
C HIS B 29 -14.18 4.88 -7.92
N ILE B 30 -15.45 4.55 -8.12
CA ILE B 30 -16.54 5.32 -7.54
C ILE B 30 -16.53 5.27 -6.02
N PRO B 31 -16.39 6.44 -5.37
CA PRO B 31 -16.41 6.55 -3.92
C PRO B 31 -17.76 6.10 -3.35
N PRO B 32 -17.73 5.14 -2.40
CA PRO B 32 -18.94 4.60 -1.78
C PRO B 32 -19.76 5.68 -1.08
N ALA B 33 -21.07 5.47 -1.02
CA ALA B 33 -21.97 6.39 -0.37
C ALA B 33 -21.61 6.55 1.11
N PRO B 34 -21.35 7.79 1.55
CA PRO B 34 -20.95 8.08 2.93
C PRO B 34 -22.05 7.74 3.94
N ASN B 35 -21.66 6.99 4.96
CA ASN B 35 -22.59 6.62 6.02
C ASN B 35 -22.57 7.66 7.15
N TRP B 36 -22.23 8.88 6.79
CA TRP B 36 -22.14 9.96 7.76
C TRP B 36 -23.25 10.98 7.52
N GLY A 1 -3.23 -8.77 23.12
CA GLY A 1 -3.15 -10.00 22.31
C GLY A 1 -1.81 -10.16 21.64
N HIS A 2 -1.13 -11.25 21.93
CA HIS A 2 0.20 -11.49 21.36
C HIS A 2 0.10 -12.37 20.12
N MET A 3 0.17 -11.73 18.97
CA MET A 3 0.16 -12.45 17.70
C MET A 3 1.59 -12.65 17.22
N SER A 4 2.21 -11.55 16.81
CA SER A 4 3.58 -11.54 16.32
C SER A 4 3.93 -10.17 15.73
N GLY A 5 2.97 -9.60 15.02
CA GLY A 5 3.19 -8.36 14.30
C GLY A 5 3.25 -8.63 12.82
N PHE A 6 3.48 -9.90 12.49
CA PHE A 6 3.54 -10.37 11.11
C PHE A 6 2.14 -10.57 10.57
N LYS A 7 1.63 -9.54 9.91
CA LYS A 7 0.27 -9.56 9.32
C LYS A 7 -0.79 -9.57 10.42
N HIS A 8 -2.00 -9.15 10.06
CA HIS A 8 -3.11 -9.20 10.99
C HIS A 8 -4.33 -9.78 10.29
N VAL A 9 -5.30 -10.23 11.08
CA VAL A 9 -6.34 -11.13 10.60
C VAL A 9 -7.51 -10.36 10.02
N SER A 10 -7.58 -9.09 10.37
CA SER A 10 -8.59 -8.20 9.83
C SER A 10 -8.31 -7.89 8.37
N HIS A 11 -7.16 -8.38 7.89
CA HIS A 11 -6.62 -8.01 6.59
C HIS A 11 -6.31 -6.52 6.60
N VAL A 12 -6.13 -6.01 7.82
CA VAL A 12 -5.85 -4.59 8.06
C VAL A 12 -7.00 -3.68 7.60
N GLY A 13 -7.13 -3.52 6.29
CA GLY A 13 -8.20 -2.73 5.72
C GLY A 13 -8.22 -2.91 4.21
N TRP A 14 -7.71 -4.04 3.76
CA TRP A 14 -7.55 -4.31 2.34
C TRP A 14 -8.51 -5.38 1.85
N ASP A 15 -9.12 -5.12 0.71
CA ASP A 15 -9.97 -6.10 0.04
C ASP A 15 -9.37 -6.47 -1.29
N PRO A 16 -9.33 -7.80 -1.56
CA PRO A 16 -8.71 -8.39 -2.75
C PRO A 16 -8.99 -7.67 -4.07
N GLN A 17 -10.22 -7.21 -4.26
CA GLN A 17 -10.60 -6.56 -5.50
C GLN A 17 -10.73 -5.05 -5.36
N ASN A 18 -11.08 -4.60 -4.16
CA ASN A 18 -11.40 -3.19 -3.95
C ASN A 18 -10.22 -2.39 -3.40
N GLY A 19 -9.22 -3.08 -2.90
CA GLY A 19 -8.03 -2.42 -2.40
C GLY A 19 -8.16 -1.99 -0.95
N PHE A 20 -7.30 -1.08 -0.53
CA PHE A 20 -7.33 -0.55 0.82
C PHE A 20 -8.43 0.50 0.93
N ASP A 21 -8.99 0.64 2.12
CA ASP A 21 -9.91 1.74 2.36
C ASP A 21 -9.11 2.97 2.76
N VAL A 22 -9.14 3.99 1.92
CA VAL A 22 -8.32 5.18 2.10
C VAL A 22 -8.88 6.11 3.15
N ASN A 23 -10.05 5.75 3.69
CA ASN A 23 -10.64 6.50 4.78
C ASN A 23 -10.11 5.98 6.12
N ASN A 24 -10.13 4.67 6.29
CA ASN A 24 -9.59 4.03 7.49
C ASN A 24 -8.18 3.52 7.25
N LEU A 25 -7.35 4.34 6.63
CA LEU A 25 -5.96 4.00 6.42
C LEU A 25 -5.14 4.29 7.67
N ASP A 26 -4.48 3.26 8.18
CA ASP A 26 -3.56 3.41 9.31
C ASP A 26 -2.54 4.50 8.98
N PRO A 27 -2.37 5.45 9.92
CA PRO A 27 -1.53 6.65 9.75
C PRO A 27 -0.12 6.35 9.23
N ASP A 28 0.43 5.21 9.65
CA ASP A 28 1.76 4.82 9.21
C ASP A 28 1.71 4.32 7.77
N LEU A 29 0.72 3.48 7.47
CA LEU A 29 0.51 3.02 6.11
C LEU A 29 0.29 4.20 5.18
N ARG A 30 -0.57 5.12 5.61
CA ARG A 30 -0.88 6.32 4.83
C ARG A 30 0.39 7.15 4.59
N SER A 31 1.22 7.26 5.63
CA SER A 31 2.50 7.95 5.51
C SER A 31 3.35 7.30 4.42
N LEU A 32 3.45 5.97 4.48
CA LEU A 32 4.25 5.20 3.55
C LEU A 32 3.74 5.33 2.12
N PHE A 33 2.51 4.93 1.91
CA PHE A 33 1.97 4.81 0.57
C PHE A 33 1.99 6.15 -0.15
N SER A 34 1.80 7.22 0.63
CA SER A 34 1.84 8.57 0.08
C SER A 34 3.26 8.92 -0.39
N ARG A 35 4.27 8.43 0.33
CA ARG A 35 5.67 8.64 -0.05
C ARG A 35 5.99 7.85 -1.30
N ALA A 36 5.36 6.68 -1.43
CA ALA A 36 5.63 5.77 -2.53
C ALA A 36 5.00 6.23 -3.83
N GLY A 37 4.07 7.18 -3.74
CA GLY A 37 3.43 7.71 -4.92
C GLY A 37 2.09 7.07 -5.18
N ILE A 38 1.73 6.10 -4.35
CA ILE A 38 0.45 5.43 -4.44
C ILE A 38 -0.66 6.35 -3.91
N SER A 39 -1.52 6.80 -4.81
CA SER A 39 -2.60 7.71 -4.44
C SER A 39 -3.85 6.94 -4.03
N GLU A 40 -4.88 7.65 -3.57
CA GLU A 40 -6.12 7.04 -3.07
C GLU A 40 -6.69 6.05 -4.10
N ALA A 41 -6.78 6.51 -5.35
CA ALA A 41 -7.31 5.67 -6.42
C ALA A 41 -6.45 4.43 -6.62
N GLN A 42 -5.15 4.58 -6.47
CA GLN A 42 -4.23 3.48 -6.71
C GLN A 42 -4.24 2.50 -5.54
N LEU A 43 -4.55 3.00 -4.35
CA LEU A 43 -4.71 2.14 -3.20
C LEU A 43 -6.03 1.38 -3.28
N THR A 44 -6.91 1.82 -4.18
CA THR A 44 -8.19 1.14 -4.35
C THR A 44 -8.18 0.38 -5.67
N ASP A 45 -6.98 0.27 -6.25
CA ASP A 45 -6.77 -0.50 -7.46
C ASP A 45 -6.65 -1.99 -7.13
N ALA A 46 -6.80 -2.85 -8.13
CA ALA A 46 -6.79 -4.29 -7.88
C ALA A 46 -5.37 -4.82 -7.66
N GLU A 47 -4.56 -4.84 -8.71
CA GLU A 47 -3.23 -5.41 -8.61
C GLU A 47 -2.28 -4.51 -7.82
N THR A 48 -2.43 -3.18 -7.99
CA THR A 48 -1.63 -2.24 -7.23
C THR A 48 -1.73 -2.49 -5.71
N SER A 49 -2.96 -2.60 -5.20
CA SER A 49 -3.15 -2.69 -3.75
C SER A 49 -2.68 -4.04 -3.22
N LYS A 50 -2.93 -5.11 -3.97
CA LYS A 50 -2.58 -6.45 -3.53
C LYS A 50 -1.09 -6.56 -3.26
N LEU A 51 -0.29 -6.01 -4.15
CA LEU A 51 1.15 -6.09 -4.03
C LEU A 51 1.64 -5.31 -2.82
N ILE A 52 0.99 -4.20 -2.49
CA ILE A 52 1.34 -3.46 -1.31
C ILE A 52 1.11 -4.28 -0.04
N TYR A 53 -0.03 -4.95 0.03
CA TYR A 53 -0.34 -5.81 1.17
C TYR A 53 0.65 -6.96 1.26
N ASP A 54 0.94 -7.54 0.10
CA ASP A 54 1.96 -8.58 -0.03
C ASP A 54 3.33 -8.04 0.41
N PHE A 55 3.63 -6.82 -0.03
CA PHE A 55 4.84 -6.12 0.34
C PHE A 55 4.97 -6.00 1.85
N ILE A 56 3.88 -5.59 2.48
CA ILE A 56 3.84 -5.43 3.93
C ILE A 56 4.12 -6.74 4.64
N GLU A 57 3.50 -7.82 4.16
CA GLU A 57 3.75 -9.14 4.72
C GLU A 57 5.21 -9.56 4.50
N ASP A 58 5.74 -9.18 3.33
CA ASP A 58 7.10 -9.52 2.95
C ASP A 58 8.13 -8.88 3.89
N GLN A 59 7.78 -7.72 4.45
CA GLN A 59 8.69 -7.00 5.34
C GLN A 59 8.56 -7.50 6.78
N GLY A 60 7.49 -8.23 7.06
CA GLY A 60 7.28 -8.74 8.40
C GLY A 60 6.02 -8.20 9.04
N GLY A 61 5.18 -7.54 8.25
CA GLY A 61 3.92 -7.05 8.75
C GLY A 61 3.90 -5.55 8.92
N LEU A 62 2.72 -5.02 9.27
CA LEU A 62 2.50 -3.57 9.40
C LEU A 62 3.53 -2.94 10.32
N GLU A 63 3.64 -3.51 11.50
CA GLU A 63 4.42 -2.92 12.58
C GLU A 63 5.92 -3.00 12.30
N ALA A 64 6.32 -3.92 11.44
CA ALA A 64 7.71 -4.01 11.01
C ALA A 64 8.00 -2.93 9.97
N VAL A 65 7.01 -2.70 9.11
CA VAL A 65 7.09 -1.65 8.10
C VAL A 65 7.24 -0.28 8.76
N ARG A 66 6.56 -0.12 9.89
CA ARG A 66 6.65 1.11 10.68
C ARG A 66 8.08 1.36 11.11
N GLN A 67 8.79 0.28 11.44
CA GLN A 67 10.16 0.37 11.90
C GLN A 67 11.06 0.82 10.76
N GLU A 68 10.82 0.27 9.57
CA GLU A 68 11.58 0.60 8.37
C GLU A 68 11.68 2.10 8.17
N MET A 69 10.61 2.81 8.53
CA MET A 69 10.53 4.26 8.34
C MET A 69 11.67 5.00 9.02
N ARG A 70 12.04 4.52 10.19
CA ARG A 70 13.08 5.15 10.97
C ARG A 70 14.25 4.19 11.14
N ARG A 71 14.35 3.23 10.24
CA ARG A 71 15.39 2.22 10.33
C ARG A 71 16.03 1.97 8.96
N GLN A 72 15.22 1.50 8.02
CA GLN A 72 15.69 1.10 6.69
C GLN A 72 16.74 -0.01 6.81
N GLY B 1 15.66 8.16 -8.82
CA GLY B 1 14.27 8.61 -8.54
C GLY B 1 13.60 7.78 -7.46
N HIS B 2 14.36 7.37 -6.47
CA HIS B 2 13.83 6.63 -5.33
C HIS B 2 14.48 7.11 -4.04
N MET B 3 14.53 8.43 -3.87
CA MET B 3 15.21 9.02 -2.71
C MET B 3 14.34 8.94 -1.47
N LEU B 4 13.97 7.74 -1.09
CA LEU B 4 13.19 7.52 0.12
C LEU B 4 14.04 6.81 1.15
N PRO B 5 13.97 7.23 2.41
CA PRO B 5 14.74 6.66 3.49
C PRO B 5 13.99 5.55 4.24
N ASP B 6 13.05 4.92 3.55
CA ASP B 6 12.20 3.93 4.19
C ASP B 6 11.56 3.01 3.17
N VAL B 7 10.57 2.25 3.64
CA VAL B 7 9.79 1.32 2.83
C VAL B 7 9.35 1.90 1.48
N ALA B 8 9.07 3.21 1.44
CA ALA B 8 8.46 3.84 0.27
C ALA B 8 9.24 3.57 -1.03
N GLN B 9 10.57 3.68 -0.99
CA GLN B 9 11.37 3.43 -2.19
C GLN B 9 11.32 1.95 -2.55
N ARG B 10 11.25 1.14 -1.50
CA ARG B 10 11.23 -0.31 -1.61
C ARG B 10 9.86 -0.77 -2.11
N LEU B 11 8.88 0.12 -2.03
CA LEU B 11 7.52 -0.21 -2.39
C LEU B 11 7.26 0.18 -3.84
N MET B 12 7.85 1.30 -4.26
CA MET B 12 7.76 1.73 -5.65
C MET B 12 8.20 0.60 -6.57
N GLN B 13 9.36 0.03 -6.26
CA GLN B 13 9.91 -1.06 -7.05
C GLN B 13 9.01 -2.30 -6.98
N HIS B 14 8.40 -2.50 -5.82
CA HIS B 14 7.59 -3.67 -5.55
C HIS B 14 6.36 -3.71 -6.47
N LEU B 15 5.90 -2.54 -6.91
CA LEU B 15 4.79 -2.46 -7.86
C LEU B 15 5.30 -2.53 -9.29
N ALA B 16 6.25 -1.66 -9.60
CA ALA B 16 6.74 -1.47 -10.98
C ALA B 16 7.12 -2.78 -11.67
N GLU B 17 7.75 -3.68 -10.94
CA GLU B 17 8.25 -4.93 -11.52
C GLU B 17 7.12 -5.82 -12.06
N HIS B 18 5.89 -5.58 -11.60
CA HIS B 18 4.78 -6.45 -11.99
C HIS B 18 3.89 -5.81 -13.06
N GLY B 19 4.29 -4.65 -13.56
CA GLY B 19 3.50 -3.98 -14.58
C GLY B 19 2.29 -3.28 -14.00
N ILE B 20 2.35 -3.02 -12.70
CA ILE B 20 1.30 -2.33 -11.96
C ILE B 20 1.04 -0.95 -12.56
N GLN B 21 -0.21 -0.50 -12.46
CA GLN B 21 -0.59 0.78 -13.03
C GLN B 21 -0.09 1.92 -12.15
N PRO B 22 0.48 2.95 -12.77
CA PRO B 22 0.84 4.19 -12.07
C PRO B 22 -0.41 4.93 -11.60
N ALA B 23 -0.27 5.69 -10.52
CA ALA B 23 -1.37 6.48 -10.00
C ALA B 23 -1.77 7.58 -10.97
N ARG B 24 -2.61 7.22 -11.93
CA ARG B 24 -3.05 8.15 -12.96
C ARG B 24 -4.29 8.91 -12.51
N ASN B 25 -5.46 8.33 -12.78
CA ASN B 25 -6.74 8.97 -12.49
C ASN B 25 -7.87 8.08 -12.98
N MET B 26 -7.57 7.26 -13.99
CA MET B 26 -8.53 6.35 -14.61
C MET B 26 -9.34 5.59 -13.55
N ALA B 27 -10.64 5.86 -13.52
CA ALA B 27 -11.53 5.23 -12.56
C ALA B 27 -11.81 3.78 -12.95
N GLU B 28 -11.43 3.42 -14.16
CA GLU B 28 -11.61 2.06 -14.64
C GLU B 28 -10.59 1.12 -14.00
N HIS B 29 -10.95 0.56 -12.85
CA HIS B 29 -10.15 -0.49 -12.23
C HIS B 29 -10.85 -1.82 -12.44
N ILE B 30 -11.85 -1.80 -13.31
CA ILE B 30 -12.76 -2.92 -13.45
C ILE B 30 -12.64 -3.55 -14.83
N PRO B 31 -12.53 -4.89 -14.89
CA PRO B 31 -12.62 -5.63 -16.15
C PRO B 31 -14.01 -5.50 -16.75
N PRO B 32 -14.09 -5.10 -18.03
CA PRO B 32 -15.36 -4.90 -18.73
C PRO B 32 -16.29 -6.10 -18.62
N ALA B 33 -17.54 -5.84 -18.28
CA ALA B 33 -18.54 -6.89 -18.15
C ALA B 33 -18.91 -7.43 -19.52
N PRO B 34 -18.62 -8.72 -19.77
CA PRO B 34 -18.84 -9.34 -21.08
C PRO B 34 -20.33 -9.48 -21.41
N ASN B 35 -20.81 -8.59 -22.27
CA ASN B 35 -22.16 -8.71 -22.78
C ASN B 35 -22.11 -9.28 -24.18
N TRP B 36 -23.13 -10.02 -24.56
CA TRP B 36 -23.13 -10.72 -25.84
C TRP B 36 -24.22 -10.19 -26.74
N GLY A 1 14.71 -10.45 16.60
CA GLY A 1 14.00 -9.68 15.55
C GLY A 1 12.91 -8.81 16.11
N HIS A 2 11.83 -8.64 15.36
CA HIS A 2 10.69 -7.87 15.83
C HIS A 2 9.74 -8.78 16.61
N MET A 3 9.45 -8.43 17.84
CA MET A 3 8.62 -9.26 18.69
C MET A 3 7.20 -8.70 18.77
N SER A 4 6.55 -8.65 17.62
CA SER A 4 5.16 -8.27 17.54
C SER A 4 4.32 -9.53 17.34
N GLY A 5 3.47 -9.80 18.32
CA GLY A 5 2.72 -11.03 18.36
C GLY A 5 1.86 -11.29 17.14
N PHE A 6 1.23 -10.25 16.60
CA PHE A 6 0.38 -10.41 15.43
C PHE A 6 0.55 -9.24 14.46
N LYS A 7 1.17 -9.53 13.32
CA LYS A 7 1.42 -8.54 12.29
C LYS A 7 0.16 -8.23 11.48
N HIS A 8 -0.86 -9.04 11.66
CA HIS A 8 -2.10 -8.91 10.89
C HIS A 8 -3.32 -9.00 11.80
N VAL A 9 -3.60 -7.93 12.54
CA VAL A 9 -4.74 -7.92 13.45
C VAL A 9 -5.80 -6.91 13.01
N SER A 10 -5.35 -5.83 12.39
CA SER A 10 -6.24 -4.75 11.96
C SER A 10 -6.93 -5.08 10.63
N HIS A 11 -6.61 -6.27 10.08
CA HIS A 11 -7.01 -6.63 8.72
C HIS A 11 -6.38 -5.69 7.70
N VAL A 12 -5.49 -4.81 8.19
CA VAL A 12 -4.74 -3.87 7.37
C VAL A 12 -5.65 -2.77 6.77
N GLY A 13 -6.97 -2.98 6.87
CA GLY A 13 -7.91 -2.10 6.21
C GLY A 13 -7.90 -2.33 4.72
N TRP A 14 -7.55 -3.55 4.35
CA TRP A 14 -7.34 -3.91 2.96
C TRP A 14 -8.17 -5.12 2.57
N ASP A 15 -8.72 -5.09 1.36
CA ASP A 15 -9.42 -6.23 0.79
C ASP A 15 -8.80 -6.59 -0.54
N PRO A 16 -8.45 -7.87 -0.75
CA PRO A 16 -7.68 -8.33 -1.92
C PRO A 16 -8.12 -7.74 -3.25
N GLN A 17 -9.42 -7.71 -3.49
CA GLN A 17 -9.94 -7.28 -4.79
C GLN A 17 -10.51 -5.86 -4.73
N ASN A 18 -10.54 -5.27 -3.54
CA ASN A 18 -11.13 -3.95 -3.36
C ASN A 18 -10.06 -2.90 -3.11
N GLY A 19 -9.01 -3.28 -2.39
CA GLY A 19 -7.93 -2.37 -2.11
C GLY A 19 -7.90 -1.94 -0.66
N PHE A 20 -7.16 -0.86 -0.40
CA PHE A 20 -7.08 -0.29 0.93
C PHE A 20 -8.18 0.72 1.14
N ASP A 21 -8.86 0.63 2.26
CA ASP A 21 -9.90 1.59 2.60
C ASP A 21 -9.24 2.88 3.08
N VAL A 22 -8.79 3.69 2.14
CA VAL A 22 -8.07 4.95 2.40
C VAL A 22 -8.81 5.83 3.41
N ASN A 23 -10.12 5.69 3.49
CA ASN A 23 -10.92 6.46 4.45
C ASN A 23 -10.62 6.01 5.88
N ASN A 24 -10.48 4.71 6.06
CA ASN A 24 -10.17 4.12 7.36
C ASN A 24 -8.83 3.42 7.29
N LEU A 25 -7.90 4.10 6.65
CA LEU A 25 -6.60 3.55 6.34
C LEU A 25 -5.57 4.03 7.35
N ASP A 26 -4.77 3.10 7.85
CA ASP A 26 -3.80 3.34 8.93
C ASP A 26 -2.87 4.51 8.60
N PRO A 27 -2.70 5.42 9.56
CA PRO A 27 -1.89 6.65 9.43
C PRO A 27 -0.46 6.38 8.98
N ASP A 28 0.16 5.30 9.48
CA ASP A 28 1.53 4.99 9.09
C ASP A 28 1.58 4.49 7.66
N LEU A 29 0.57 3.71 7.27
CA LEU A 29 0.45 3.27 5.90
C LEU A 29 0.22 4.47 4.98
N ARG A 30 -0.64 5.38 5.42
CA ARG A 30 -0.91 6.61 4.70
C ARG A 30 0.39 7.37 4.46
N SER A 31 1.24 7.40 5.49
CA SER A 31 2.56 8.02 5.39
C SER A 31 3.37 7.35 4.28
N LEU A 32 3.40 6.03 4.31
CA LEU A 32 4.22 5.25 3.40
C LEU A 32 3.76 5.41 1.96
N PHE A 33 2.50 5.13 1.72
CA PHE A 33 1.95 5.07 0.38
C PHE A 33 2.08 6.42 -0.32
N SER A 34 1.90 7.50 0.42
CA SER A 34 2.04 8.85 -0.12
C SER A 34 3.48 9.09 -0.58
N ARG A 35 4.42 8.39 0.03
CA ARG A 35 5.82 8.52 -0.32
C ARG A 35 6.15 7.72 -1.58
N ALA A 36 5.51 6.57 -1.71
CA ALA A 36 5.76 5.66 -2.83
C ALA A 36 5.16 6.21 -4.12
N GLY A 37 4.10 6.98 -4.01
CA GLY A 37 3.42 7.48 -5.19
C GLY A 37 2.03 6.92 -5.32
N ILE A 38 1.69 6.03 -4.41
CA ILE A 38 0.38 5.41 -4.37
C ILE A 38 -0.71 6.44 -4.12
N SER A 39 -1.58 6.63 -5.10
CA SER A 39 -2.69 7.57 -4.99
C SER A 39 -3.91 6.91 -4.38
N GLU A 40 -4.98 7.68 -4.21
CA GLU A 40 -6.25 7.12 -3.80
C GLU A 40 -6.70 6.05 -4.78
N ALA A 41 -6.49 6.33 -6.08
CA ALA A 41 -6.87 5.41 -7.15
C ALA A 41 -6.04 4.15 -7.09
N GLN A 42 -4.81 4.28 -6.63
CA GLN A 42 -3.91 3.12 -6.51
C GLN A 42 -4.26 2.30 -5.28
N LEU A 43 -4.62 2.97 -4.20
CA LEU A 43 -5.04 2.27 -3.00
C LEU A 43 -6.33 1.52 -3.23
N THR A 44 -7.11 1.96 -4.21
CA THR A 44 -8.36 1.30 -4.54
C THR A 44 -8.21 0.54 -5.86
N ASP A 45 -6.96 0.36 -6.27
CA ASP A 45 -6.65 -0.41 -7.47
C ASP A 45 -6.44 -1.87 -7.10
N ALA A 46 -7.02 -2.78 -7.88
CA ALA A 46 -6.87 -4.22 -7.62
C ALA A 46 -5.42 -4.59 -7.53
N GLU A 47 -4.69 -4.27 -8.58
CA GLU A 47 -3.33 -4.72 -8.75
C GLU A 47 -2.42 -4.04 -7.76
N THR A 48 -2.43 -2.72 -7.78
CA THR A 48 -1.60 -1.93 -6.89
C THR A 48 -1.73 -2.37 -5.43
N SER A 49 -2.92 -2.21 -4.86
CA SER A 49 -3.13 -2.44 -3.42
C SER A 49 -2.78 -3.88 -3.01
N LYS A 50 -3.21 -4.84 -3.81
CA LYS A 50 -3.02 -6.25 -3.50
C LYS A 50 -1.54 -6.58 -3.41
N LEU A 51 -0.75 -5.99 -4.28
CA LEU A 51 0.68 -6.21 -4.29
C LEU A 51 1.38 -5.35 -3.24
N ILE A 52 0.78 -4.21 -2.91
CA ILE A 52 1.26 -3.42 -1.78
C ILE A 52 1.21 -4.23 -0.50
N TYR A 53 0.08 -4.88 -0.26
CA TYR A 53 -0.06 -5.71 0.93
C TYR A 53 0.95 -6.85 0.91
N ASP A 54 1.06 -7.51 -0.24
CA ASP A 54 2.04 -8.57 -0.43
C ASP A 54 3.44 -8.08 -0.08
N PHE A 55 3.68 -6.81 -0.41
CA PHE A 55 4.92 -6.14 -0.05
C PHE A 55 5.05 -5.99 1.46
N ILE A 56 4.00 -5.49 2.09
CA ILE A 56 3.99 -5.25 3.53
C ILE A 56 4.23 -6.53 4.32
N GLU A 57 3.68 -7.64 3.83
CA GLU A 57 3.86 -8.93 4.48
C GLU A 57 5.28 -9.43 4.25
N ASP A 58 5.92 -8.89 3.21
CA ASP A 58 7.28 -9.27 2.86
C ASP A 58 8.30 -8.73 3.88
N GLN A 59 8.01 -7.56 4.44
CA GLN A 59 8.86 -6.99 5.50
C GLN A 59 8.60 -7.70 6.83
N GLY A 60 7.45 -8.34 6.94
CA GLY A 60 7.10 -9.04 8.15
C GLY A 60 5.86 -8.49 8.82
N GLY A 61 5.02 -7.81 8.05
CA GLY A 61 3.74 -7.38 8.57
C GLY A 61 3.64 -5.87 8.74
N LEU A 62 2.51 -5.42 9.26
CA LEU A 62 2.24 -3.99 9.41
C LEU A 62 3.29 -3.31 10.28
N GLU A 63 3.49 -3.86 11.47
CA GLU A 63 4.39 -3.27 12.45
C GLU A 63 5.83 -3.21 11.93
N ALA A 64 6.20 -4.17 11.09
CA ALA A 64 7.54 -4.23 10.54
C ALA A 64 7.79 -3.05 9.60
N VAL A 65 6.79 -2.71 8.82
CA VAL A 65 6.87 -1.58 7.89
C VAL A 65 6.95 -0.26 8.66
N ARG A 66 6.34 -0.24 9.83
CA ARG A 66 6.37 0.92 10.70
C ARG A 66 7.77 1.09 11.28
N GLN A 67 8.49 -0.02 11.39
CA GLN A 67 9.88 0.01 11.83
C GLN A 67 10.77 0.57 10.73
N GLU A 68 10.42 0.26 9.49
CA GLU A 68 11.15 0.77 8.32
C GLU A 68 11.16 2.29 8.32
N MET A 69 10.15 2.88 8.94
CA MET A 69 10.04 4.33 9.07
C MET A 69 11.24 4.90 9.82
N ARG A 70 11.93 4.05 10.55
CA ARG A 70 13.14 4.44 11.28
C ARG A 70 14.30 3.54 10.86
N ARG A 71 14.13 2.84 9.75
CA ARG A 71 15.12 1.87 9.31
C ARG A 71 15.55 2.11 7.87
N GLN A 72 14.76 1.59 6.94
CA GLN A 72 15.15 1.47 5.54
C GLN A 72 16.33 0.49 5.44
N GLY B 1 15.45 5.95 -10.39
CA GLY B 1 16.15 5.21 -9.31
C GLY B 1 15.28 5.03 -8.09
N HIS B 2 15.80 4.37 -7.08
CA HIS B 2 15.07 4.19 -5.83
C HIS B 2 15.85 4.81 -4.69
N MET B 3 15.47 6.02 -4.33
CA MET B 3 16.12 6.72 -3.23
C MET B 3 15.09 7.44 -2.38
N LEU B 4 15.01 7.02 -1.12
CA LEU B 4 14.05 7.58 -0.19
C LEU B 4 14.44 7.11 1.21
N PRO B 5 14.14 7.90 2.26
CA PRO B 5 14.66 7.65 3.61
C PRO B 5 13.91 6.57 4.37
N ASP B 6 13.05 5.83 3.68
CA ASP B 6 12.25 4.81 4.33
C ASP B 6 11.85 3.70 3.36
N VAL B 7 10.96 2.85 3.82
CA VAL B 7 10.50 1.67 3.10
C VAL B 7 9.83 2.00 1.76
N ALA B 8 9.36 3.24 1.60
CA ALA B 8 8.63 3.66 0.39
C ALA B 8 9.39 3.35 -0.90
N GLN B 9 10.71 3.51 -0.89
CA GLN B 9 11.51 3.26 -2.09
C GLN B 9 11.45 1.78 -2.48
N ARG B 10 11.44 0.93 -1.46
CA ARG B 10 11.46 -0.50 -1.64
C ARG B 10 10.10 -0.98 -2.13
N LEU B 11 9.11 -0.11 -1.99
CA LEU B 11 7.74 -0.40 -2.36
C LEU B 11 7.49 0.00 -3.80
N MET B 12 8.10 1.11 -4.21
CA MET B 12 7.99 1.59 -5.59
C MET B 12 8.41 0.51 -6.56
N GLN B 13 9.47 -0.20 -6.20
CA GLN B 13 10.02 -1.24 -7.06
C GLN B 13 9.12 -2.48 -7.03
N HIS B 14 8.62 -2.80 -5.85
CA HIS B 14 7.82 -4.02 -5.65
C HIS B 14 6.60 -4.04 -6.58
N LEU B 15 6.03 -2.86 -6.83
CA LEU B 15 4.86 -2.76 -7.70
C LEU B 15 5.28 -2.67 -9.16
N ALA B 16 6.30 -1.87 -9.40
CA ALA B 16 6.81 -1.63 -10.75
C ALA B 16 7.19 -2.93 -11.46
N GLU B 17 7.68 -3.90 -10.69
CA GLU B 17 8.06 -5.21 -11.24
C GLU B 17 6.89 -5.90 -11.93
N HIS B 18 5.68 -5.65 -11.44
CA HIS B 18 4.51 -6.32 -11.96
C HIS B 18 3.82 -5.51 -13.06
N GLY B 19 3.42 -4.29 -12.73
CA GLY B 19 2.78 -3.45 -13.73
C GLY B 19 1.73 -2.53 -13.13
N ILE B 20 1.92 -2.14 -11.87
CA ILE B 20 1.02 -1.22 -11.20
C ILE B 20 0.87 0.08 -11.98
N GLN B 21 -0.36 0.59 -12.02
CA GLN B 21 -0.66 1.77 -12.79
C GLN B 21 -0.25 3.03 -12.03
N PRO B 22 0.69 3.81 -12.60
CA PRO B 22 1.28 4.96 -11.93
C PRO B 22 0.31 6.12 -11.78
N ALA B 23 0.30 6.72 -10.60
CA ALA B 23 -0.59 7.85 -10.31
C ALA B 23 0.00 8.73 -9.23
N ARG B 24 1.04 9.45 -9.59
CA ARG B 24 1.75 10.33 -8.66
C ARG B 24 0.99 11.65 -8.50
N ASN B 25 -0.32 11.54 -8.29
CA ASN B 25 -1.17 12.71 -8.16
C ASN B 25 -2.38 12.37 -7.30
N MET B 26 -2.89 13.35 -6.56
CA MET B 26 -4.02 13.12 -5.67
C MET B 26 -5.34 13.36 -6.39
N ALA B 27 -5.78 12.36 -7.15
CA ALA B 27 -7.04 12.45 -7.85
C ALA B 27 -8.16 11.79 -7.05
N GLU B 28 -8.89 12.60 -6.29
CA GLU B 28 -10.03 12.11 -5.53
C GLU B 28 -11.16 11.69 -6.46
N HIS B 29 -11.46 10.41 -6.48
CA HIS B 29 -12.48 9.89 -7.38
C HIS B 29 -13.68 9.39 -6.58
N ILE B 30 -14.78 9.18 -7.29
CA ILE B 30 -16.03 8.79 -6.65
C ILE B 30 -16.06 7.29 -6.40
N PRO B 31 -16.31 6.89 -5.14
CA PRO B 31 -16.48 5.49 -4.78
C PRO B 31 -17.80 4.94 -5.31
N PRO B 32 -17.74 3.96 -6.22
CA PRO B 32 -18.93 3.41 -6.84
C PRO B 32 -19.57 2.28 -6.03
N ALA B 33 -20.89 2.27 -5.99
CA ALA B 33 -21.61 1.20 -5.33
C ALA B 33 -21.82 0.04 -6.30
N PRO B 34 -21.35 -1.17 -5.94
CA PRO B 34 -21.35 -2.34 -6.81
C PRO B 34 -22.66 -2.50 -7.59
N ASN B 35 -23.75 -2.66 -6.85
CA ASN B 35 -25.08 -2.72 -7.43
C ASN B 35 -26.08 -2.10 -6.48
N TRP B 36 -26.07 -2.59 -5.25
CA TRP B 36 -27.00 -2.13 -4.23
C TRP B 36 -26.23 -1.73 -2.97
N GLY A 1 -5.65 3.67 27.72
CA GLY A 1 -6.02 2.63 26.72
C GLY A 1 -6.23 3.22 25.34
N HIS A 2 -5.19 3.18 24.52
CA HIS A 2 -5.27 3.69 23.16
C HIS A 2 -4.73 2.66 22.19
N MET A 3 -5.54 2.29 21.22
CA MET A 3 -5.15 1.29 20.24
C MET A 3 -4.20 1.90 19.21
N SER A 4 -3.19 1.14 18.83
CA SER A 4 -2.18 1.61 17.90
C SER A 4 -2.64 1.46 16.44
N GLY A 5 -3.91 1.09 16.28
CA GLY A 5 -4.44 0.86 14.95
C GLY A 5 -4.78 -0.59 14.74
N PHE A 6 -4.22 -1.18 13.70
CA PHE A 6 -4.44 -2.58 13.39
C PHE A 6 -3.14 -3.36 13.61
N LYS A 7 -3.03 -4.01 14.75
CA LYS A 7 -1.82 -4.75 15.10
C LYS A 7 -1.72 -6.05 14.29
N HIS A 8 -1.34 -5.89 13.02
CA HIS A 8 -1.22 -7.00 12.06
C HIS A 8 -2.39 -7.98 12.18
N VAL A 9 -3.61 -7.44 12.18
CA VAL A 9 -4.81 -8.26 12.30
C VAL A 9 -5.16 -8.91 10.97
N SER A 10 -4.24 -8.83 10.01
CA SER A 10 -4.37 -9.47 8.70
C SER A 10 -5.41 -8.78 7.82
N HIS A 11 -6.59 -8.52 8.37
CA HIS A 11 -7.61 -7.78 7.64
C HIS A 11 -7.08 -6.39 7.28
N VAL A 12 -6.36 -5.81 8.25
CA VAL A 12 -5.66 -4.54 8.08
C VAL A 12 -6.62 -3.43 7.63
N GLY A 13 -6.77 -3.28 6.33
CA GLY A 13 -7.71 -2.36 5.76
C GLY A 13 -7.84 -2.63 4.29
N TRP A 14 -7.57 -3.87 3.93
CA TRP A 14 -7.43 -4.27 2.54
C TRP A 14 -8.49 -5.28 2.14
N ASP A 15 -9.12 -5.03 1.01
CA ASP A 15 -10.02 -5.98 0.39
C ASP A 15 -9.39 -6.48 -0.90
N PRO A 16 -9.40 -7.80 -1.12
CA PRO A 16 -8.71 -8.45 -2.24
C PRO A 16 -9.10 -7.89 -3.61
N GLN A 17 -10.34 -7.43 -3.74
CA GLN A 17 -10.82 -6.93 -5.02
C GLN A 17 -10.93 -5.40 -5.04
N ASN A 18 -11.28 -4.82 -3.91
CA ASN A 18 -11.54 -3.38 -3.82
C ASN A 18 -10.32 -2.59 -3.39
N GLY A 19 -9.28 -3.31 -2.95
CA GLY A 19 -8.05 -2.66 -2.54
C GLY A 19 -8.10 -2.19 -1.10
N PHE A 20 -7.19 -1.31 -0.74
CA PHE A 20 -7.16 -0.71 0.59
C PHE A 20 -8.30 0.29 0.72
N ASP A 21 -8.90 0.35 1.89
CA ASP A 21 -9.91 1.36 2.16
C ASP A 21 -9.22 2.65 2.59
N VAL A 22 -9.35 3.67 1.77
CA VAL A 22 -8.57 4.89 1.95
C VAL A 22 -9.00 5.72 3.16
N ASN A 23 -10.23 5.54 3.63
CA ASN A 23 -10.68 6.27 4.80
C ASN A 23 -10.50 5.43 6.06
N ASN A 24 -10.30 4.13 5.88
CA ASN A 24 -9.97 3.24 6.99
C ASN A 24 -8.48 2.93 6.98
N LEU A 25 -7.72 3.70 6.21
CA LEU A 25 -6.27 3.53 6.13
C LEU A 25 -5.61 3.86 7.46
N ASP A 26 -4.52 3.16 7.73
CA ASP A 26 -3.75 3.39 8.94
C ASP A 26 -2.78 4.54 8.74
N PRO A 27 -2.68 5.45 9.73
CA PRO A 27 -1.83 6.65 9.64
C PRO A 27 -0.45 6.38 9.04
N ASP A 28 0.26 5.40 9.59
CA ASP A 28 1.62 5.09 9.14
C ASP A 28 1.61 4.49 7.75
N LEU A 29 0.65 3.60 7.47
CA LEU A 29 0.49 3.06 6.13
C LEU A 29 0.28 4.19 5.14
N ARG A 30 -0.61 5.10 5.50
CA ARG A 30 -0.97 6.23 4.65
C ARG A 30 0.28 7.07 4.34
N SER A 31 1.08 7.32 5.38
CA SER A 31 2.33 8.06 5.21
C SER A 31 3.24 7.33 4.23
N LEU A 32 3.39 6.03 4.46
CA LEU A 32 4.30 5.19 3.72
C LEU A 32 3.91 5.13 2.24
N PHE A 33 2.68 4.73 1.99
CA PHE A 33 2.15 4.63 0.63
C PHE A 33 2.30 5.96 -0.11
N SER A 34 2.04 7.04 0.62
CA SER A 34 2.14 8.39 0.07
C SER A 34 3.58 8.69 -0.37
N ARG A 35 4.54 8.17 0.38
CA ARG A 35 5.95 8.36 0.04
C ARG A 35 6.31 7.58 -1.21
N ALA A 36 5.78 6.37 -1.30
CA ALA A 36 6.08 5.48 -2.42
C ALA A 36 5.56 6.05 -3.74
N GLY A 37 4.50 6.83 -3.66
CA GLY A 37 3.89 7.39 -4.86
C GLY A 37 2.51 6.83 -5.08
N ILE A 38 2.18 5.78 -4.35
CA ILE A 38 0.88 5.14 -4.42
C ILE A 38 -0.22 6.11 -4.00
N SER A 39 -0.94 6.62 -4.97
CA SER A 39 -1.98 7.60 -4.72
C SER A 39 -3.26 6.94 -4.23
N GLU A 40 -4.20 7.76 -3.76
CA GLU A 40 -5.48 7.27 -3.22
C GLU A 40 -6.16 6.31 -4.19
N ALA A 41 -6.19 6.67 -5.47
CA ALA A 41 -6.77 5.82 -6.50
C ALA A 41 -6.10 4.44 -6.51
N GLN A 42 -4.78 4.44 -6.62
CA GLN A 42 -3.99 3.21 -6.62
C GLN A 42 -4.31 2.33 -5.41
N LEU A 43 -4.55 2.95 -4.27
CA LEU A 43 -4.87 2.20 -3.05
C LEU A 43 -6.27 1.60 -3.12
N THR A 44 -7.03 1.99 -4.11
CA THR A 44 -8.33 1.39 -4.36
C THR A 44 -8.32 0.63 -5.68
N ASP A 45 -7.11 0.36 -6.17
CA ASP A 45 -6.92 -0.46 -7.35
C ASP A 45 -6.58 -1.89 -6.94
N ALA A 46 -7.02 -2.86 -7.75
CA ALA A 46 -6.91 -4.27 -7.36
C ALA A 46 -5.46 -4.73 -7.25
N GLU A 47 -4.77 -4.80 -8.38
CA GLU A 47 -3.42 -5.37 -8.43
C GLU A 47 -2.44 -4.54 -7.62
N THR A 48 -2.58 -3.22 -7.69
CA THR A 48 -1.76 -2.32 -6.90
C THR A 48 -1.81 -2.68 -5.43
N SER A 49 -3.01 -2.67 -4.85
CA SER A 49 -3.19 -2.92 -3.43
C SER A 49 -2.74 -4.32 -3.03
N LYS A 50 -2.97 -5.29 -3.91
CA LYS A 50 -2.60 -6.67 -3.64
C LYS A 50 -1.09 -6.78 -3.46
N LEU A 51 -0.34 -6.12 -4.34
CA LEU A 51 1.11 -6.09 -4.25
C LEU A 51 1.58 -5.39 -3.00
N ILE A 52 0.95 -4.27 -2.67
CA ILE A 52 1.27 -3.53 -1.48
C ILE A 52 1.11 -4.39 -0.22
N TYR A 53 -0.02 -5.09 -0.12
CA TYR A 53 -0.27 -5.96 1.02
C TYR A 53 0.77 -7.07 1.08
N ASP A 54 1.04 -7.66 -0.07
CA ASP A 54 2.10 -8.67 -0.21
C ASP A 54 3.44 -8.10 0.25
N PHE A 55 3.73 -6.89 -0.23
CA PHE A 55 4.93 -6.16 0.15
C PHE A 55 5.03 -6.03 1.67
N ILE A 56 3.96 -5.56 2.26
CA ILE A 56 3.90 -5.34 3.70
C ILE A 56 4.16 -6.63 4.46
N GLU A 57 3.55 -7.72 4.02
CA GLU A 57 3.74 -9.01 4.67
C GLU A 57 5.16 -9.51 4.45
N ASP A 58 5.73 -9.17 3.29
CA ASP A 58 7.10 -9.54 2.97
C ASP A 58 8.08 -8.82 3.88
N GLN A 59 7.74 -7.61 4.26
CA GLN A 59 8.58 -6.81 5.14
C GLN A 59 8.38 -7.21 6.60
N GLY A 60 7.35 -8.01 6.85
CA GLY A 60 7.11 -8.52 8.19
C GLY A 60 5.76 -8.10 8.76
N GLY A 61 5.13 -7.13 8.14
CA GLY A 61 3.82 -6.69 8.61
C GLY A 61 3.71 -5.19 8.72
N LEU A 62 2.60 -4.72 9.29
CA LEU A 62 2.31 -3.30 9.37
C LEU A 62 3.30 -2.58 10.28
N GLU A 63 3.35 -3.01 11.53
CA GLU A 63 4.24 -2.41 12.52
C GLU A 63 5.70 -2.57 12.10
N ALA A 64 5.96 -3.61 11.32
CA ALA A 64 7.31 -3.85 10.81
C ALA A 64 7.75 -2.74 9.88
N VAL A 65 6.95 -2.42 8.87
CA VAL A 65 7.32 -1.37 7.93
C VAL A 65 7.26 0.00 8.60
N ARG A 66 6.49 0.09 9.69
CA ARG A 66 6.49 1.28 10.54
C ARG A 66 7.89 1.52 11.11
N GLN A 67 8.57 0.43 11.43
CA GLN A 67 9.91 0.51 12.00
C GLN A 67 10.93 0.85 10.93
N GLU A 68 10.73 0.30 9.73
CA GLU A 68 11.62 0.53 8.60
C GLU A 68 11.76 2.02 8.31
N MET A 69 10.68 2.75 8.59
CA MET A 69 10.66 4.22 8.45
C MET A 69 11.85 4.86 9.16
N ARG A 70 12.27 4.25 10.25
CA ARG A 70 13.44 4.69 10.99
C ARG A 70 14.44 3.55 11.12
N ARG A 71 14.44 2.65 10.13
CA ARG A 71 15.28 1.47 10.20
C ARG A 71 16.02 1.21 8.90
N GLN A 72 15.29 0.72 7.90
CA GLN A 72 15.88 0.26 6.64
C GLN A 72 16.45 1.42 5.83
N GLY B 1 21.87 -0.89 -3.67
CA GLY B 1 20.53 -1.36 -4.08
C GLY B 1 19.42 -0.51 -3.50
N HIS B 2 18.66 0.14 -4.37
CA HIS B 2 17.57 1.04 -3.96
C HIS B 2 18.13 2.26 -3.23
N MET B 3 17.24 3.18 -2.91
CA MET B 3 17.62 4.39 -2.18
C MET B 3 16.54 4.74 -1.19
N LEU B 4 16.58 5.98 -0.68
CA LEU B 4 15.60 6.48 0.28
C LEU B 4 15.85 5.86 1.66
N PRO B 5 15.56 6.61 2.73
CA PRO B 5 15.86 6.19 4.10
C PRO B 5 14.67 5.49 4.74
N ASP B 6 13.83 4.92 3.90
CA ASP B 6 12.54 4.44 4.32
C ASP B 6 12.07 3.32 3.41
N VAL B 7 11.14 2.53 3.93
CA VAL B 7 10.54 1.39 3.25
C VAL B 7 9.79 1.84 1.98
N ALA B 8 9.60 3.15 1.84
CA ALA B 8 8.91 3.75 0.70
C ALA B 8 9.52 3.32 -0.64
N GLN B 9 10.83 3.46 -0.80
CA GLN B 9 11.48 3.17 -2.07
C GLN B 9 11.44 1.69 -2.40
N ARG B 10 11.58 0.87 -1.36
CA ARG B 10 11.44 -0.57 -1.49
C ARG B 10 10.07 -0.90 -2.10
N LEU B 11 9.07 -0.14 -1.68
CA LEU B 11 7.70 -0.33 -2.13
C LEU B 11 7.50 0.18 -3.55
N MET B 12 8.10 1.33 -3.86
CA MET B 12 7.98 1.95 -5.19
C MET B 12 8.24 0.94 -6.29
N GLN B 13 9.38 0.29 -6.21
CA GLN B 13 9.82 -0.63 -7.23
C GLN B 13 8.95 -1.87 -7.28
N HIS B 14 8.38 -2.24 -6.15
CA HIS B 14 7.59 -3.47 -6.06
C HIS B 14 6.28 -3.37 -6.86
N LEU B 15 5.83 -2.14 -7.14
CA LEU B 15 4.67 -1.97 -8.00
C LEU B 15 5.08 -1.98 -9.46
N ALA B 16 6.17 -1.29 -9.76
CA ALA B 16 6.63 -1.14 -11.15
C ALA B 16 7.07 -2.48 -11.75
N GLU B 17 7.38 -3.45 -10.90
CA GLU B 17 7.89 -4.73 -11.36
C GLU B 17 6.79 -5.65 -11.91
N HIS B 18 5.53 -5.29 -11.71
CA HIS B 18 4.43 -6.16 -12.13
C HIS B 18 3.44 -5.47 -13.06
N GLY B 19 3.83 -4.34 -13.63
CA GLY B 19 2.94 -3.62 -14.54
C GLY B 19 1.69 -3.14 -13.84
N ILE B 20 1.89 -2.57 -12.67
CA ILE B 20 0.80 -2.06 -11.83
C ILE B 20 0.40 -0.66 -12.29
N GLN B 21 -0.89 -0.35 -12.19
CA GLN B 21 -1.40 0.93 -12.67
C GLN B 21 -1.00 2.05 -11.73
N PRO B 22 -0.15 2.96 -12.21
CA PRO B 22 0.36 4.08 -11.42
C PRO B 22 -0.46 5.35 -11.55
N ALA B 23 -0.54 6.11 -10.46
CA ALA B 23 -1.12 7.45 -10.50
C ALA B 23 0.01 8.47 -10.60
N ARG B 24 1.23 7.93 -10.71
CA ARG B 24 2.44 8.72 -10.85
C ARG B 24 2.38 9.55 -12.14
N ASN B 25 1.80 8.94 -13.17
CA ASN B 25 1.59 9.59 -14.45
C ASN B 25 0.17 9.31 -14.94
N MET B 26 -0.73 10.26 -14.69
CA MET B 26 -2.16 10.09 -14.97
C MET B 26 -2.75 9.02 -14.05
N ALA B 27 -4.03 8.71 -14.23
CA ALA B 27 -4.69 7.73 -13.40
C ALA B 27 -5.90 7.15 -14.10
N GLU B 28 -5.69 6.07 -14.85
CA GLU B 28 -6.80 5.39 -15.50
C GLU B 28 -7.45 4.42 -14.52
N HIS B 29 -8.29 4.97 -13.67
CA HIS B 29 -8.99 4.19 -12.67
C HIS B 29 -10.28 3.66 -13.25
N ILE B 30 -10.28 2.38 -13.62
CA ILE B 30 -11.39 1.78 -14.35
C ILE B 30 -12.67 1.75 -13.50
N PRO B 31 -13.71 2.45 -13.97
CA PRO B 31 -15.02 2.46 -13.30
C PRO B 31 -15.71 1.10 -13.43
N PRO B 32 -16.25 0.58 -12.31
CA PRO B 32 -16.92 -0.72 -12.29
C PRO B 32 -18.12 -0.75 -13.23
N ALA B 33 -18.11 -1.71 -14.15
CA ALA B 33 -19.20 -1.89 -15.09
C ALA B 33 -20.49 -2.24 -14.35
N PRO B 34 -21.61 -1.62 -14.76
CA PRO B 34 -22.92 -1.84 -14.12
C PRO B 34 -23.48 -3.23 -14.43
N ASN B 35 -22.88 -4.25 -13.81
CA ASN B 35 -23.32 -5.63 -13.94
C ASN B 35 -23.04 -6.18 -15.34
N TRP B 36 -23.25 -7.47 -15.52
CA TRP B 36 -23.07 -8.10 -16.82
C TRP B 36 -24.42 -8.57 -17.34
N GLY A 1 -4.25 5.27 22.10
CA GLY A 1 -3.39 4.82 20.98
C GLY A 1 -4.21 4.19 19.87
N HIS A 2 -3.64 3.20 19.19
CA HIS A 2 -4.33 2.54 18.10
C HIS A 2 -5.27 1.48 18.62
N MET A 3 -6.52 1.87 18.91
CA MET A 3 -7.55 0.91 19.31
C MET A 3 -8.33 0.47 18.07
N SER A 4 -7.90 1.00 16.93
CA SER A 4 -8.50 0.68 15.65
C SER A 4 -8.33 -0.80 15.30
N GLY A 5 -7.33 -1.43 15.92
CA GLY A 5 -7.09 -2.83 15.67
C GLY A 5 -5.78 -3.07 14.94
N PHE A 6 -5.13 -1.97 14.54
CA PHE A 6 -3.87 -2.05 13.82
C PHE A 6 -2.73 -2.51 14.73
N LYS A 7 -2.62 -3.83 14.88
CA LYS A 7 -1.52 -4.45 15.60
C LYS A 7 -1.37 -5.90 15.17
N HIS A 8 -0.43 -6.15 14.26
CA HIS A 8 -0.19 -7.49 13.73
C HIS A 8 -1.47 -8.06 13.10
N VAL A 9 -2.15 -7.24 12.32
CA VAL A 9 -3.32 -7.68 11.60
C VAL A 9 -3.10 -7.57 10.10
N SER A 10 -2.90 -8.71 9.46
CA SER A 10 -2.69 -8.73 8.02
C SER A 10 -4.02 -8.60 7.29
N HIS A 11 -5.03 -8.14 8.00
CA HIS A 11 -6.27 -7.74 7.37
C HIS A 11 -6.24 -6.24 7.15
N VAL A 12 -5.59 -5.53 8.10
CA VAL A 12 -5.33 -4.08 8.01
C VAL A 12 -6.63 -3.25 7.89
N GLY A 13 -7.23 -3.34 6.73
CA GLY A 13 -8.37 -2.54 6.36
C GLY A 13 -8.49 -2.60 4.85
N TRP A 14 -8.19 -3.78 4.34
CA TRP A 14 -7.98 -4.00 2.92
C TRP A 14 -8.87 -5.12 2.41
N ASP A 15 -9.36 -4.98 1.19
CA ASP A 15 -10.12 -6.03 0.56
C ASP A 15 -9.50 -6.36 -0.79
N PRO A 16 -9.33 -7.65 -1.10
CA PRO A 16 -8.57 -8.12 -2.26
C PRO A 16 -8.90 -7.39 -3.57
N GLN A 17 -10.18 -7.25 -3.89
CA GLN A 17 -10.57 -6.69 -5.18
C GLN A 17 -11.03 -5.23 -5.04
N ASN A 18 -11.02 -4.70 -3.81
CA ASN A 18 -11.46 -3.32 -3.59
C ASN A 18 -10.30 -2.42 -3.16
N GLY A 19 -9.29 -3.03 -2.56
CA GLY A 19 -8.13 -2.28 -2.16
C GLY A 19 -8.18 -1.88 -0.70
N PHE A 20 -7.29 -0.98 -0.32
CA PHE A 20 -7.22 -0.48 1.05
C PHE A 20 -8.34 0.52 1.30
N ASP A 21 -8.93 0.46 2.48
CA ASP A 21 -9.91 1.46 2.86
C ASP A 21 -9.21 2.77 3.13
N VAL A 22 -9.21 3.64 2.14
CA VAL A 22 -8.55 4.94 2.24
C VAL A 22 -9.22 5.83 3.28
N ASN A 23 -10.35 5.37 3.82
CA ASN A 23 -11.04 6.07 4.89
C ASN A 23 -10.69 5.45 6.24
N ASN A 24 -10.02 4.30 6.20
CA ASN A 24 -9.61 3.60 7.41
C ASN A 24 -8.09 3.50 7.47
N LEU A 25 -7.44 4.28 6.63
CA LEU A 25 -5.99 4.23 6.51
C LEU A 25 -5.31 4.69 7.80
N ASP A 26 -4.34 3.89 8.23
CA ASP A 26 -3.53 4.23 9.39
C ASP A 26 -2.56 5.35 9.04
N PRO A 27 -2.40 6.32 9.95
CA PRO A 27 -1.52 7.48 9.77
C PRO A 27 -0.11 7.13 9.30
N ASP A 28 0.35 5.91 9.54
CA ASP A 28 1.68 5.51 9.11
C ASP A 28 1.62 5.01 7.67
N LEU A 29 0.62 4.18 7.37
CA LEU A 29 0.30 3.81 5.99
C LEU A 29 0.07 5.05 5.14
N ARG A 30 -0.72 5.98 5.68
CA ARG A 30 -1.03 7.23 5.00
C ARG A 30 0.26 7.99 4.69
N SER A 31 1.25 7.84 5.56
CA SER A 31 2.56 8.44 5.34
C SER A 31 3.27 7.73 4.21
N LEU A 32 3.43 6.42 4.36
CA LEU A 32 4.26 5.64 3.46
C LEU A 32 3.79 5.72 2.03
N PHE A 33 2.53 5.40 1.80
CA PHE A 33 2.01 5.23 0.46
C PHE A 33 2.09 6.53 -0.33
N SER A 34 1.87 7.64 0.38
CA SER A 34 1.97 8.96 -0.22
C SER A 34 3.41 9.25 -0.66
N ARG A 35 4.37 8.77 0.14
CA ARG A 35 5.77 8.94 -0.18
C ARG A 35 6.19 7.98 -1.28
N ALA A 36 5.47 6.87 -1.35
CA ALA A 36 5.77 5.80 -2.30
C ALA A 36 5.13 6.09 -3.67
N GLY A 37 4.38 7.16 -3.75
CA GLY A 37 3.77 7.54 -5.02
C GLY A 37 2.43 6.87 -5.22
N ILE A 38 2.06 6.02 -4.28
CA ILE A 38 0.79 5.34 -4.31
C ILE A 38 -0.35 6.33 -4.04
N SER A 39 -1.07 6.69 -5.09
CA SER A 39 -2.20 7.58 -4.96
C SER A 39 -3.42 6.81 -4.48
N GLU A 40 -4.49 7.52 -4.14
CA GLU A 40 -5.69 6.89 -3.62
C GLU A 40 -6.20 5.79 -4.54
N ALA A 41 -6.10 6.03 -5.84
CA ALA A 41 -6.51 5.06 -6.84
C ALA A 41 -5.70 3.76 -6.70
N GLN A 42 -4.38 3.89 -6.64
CA GLN A 42 -3.50 2.72 -6.53
C GLN A 42 -3.81 1.90 -5.29
N LEU A 43 -4.16 2.57 -4.20
CA LEU A 43 -4.51 1.88 -2.96
C LEU A 43 -5.80 1.08 -3.13
N THR A 44 -6.60 1.47 -4.10
CA THR A 44 -7.86 0.77 -4.37
C THR A 44 -7.80 0.06 -5.72
N ASP A 45 -6.58 -0.19 -6.18
CA ASP A 45 -6.35 -0.86 -7.46
C ASP A 45 -6.07 -2.34 -7.23
N ALA A 46 -6.70 -3.21 -8.02
CA ALA A 46 -6.67 -4.65 -7.77
C ALA A 46 -5.24 -5.19 -7.63
N GLU A 47 -4.43 -5.07 -8.69
CA GLU A 47 -3.07 -5.59 -8.66
C GLU A 47 -2.19 -4.75 -7.75
N THR A 48 -2.26 -3.43 -7.90
CA THR A 48 -1.46 -2.54 -7.08
C THR A 48 -1.66 -2.77 -5.59
N SER A 49 -2.91 -2.76 -5.15
CA SER A 49 -3.24 -2.82 -3.74
C SER A 49 -2.80 -4.14 -3.11
N LYS A 50 -3.13 -5.26 -3.75
CA LYS A 50 -2.81 -6.55 -3.19
C LYS A 50 -1.30 -6.76 -3.14
N LEU A 51 -0.59 -6.14 -4.07
CA LEU A 51 0.86 -6.26 -4.11
C LEU A 51 1.53 -5.31 -3.13
N ILE A 52 0.86 -4.22 -2.78
CA ILE A 52 1.26 -3.43 -1.63
C ILE A 52 1.12 -4.26 -0.37
N TYR A 53 -0.01 -4.93 -0.27
CA TYR A 53 -0.26 -5.84 0.84
C TYR A 53 0.79 -6.94 0.87
N ASP A 54 1.04 -7.54 -0.29
CA ASP A 54 2.10 -8.53 -0.45
C ASP A 54 3.44 -7.96 -0.01
N PHE A 55 3.68 -6.71 -0.38
CA PHE A 55 4.88 -5.99 0.03
C PHE A 55 4.99 -5.95 1.55
N ILE A 56 3.93 -5.52 2.19
CA ILE A 56 3.90 -5.37 3.64
C ILE A 56 4.04 -6.74 4.33
N GLU A 57 3.36 -7.74 3.78
CA GLU A 57 3.44 -9.10 4.30
C GLU A 57 4.86 -9.66 4.12
N ASP A 58 5.46 -9.33 2.99
CA ASP A 58 6.80 -9.79 2.64
C ASP A 58 7.83 -9.33 3.66
N GLN A 59 7.63 -8.13 4.20
CA GLN A 59 8.57 -7.54 5.14
C GLN A 59 8.40 -8.15 6.53
N GLY A 60 7.32 -8.89 6.73
CA GLY A 60 7.06 -9.48 8.02
C GLY A 60 5.83 -8.90 8.69
N GLY A 61 4.97 -8.27 7.91
CA GLY A 61 3.73 -7.75 8.44
C GLY A 61 3.78 -6.24 8.61
N LEU A 62 2.66 -5.69 9.07
CA LEU A 62 2.52 -4.24 9.27
C LEU A 62 3.56 -3.72 10.26
N GLU A 63 3.80 -4.51 11.30
CA GLU A 63 4.71 -4.13 12.38
C GLU A 63 6.11 -3.87 11.85
N ALA A 64 6.46 -4.54 10.76
CA ALA A 64 7.78 -4.39 10.17
C ALA A 64 7.89 -3.03 9.50
N VAL A 65 6.95 -2.72 8.63
CA VAL A 65 6.94 -1.45 7.90
C VAL A 65 6.93 -0.26 8.86
N ARG A 66 6.22 -0.43 9.98
CA ARG A 66 6.17 0.60 11.01
C ARG A 66 7.58 0.90 11.53
N GLN A 67 8.46 -0.09 11.47
CA GLN A 67 9.83 0.07 11.93
C GLN A 67 10.76 0.47 10.77
N GLU A 68 10.40 0.12 9.54
CA GLU A 68 11.18 0.51 8.37
C GLU A 68 11.18 2.03 8.22
N MET A 69 10.12 2.64 8.71
CA MET A 69 10.02 4.10 8.79
C MET A 69 11.22 4.71 9.50
N ARG A 70 11.86 3.92 10.36
CA ARG A 70 13.05 4.37 11.07
C ARG A 70 14.22 3.44 10.76
N ARG A 71 14.07 2.64 9.71
CA ARG A 71 15.06 1.65 9.34
C ARG A 71 15.45 1.79 7.88
N GLN A 72 14.60 1.25 7.00
CA GLN A 72 14.84 1.23 5.56
C GLN A 72 13.78 0.33 4.91
N GLY B 1 12.01 8.23 -9.91
CA GLY B 1 11.65 9.23 -8.88
C GLY B 1 11.71 8.67 -7.47
N HIS B 2 12.71 7.85 -7.19
CA HIS B 2 12.88 7.26 -5.86
C HIS B 2 13.59 8.24 -4.93
N MET B 3 12.91 9.34 -4.63
CA MET B 3 13.48 10.39 -3.80
C MET B 3 13.27 10.09 -2.32
N LEU B 4 13.28 8.80 -1.98
CA LEU B 4 12.99 8.36 -0.63
C LEU B 4 14.14 7.55 -0.07
N PRO B 5 14.51 7.81 1.18
CA PRO B 5 15.53 7.06 1.89
C PRO B 5 14.91 5.94 2.73
N ASP B 6 13.61 5.77 2.57
CA ASP B 6 12.84 4.87 3.42
C ASP B 6 12.20 3.75 2.60
N VAL B 7 11.30 3.03 3.25
CA VAL B 7 10.56 1.93 2.64
C VAL B 7 9.60 2.44 1.55
N ALA B 8 9.50 3.77 1.42
CA ALA B 8 8.61 4.38 0.44
C ALA B 8 9.11 4.16 -0.99
N GLN B 9 10.39 4.45 -1.25
CA GLN B 9 10.97 4.21 -2.58
C GLN B 9 10.99 2.72 -2.87
N ARG B 10 11.01 1.97 -1.79
CA ARG B 10 11.08 0.53 -1.81
C ARG B 10 9.74 -0.06 -2.26
N LEU B 11 8.70 0.76 -2.23
CA LEU B 11 7.37 0.33 -2.63
C LEU B 11 7.21 0.54 -4.13
N MET B 12 7.78 1.63 -4.62
CA MET B 12 7.76 1.96 -6.03
C MET B 12 8.32 0.81 -6.84
N GLN B 13 9.40 0.24 -6.34
CA GLN B 13 10.05 -0.89 -6.99
C GLN B 13 9.15 -2.13 -6.98
N HIS B 14 8.51 -2.38 -5.85
CA HIS B 14 7.72 -3.60 -5.67
C HIS B 14 6.43 -3.58 -6.49
N LEU B 15 5.99 -2.38 -6.88
CA LEU B 15 4.85 -2.28 -7.79
C LEU B 15 5.30 -2.35 -9.24
N ALA B 16 6.39 -1.64 -9.54
CA ALA B 16 6.91 -1.59 -10.90
C ALA B 16 7.31 -2.98 -11.40
N GLU B 17 7.77 -3.83 -10.48
CA GLU B 17 8.22 -5.16 -10.82
C GLU B 17 7.08 -6.10 -11.19
N HIS B 18 5.84 -5.65 -11.04
CA HIS B 18 4.69 -6.51 -11.34
C HIS B 18 3.69 -5.83 -12.28
N GLY B 19 4.09 -4.73 -12.89
CA GLY B 19 3.25 -4.07 -13.89
C GLY B 19 2.05 -3.35 -13.30
N ILE B 20 2.20 -2.85 -12.07
CA ILE B 20 1.21 -1.99 -11.44
C ILE B 20 0.99 -0.71 -12.26
N GLN B 21 -0.21 -0.14 -12.15
CA GLN B 21 -0.53 1.13 -12.80
C GLN B 21 -0.14 2.29 -11.89
N PRO B 22 0.99 2.94 -12.16
CA PRO B 22 1.50 4.02 -11.31
C PRO B 22 0.73 5.32 -11.51
N ALA B 23 0.00 5.73 -10.49
CA ALA B 23 -0.80 6.95 -10.55
C ALA B 23 0.05 8.19 -10.26
N ARG B 24 1.31 8.13 -10.64
CA ARG B 24 2.21 9.27 -10.53
C ARG B 24 2.20 10.10 -11.80
N ASN B 25 1.29 9.78 -12.71
CA ASN B 25 1.11 10.57 -13.93
C ASN B 25 -0.26 10.33 -14.54
N MET B 26 -0.43 9.19 -15.21
CA MET B 26 -1.71 8.85 -15.82
C MET B 26 -1.83 7.34 -16.00
N ALA B 27 -2.17 6.67 -14.91
CA ALA B 27 -2.36 5.22 -14.92
C ALA B 27 -3.21 4.80 -13.74
N GLU B 28 -4.46 4.45 -14.02
CA GLU B 28 -5.38 4.03 -12.97
C GLU B 28 -6.16 2.80 -13.41
N HIS B 29 -7.35 2.62 -12.86
CA HIS B 29 -8.15 1.44 -13.14
C HIS B 29 -8.70 1.52 -14.56
N ILE B 30 -8.97 2.74 -14.99
CA ILE B 30 -9.49 2.99 -16.32
C ILE B 30 -8.34 3.22 -17.29
N PRO B 31 -8.20 2.32 -18.27
CA PRO B 31 -7.15 2.42 -19.30
C PRO B 31 -7.44 3.57 -20.27
N PRO B 32 -6.49 4.50 -20.41
CA PRO B 32 -6.65 5.66 -21.30
C PRO B 32 -6.86 5.23 -22.75
N ALA B 33 -8.06 5.51 -23.27
CA ALA B 33 -8.42 5.11 -24.61
C ALA B 33 -7.75 5.99 -25.65
N PRO B 34 -7.04 5.36 -26.61
CA PRO B 34 -6.38 6.07 -27.71
C PRO B 34 -7.40 6.70 -28.66
N ASN B 35 -8.48 5.95 -28.90
CA ASN B 35 -9.63 6.43 -29.69
C ASN B 35 -10.59 5.27 -29.90
N TRP B 36 -10.08 4.21 -30.51
CA TRP B 36 -10.85 3.00 -30.74
C TRP B 36 -10.25 1.84 -29.96
N GLY A 1 1.15 -16.98 27.57
CA GLY A 1 0.21 -17.19 26.45
C GLY A 1 0.44 -16.21 25.32
N HIS A 2 -0.48 -16.19 24.36
CA HIS A 2 -0.39 -15.32 23.18
C HIS A 2 0.72 -15.78 22.25
N MET A 3 0.34 -16.48 21.20
CA MET A 3 1.30 -16.93 20.19
C MET A 3 1.47 -15.87 19.11
N SER A 4 1.89 -16.28 17.92
CA SER A 4 2.09 -15.34 16.83
C SER A 4 0.75 -14.97 16.19
N GLY A 5 -0.10 -15.96 16.02
CA GLY A 5 -1.41 -15.74 15.42
C GLY A 5 -1.33 -15.71 13.91
N PHE A 6 -2.10 -14.83 13.30
CA PHE A 6 -2.09 -14.67 11.86
C PHE A 6 -1.30 -13.41 11.48
N LYS A 7 -0.95 -12.63 12.51
CA LYS A 7 -0.19 -11.38 12.35
C LYS A 7 -1.01 -10.33 11.61
N HIS A 8 -1.19 -10.51 10.32
CA HIS A 8 -2.02 -9.61 9.51
C HIS A 8 -3.47 -10.12 9.53
N VAL A 9 -3.95 -10.42 10.72
CA VAL A 9 -5.23 -11.11 10.90
C VAL A 9 -6.37 -10.14 10.67
N SER A 10 -6.10 -8.88 10.97
CA SER A 10 -6.99 -7.79 10.69
C SER A 10 -7.21 -7.64 9.19
N HIS A 11 -6.26 -8.18 8.42
CA HIS A 11 -6.09 -7.86 7.02
C HIS A 11 -5.78 -6.37 6.91
N VAL A 12 -5.32 -5.82 8.05
CA VAL A 12 -5.15 -4.37 8.28
C VAL A 12 -6.34 -3.51 7.81
N GLY A 13 -6.59 -3.47 6.51
CA GLY A 13 -7.67 -2.69 5.97
C GLY A 13 -7.75 -2.88 4.48
N TRP A 14 -7.43 -4.08 4.04
CA TRP A 14 -7.35 -4.40 2.62
C TRP A 14 -8.39 -5.43 2.22
N ASP A 15 -9.08 -5.15 1.13
CA ASP A 15 -10.00 -6.11 0.54
C ASP A 15 -9.58 -6.38 -0.90
N PRO A 16 -9.76 -7.62 -1.36
CA PRO A 16 -9.17 -8.14 -2.62
C PRO A 16 -9.43 -7.28 -3.87
N GLN A 17 -10.63 -6.70 -3.98
CA GLN A 17 -10.98 -5.99 -5.21
C GLN A 17 -10.79 -4.48 -5.08
N ASN A 18 -11.21 -3.90 -3.96
CA ASN A 18 -11.16 -2.44 -3.81
C ASN A 18 -9.86 -1.98 -3.14
N GLY A 19 -9.01 -2.92 -2.79
CA GLY A 19 -7.72 -2.59 -2.24
C GLY A 19 -7.79 -2.13 -0.79
N PHE A 20 -7.05 -1.09 -0.48
CA PHE A 20 -6.99 -0.56 0.88
C PHE A 20 -8.14 0.40 1.13
N ASP A 21 -8.78 0.25 2.28
CA ASP A 21 -9.83 1.16 2.69
C ASP A 21 -9.20 2.49 3.09
N VAL A 22 -9.20 3.45 2.18
CA VAL A 22 -8.55 4.74 2.38
C VAL A 22 -9.14 5.48 3.57
N ASN A 23 -10.40 5.18 3.90
CA ASN A 23 -11.08 5.78 5.03
C ASN A 23 -10.46 5.30 6.34
N ASN A 24 -10.16 4.00 6.40
CA ASN A 24 -9.63 3.37 7.61
C ASN A 24 -8.12 3.22 7.55
N LEU A 25 -7.47 3.99 6.68
CA LEU A 25 -6.02 3.93 6.55
C LEU A 25 -5.34 4.43 7.82
N ASP A 26 -4.40 3.63 8.31
CA ASP A 26 -3.56 4.03 9.43
C ASP A 26 -2.64 5.16 8.98
N PRO A 27 -2.49 6.19 9.83
CA PRO A 27 -1.65 7.37 9.57
C PRO A 27 -0.24 7.02 9.08
N ASP A 28 0.30 5.88 9.51
CA ASP A 28 1.63 5.46 9.09
C ASP A 28 1.57 4.88 7.67
N LEU A 29 0.54 4.09 7.39
CA LEU A 29 0.35 3.56 6.04
C LEU A 29 0.07 4.71 5.07
N ARG A 30 -0.80 5.61 5.48
CA ARG A 30 -1.14 6.79 4.68
C ARG A 30 0.12 7.56 4.32
N SER A 31 1.02 7.70 5.29
CA SER A 31 2.29 8.37 5.07
C SER A 31 3.11 7.62 4.02
N LEU A 32 3.29 6.32 4.24
CA LEU A 32 4.14 5.49 3.39
C LEU A 32 3.70 5.52 1.94
N PHE A 33 2.45 5.13 1.73
CA PHE A 33 1.95 4.88 0.40
C PHE A 33 2.08 6.13 -0.47
N SER A 34 1.77 7.27 0.10
CA SER A 34 1.88 8.54 -0.59
C SER A 34 3.35 8.90 -0.88
N ARG A 35 4.25 8.45 -0.01
CA ARG A 35 5.69 8.61 -0.23
C ARG A 35 6.16 7.70 -1.35
N ALA A 36 5.47 6.59 -1.53
CA ALA A 36 5.84 5.58 -2.51
C ALA A 36 5.20 5.87 -3.88
N GLY A 37 4.47 6.97 -3.97
CA GLY A 37 3.80 7.35 -5.20
C GLY A 37 2.38 6.85 -5.25
N ILE A 38 2.09 5.85 -4.43
CA ILE A 38 0.77 5.24 -4.35
C ILE A 38 -0.26 6.28 -3.87
N SER A 39 -1.08 6.74 -4.80
CA SER A 39 -2.07 7.75 -4.49
C SER A 39 -3.42 7.11 -4.16
N GLU A 40 -4.44 7.95 -3.96
CA GLU A 40 -5.78 7.48 -3.59
C GLU A 40 -6.28 6.39 -4.55
N ALA A 41 -6.19 6.66 -5.84
CA ALA A 41 -6.61 5.71 -6.86
C ALA A 41 -5.88 4.37 -6.71
N GLN A 42 -4.57 4.41 -6.59
CA GLN A 42 -3.78 3.20 -6.48
C GLN A 42 -4.14 2.40 -5.25
N LEU A 43 -4.50 3.08 -4.17
CA LEU A 43 -4.86 2.41 -2.93
C LEU A 43 -6.25 1.78 -3.03
N THR A 44 -6.98 2.14 -4.06
CA THR A 44 -8.28 1.55 -4.31
C THR A 44 -8.26 0.77 -5.62
N ASP A 45 -7.06 0.43 -6.07
CA ASP A 45 -6.87 -0.40 -7.27
C ASP A 45 -6.51 -1.82 -6.87
N ALA A 46 -7.00 -2.78 -7.64
CA ALA A 46 -6.86 -4.20 -7.28
C ALA A 46 -5.40 -4.63 -7.22
N GLU A 47 -4.75 -4.68 -8.37
CA GLU A 47 -3.40 -5.22 -8.48
C GLU A 47 -2.41 -4.42 -7.64
N THR A 48 -2.49 -3.09 -7.72
CA THR A 48 -1.63 -2.23 -6.93
C THR A 48 -1.67 -2.59 -5.44
N SER A 49 -2.85 -2.52 -4.85
CA SER A 49 -3.00 -2.72 -3.41
C SER A 49 -2.61 -4.13 -2.99
N LYS A 50 -2.89 -5.11 -3.85
CA LYS A 50 -2.58 -6.50 -3.54
C LYS A 50 -1.08 -6.67 -3.35
N LEU A 51 -0.30 -6.00 -4.19
CA LEU A 51 1.15 -6.08 -4.10
C LEU A 51 1.67 -5.30 -2.91
N ILE A 52 1.05 -4.16 -2.60
CA ILE A 52 1.43 -3.38 -1.44
C ILE A 52 1.24 -4.19 -0.16
N TYR A 53 0.12 -4.88 -0.07
CA TYR A 53 -0.18 -5.71 1.08
C TYR A 53 0.81 -6.88 1.14
N ASP A 54 1.09 -7.45 -0.02
CA ASP A 54 2.11 -8.49 -0.15
C ASP A 54 3.47 -7.96 0.28
N PHE A 55 3.75 -6.72 -0.11
CA PHE A 55 4.97 -6.02 0.26
C PHE A 55 5.11 -5.90 1.77
N ILE A 56 4.04 -5.43 2.40
CA ILE A 56 4.00 -5.26 3.85
C ILE A 56 4.28 -6.58 4.56
N GLU A 57 3.64 -7.64 4.08
CA GLU A 57 3.86 -8.98 4.59
C GLU A 57 5.29 -9.45 4.31
N ASP A 58 5.77 -9.14 3.11
CA ASP A 58 7.10 -9.55 2.67
C ASP A 58 8.20 -8.93 3.53
N GLN A 59 7.95 -7.73 4.05
CA GLN A 59 8.94 -7.05 4.89
C GLN A 59 8.94 -7.60 6.31
N GLY A 60 8.09 -8.59 6.56
CA GLY A 60 8.03 -9.19 7.87
C GLY A 60 6.67 -9.04 8.50
N GLY A 61 5.85 -8.15 7.95
CA GLY A 61 4.51 -7.97 8.46
C GLY A 61 4.15 -6.52 8.64
N LEU A 62 2.93 -6.27 9.08
CA LEU A 62 2.39 -4.92 9.22
C LEU A 62 3.23 -4.08 10.19
N GLU A 63 3.82 -4.74 11.18
CA GLU A 63 4.61 -4.08 12.20
C GLU A 63 5.93 -3.57 11.60
N ALA A 64 6.56 -4.40 10.78
CA ALA A 64 7.88 -4.10 10.24
C ALA A 64 7.86 -2.81 9.43
N VAL A 65 6.82 -2.64 8.64
CA VAL A 65 6.68 -1.48 7.78
C VAL A 65 6.59 -0.20 8.60
N ARG A 66 5.88 -0.29 9.72
CA ARG A 66 5.71 0.84 10.61
C ARG A 66 7.05 1.20 11.26
N GLN A 67 7.89 0.20 11.42
CA GLN A 67 9.19 0.38 12.04
C GLN A 67 10.14 1.07 11.07
N GLU A 68 10.02 0.73 9.78
CA GLU A 68 10.91 1.24 8.74
C GLU A 68 10.82 2.76 8.62
N MET A 69 9.69 3.32 9.05
CA MET A 69 9.49 4.75 9.03
C MET A 69 10.59 5.47 9.80
N ARG A 70 11.02 4.84 10.88
CA ARG A 70 12.06 5.37 11.71
C ARG A 70 13.19 4.35 11.84
N ARG A 71 13.38 3.61 10.75
CA ARG A 71 14.38 2.56 10.70
C ARG A 71 15.43 2.83 9.63
N GLN A 72 15.00 2.77 8.38
CA GLN A 72 15.89 2.81 7.22
C GLN A 72 16.86 1.63 7.28
N GLY B 1 17.06 7.40 -7.99
CA GLY B 1 15.63 7.68 -8.28
C GLY B 1 14.70 7.04 -7.26
N HIS B 2 15.22 6.77 -6.07
CA HIS B 2 14.41 6.23 -4.98
C HIS B 2 14.89 6.84 -3.68
N MET B 3 14.82 8.15 -3.58
CA MET B 3 15.39 8.87 -2.44
C MET B 3 14.46 8.81 -1.23
N LEU B 4 14.12 7.59 -0.82
CA LEU B 4 13.29 7.37 0.36
C LEU B 4 14.08 6.57 1.39
N PRO B 5 14.18 7.09 2.61
CA PRO B 5 14.91 6.44 3.69
C PRO B 5 14.04 5.42 4.43
N ASP B 6 13.16 4.76 3.71
CA ASP B 6 12.20 3.86 4.33
C ASP B 6 11.56 2.93 3.31
N VAL B 7 10.51 2.26 3.74
CA VAL B 7 9.70 1.36 2.92
C VAL B 7 9.33 1.97 1.56
N ALA B 8 9.12 3.29 1.54
CA ALA B 8 8.58 3.97 0.36
C ALA B 8 9.37 3.71 -0.92
N GLN B 9 10.70 3.72 -0.83
CA GLN B 9 11.53 3.49 -2.01
C GLN B 9 11.41 2.04 -2.45
N ARG B 10 11.22 1.17 -1.46
CA ARG B 10 11.15 -0.25 -1.67
C ARG B 10 9.80 -0.63 -2.27
N LEU B 11 8.86 0.29 -2.20
CA LEU B 11 7.51 0.07 -2.72
C LEU B 11 7.48 0.36 -4.21
N MET B 12 8.19 1.41 -4.61
CA MET B 12 8.26 1.77 -6.02
C MET B 12 8.83 0.62 -6.82
N GLN B 13 9.77 -0.10 -6.21
CA GLN B 13 10.38 -1.26 -6.83
C GLN B 13 9.42 -2.44 -6.84
N HIS B 14 8.62 -2.55 -5.78
CA HIS B 14 7.77 -3.73 -5.58
C HIS B 14 6.60 -3.75 -6.57
N LEU B 15 6.05 -2.60 -6.90
CA LEU B 15 4.96 -2.54 -7.87
C LEU B 15 5.50 -2.68 -9.30
N ALA B 16 6.65 -2.07 -9.54
CA ALA B 16 7.22 -1.97 -10.88
C ALA B 16 7.52 -3.34 -11.51
N GLU B 17 7.72 -4.34 -10.67
CA GLU B 17 8.14 -5.66 -11.14
C GLU B 17 6.99 -6.54 -11.61
N HIS B 18 5.77 -6.01 -11.63
CA HIS B 18 4.63 -6.81 -12.04
C HIS B 18 3.83 -6.16 -13.17
N GLY B 19 2.75 -5.47 -12.82
CA GLY B 19 1.90 -4.86 -13.81
C GLY B 19 0.94 -3.87 -13.17
N ILE B 20 1.52 -2.92 -12.45
CA ILE B 20 0.76 -1.97 -11.66
C ILE B 20 0.53 -0.67 -12.42
N GLN B 21 -0.61 -0.03 -12.17
CA GLN B 21 -0.90 1.24 -12.78
C GLN B 21 -0.62 2.38 -11.82
N PRO B 22 0.50 3.08 -12.01
CA PRO B 22 0.88 4.23 -11.20
C PRO B 22 -0.11 5.37 -11.33
N ALA B 23 -0.45 6.00 -10.20
CA ALA B 23 -1.41 7.09 -10.18
C ALA B 23 -0.75 8.39 -10.60
N ARG B 24 0.50 8.29 -11.03
CA ARG B 24 1.22 9.43 -11.58
C ARG B 24 0.63 9.81 -12.94
N ASN B 25 -0.03 8.85 -13.59
CA ASN B 25 -0.63 9.08 -14.90
C ASN B 25 -1.84 8.18 -15.10
N MET B 26 -2.90 8.74 -15.71
CA MET B 26 -4.11 8.00 -16.08
C MET B 26 -4.61 7.12 -14.93
N ALA B 27 -4.95 7.75 -13.81
CA ALA B 27 -5.31 7.02 -12.61
C ALA B 27 -6.81 6.97 -12.38
N GLU B 28 -7.49 6.07 -13.08
CA GLU B 28 -8.92 5.83 -12.84
C GLU B 28 -9.24 4.36 -13.01
N HIS B 29 -10.06 3.84 -12.11
CA HIS B 29 -10.50 2.46 -12.17
C HIS B 29 -12.03 2.40 -12.17
N ILE B 30 -12.61 2.78 -13.30
CA ILE B 30 -14.05 2.81 -13.46
C ILE B 30 -14.63 1.40 -13.31
N PRO B 31 -15.59 1.23 -12.38
CA PRO B 31 -16.25 -0.06 -12.15
C PRO B 31 -16.81 -0.65 -13.44
N PRO B 32 -16.39 -1.87 -13.79
CA PRO B 32 -16.82 -2.53 -15.03
C PRO B 32 -18.31 -2.83 -15.02
N ALA B 33 -19.04 -2.16 -15.89
CA ALA B 33 -20.47 -2.38 -16.02
C ALA B 33 -20.75 -3.54 -16.97
N PRO B 34 -21.42 -4.59 -16.47
CA PRO B 34 -21.75 -5.78 -17.26
C PRO B 34 -22.58 -5.44 -18.48
N ASN B 35 -23.52 -4.52 -18.31
CA ASN B 35 -24.34 -4.01 -19.38
C ASN B 35 -25.00 -2.71 -18.94
N TRP B 36 -25.14 -1.77 -19.87
CA TRP B 36 -25.67 -0.44 -19.57
C TRP B 36 -24.72 0.31 -18.62
N GLY A 1 -1.87 -2.89 26.42
CA GLY A 1 -1.78 -1.93 25.31
C GLY A 1 -3.10 -1.69 24.64
N HIS A 2 -3.35 -0.45 24.24
CA HIS A 2 -4.62 -0.08 23.63
C HIS A 2 -4.41 0.93 22.51
N MET A 3 -5.34 0.92 21.54
CA MET A 3 -5.31 1.86 20.41
C MET A 3 -4.02 1.71 19.61
N SER A 4 -3.53 0.49 19.51
CA SER A 4 -2.34 0.19 18.74
C SER A 4 -2.66 0.06 17.25
N GLY A 5 -3.95 0.11 16.95
CA GLY A 5 -4.39 -0.01 15.58
C GLY A 5 -4.40 -1.45 15.12
N PHE A 6 -3.52 -1.77 14.18
CA PHE A 6 -3.43 -3.12 13.66
C PHE A 6 -2.41 -3.93 14.46
N LYS A 7 -2.90 -4.93 15.19
CA LYS A 7 -2.05 -5.79 16.01
C LYS A 7 -1.40 -6.87 15.16
N HIS A 8 -0.73 -6.44 14.08
CA HIS A 8 -0.16 -7.35 13.10
C HIS A 8 -1.23 -8.27 12.54
N VAL A 9 -2.33 -7.68 12.10
CA VAL A 9 -3.38 -8.42 11.46
C VAL A 9 -3.32 -8.17 9.95
N SER A 10 -3.31 -9.25 9.19
CA SER A 10 -3.12 -9.16 7.74
C SER A 10 -4.39 -8.66 7.05
N HIS A 11 -5.38 -8.28 7.83
CA HIS A 11 -6.56 -7.64 7.29
C HIS A 11 -6.18 -6.26 6.78
N VAL A 12 -5.31 -5.58 7.56
CA VAL A 12 -4.66 -4.31 7.18
C VAL A 12 -5.58 -3.34 6.41
N GLY A 13 -6.87 -3.33 6.76
CA GLY A 13 -7.83 -2.45 6.11
C GLY A 13 -7.86 -2.62 4.59
N TRP A 14 -7.47 -3.80 4.13
CA TRP A 14 -7.36 -4.08 2.71
C TRP A 14 -8.34 -5.17 2.31
N ASP A 15 -8.97 -4.99 1.16
CA ASP A 15 -9.84 -6.00 0.59
C ASP A 15 -9.34 -6.35 -0.81
N PRO A 16 -9.27 -7.65 -1.14
CA PRO A 16 -8.62 -8.17 -2.36
C PRO A 16 -8.92 -7.39 -3.65
N GLN A 17 -10.16 -6.93 -3.82
CA GLN A 17 -10.55 -6.30 -5.08
C GLN A 17 -10.63 -4.78 -4.95
N ASN A 18 -11.22 -4.30 -3.86
CA ASN A 18 -11.42 -2.86 -3.67
C ASN A 18 -10.20 -2.18 -3.06
N GLY A 19 -9.23 -2.96 -2.65
CA GLY A 19 -7.99 -2.41 -2.16
C GLY A 19 -8.08 -1.95 -0.72
N PHE A 20 -7.23 -1.00 -0.37
CA PHE A 20 -7.20 -0.44 0.97
C PHE A 20 -8.33 0.57 1.15
N ASP A 21 -9.06 0.44 2.24
CA ASP A 21 -10.08 1.42 2.57
C ASP A 21 -9.42 2.67 3.12
N VAL A 22 -9.00 3.54 2.20
CA VAL A 22 -8.25 4.75 2.55
C VAL A 22 -8.97 5.62 3.58
N ASN A 23 -10.30 5.51 3.64
CA ASN A 23 -11.09 6.30 4.59
C ASN A 23 -11.07 5.67 5.99
N ASN A 24 -10.54 4.46 6.06
CA ASN A 24 -10.36 3.77 7.34
C ASN A 24 -8.92 3.30 7.44
N LEU A 25 -8.08 3.91 6.64
CA LEU A 25 -6.73 3.47 6.42
C LEU A 25 -5.77 4.19 7.37
N ASP A 26 -4.88 3.42 7.99
CA ASP A 26 -3.95 3.93 8.99
C ASP A 26 -3.06 5.03 8.40
N PRO A 27 -2.99 6.17 9.13
CA PRO A 27 -2.24 7.36 8.70
C PRO A 27 -0.76 7.11 8.39
N ASP A 28 -0.17 6.12 9.06
CA ASP A 28 1.24 5.81 8.86
C ASP A 28 1.41 5.06 7.55
N LEU A 29 0.54 4.10 7.31
CA LEU A 29 0.47 3.44 6.01
C LEU A 29 0.18 4.47 4.93
N ARG A 30 -0.77 5.34 5.23
CA ARG A 30 -1.17 6.41 4.32
C ARG A 30 0.03 7.27 3.92
N SER A 31 0.86 7.59 4.92
CA SER A 31 2.10 8.32 4.69
C SER A 31 3.00 7.54 3.74
N LEU A 32 3.21 6.28 4.09
CA LEU A 32 4.13 5.40 3.37
C LEU A 32 3.74 5.26 1.90
N PHE A 33 2.52 4.85 1.69
CA PHE A 33 2.01 4.63 0.33
C PHE A 33 2.06 5.90 -0.49
N SER A 34 1.65 7.01 0.11
CA SER A 34 1.68 8.31 -0.55
C SER A 34 3.12 8.73 -0.85
N ARG A 35 4.04 8.35 0.05
CA ARG A 35 5.46 8.60 -0.16
C ARG A 35 6.00 7.81 -1.35
N ALA A 36 5.35 6.68 -1.62
CA ALA A 36 5.79 5.79 -2.68
C ALA A 36 5.08 6.12 -4.00
N GLY A 37 4.37 7.25 -4.03
CA GLY A 37 3.74 7.69 -5.27
C GLY A 37 2.32 7.16 -5.43
N ILE A 38 1.97 6.18 -4.61
CA ILE A 38 0.65 5.56 -4.66
C ILE A 38 -0.41 6.52 -4.13
N SER A 39 -1.29 6.95 -5.03
CA SER A 39 -2.39 7.82 -4.65
C SER A 39 -3.46 7.01 -3.91
N GLU A 40 -4.38 7.69 -3.25
CA GLU A 40 -5.44 7.02 -2.51
C GLU A 40 -6.28 6.14 -3.44
N ALA A 41 -6.57 6.65 -4.62
CA ALA A 41 -7.32 5.89 -5.61
C ALA A 41 -6.51 4.67 -6.07
N GLN A 42 -5.20 4.79 -6.04
CA GLN A 42 -4.34 3.70 -6.45
C GLN A 42 -4.27 2.64 -5.36
N LEU A 43 -4.56 3.05 -4.12
CA LEU A 43 -4.64 2.10 -3.02
C LEU A 43 -5.88 1.25 -3.13
N THR A 44 -6.85 1.72 -3.91
CA THR A 44 -8.05 0.95 -4.14
C THR A 44 -7.95 0.19 -5.47
N ASP A 45 -6.80 0.32 -6.12
CA ASP A 45 -6.52 -0.41 -7.36
C ASP A 45 -6.29 -1.89 -7.07
N ALA A 46 -6.83 -2.75 -7.90
CA ALA A 46 -6.79 -4.19 -7.67
C ALA A 46 -5.35 -4.71 -7.53
N GLU A 47 -4.56 -4.58 -8.59
CA GLU A 47 -3.20 -5.11 -8.59
C GLU A 47 -2.29 -4.30 -7.66
N THR A 48 -2.41 -2.99 -7.72
CA THR A 48 -1.60 -2.12 -6.88
C THR A 48 -1.72 -2.47 -5.40
N SER A 49 -2.93 -2.49 -4.88
CA SER A 49 -3.15 -2.71 -3.45
C SER A 49 -2.74 -4.12 -3.05
N LYS A 50 -3.09 -5.10 -3.88
CA LYS A 50 -2.79 -6.50 -3.61
C LYS A 50 -1.28 -6.69 -3.41
N LEU A 51 -0.50 -6.05 -4.27
CA LEU A 51 0.94 -6.22 -4.23
C LEU A 51 1.56 -5.34 -3.16
N ILE A 52 0.90 -4.25 -2.80
CA ILE A 52 1.29 -3.49 -1.62
C ILE A 52 1.13 -4.35 -0.37
N TYR A 53 0.01 -5.03 -0.26
CA TYR A 53 -0.22 -5.94 0.86
C TYR A 53 0.83 -7.03 0.88
N ASP A 54 1.09 -7.61 -0.29
CA ASP A 54 2.16 -8.60 -0.44
C ASP A 54 3.49 -8.01 -0.02
N PHE A 55 3.69 -6.74 -0.35
CA PHE A 55 4.88 -5.99 0.05
C PHE A 55 5.01 -5.93 1.57
N ILE A 56 3.92 -5.61 2.23
CA ILE A 56 3.90 -5.48 3.67
C ILE A 56 4.22 -6.81 4.33
N GLU A 57 3.68 -7.88 3.75
CA GLU A 57 3.98 -9.23 4.23
C GLU A 57 5.46 -9.56 3.97
N ASP A 58 5.96 -9.10 2.84
CA ASP A 58 7.36 -9.30 2.44
C ASP A 58 8.32 -8.73 3.49
N GLN A 59 7.91 -7.65 4.12
CA GLN A 59 8.72 -6.98 5.14
C GLN A 59 8.65 -7.72 6.48
N GLY A 60 7.62 -8.53 6.65
CA GLY A 60 7.43 -9.22 7.91
C GLY A 60 6.14 -8.81 8.58
N GLY A 61 5.33 -8.04 7.88
CA GLY A 61 4.05 -7.64 8.41
C GLY A 61 3.94 -6.15 8.60
N LEU A 62 2.87 -5.72 9.27
CA LEU A 62 2.57 -4.31 9.41
C LEU A 62 3.54 -3.62 10.36
N GLU A 63 3.99 -4.34 11.37
CA GLU A 63 4.88 -3.77 12.38
C GLU A 63 6.25 -3.51 11.80
N ALA A 64 6.62 -4.30 10.80
CA ALA A 64 7.91 -4.14 10.14
C ALA A 64 7.95 -2.85 9.34
N VAL A 65 6.95 -2.64 8.50
CA VAL A 65 6.86 -1.44 7.68
C VAL A 65 6.84 -0.18 8.55
N ARG A 66 6.16 -0.29 9.69
CA ARG A 66 6.09 0.78 10.67
C ARG A 66 7.49 1.17 11.16
N GLN A 67 8.39 0.20 11.19
CA GLN A 67 9.75 0.43 11.68
C GLN A 67 10.67 0.93 10.57
N GLU A 68 10.38 0.53 9.33
CA GLU A 68 11.19 0.95 8.19
C GLU A 68 11.12 2.47 8.01
N MET A 69 10.06 3.08 8.56
CA MET A 69 9.88 4.53 8.50
C MET A 69 11.08 5.28 9.05
N ARG A 70 11.89 4.60 9.84
CA ARG A 70 13.12 5.17 10.36
C ARG A 70 14.25 4.16 10.25
N ARG A 71 14.08 3.20 9.35
CA ARG A 71 15.06 2.13 9.18
C ARG A 71 15.71 2.17 7.80
N GLN A 72 14.99 1.70 6.79
CA GLN A 72 15.53 1.62 5.44
C GLN A 72 14.37 1.55 4.44
N GLY B 1 18.97 5.62 -0.32
CA GLY B 1 17.88 4.70 -0.69
C GLY B 1 17.74 4.55 -2.19
N HIS B 2 16.51 4.51 -2.68
CA HIS B 2 16.26 4.49 -4.12
C HIS B 2 15.85 5.89 -4.56
N MET B 3 14.56 6.12 -4.68
CA MET B 3 14.03 7.46 -4.90
C MET B 3 13.50 8.03 -3.59
N LEU B 4 13.37 7.15 -2.62
CA LEU B 4 12.96 7.51 -1.26
C LEU B 4 13.98 6.98 -0.27
N PRO B 5 14.14 7.65 0.87
CA PRO B 5 15.06 7.24 1.92
C PRO B 5 14.37 6.38 2.98
N ASP B 6 13.14 5.99 2.69
CA ASP B 6 12.33 5.21 3.60
C ASP B 6 11.90 3.92 2.94
N VAL B 7 11.06 3.15 3.61
CA VAL B 7 10.53 1.90 3.05
C VAL B 7 9.71 2.17 1.78
N ALA B 8 9.33 3.43 1.58
CA ALA B 8 8.62 3.85 0.38
C ALA B 8 9.40 3.46 -0.88
N GLN B 9 10.72 3.42 -0.76
CA GLN B 9 11.58 3.10 -1.89
C GLN B 9 11.45 1.62 -2.25
N ARG B 10 11.29 0.80 -1.22
CA ARG B 10 11.23 -0.63 -1.39
C ARG B 10 9.88 -1.03 -1.96
N LEU B 11 8.92 -0.15 -1.79
CA LEU B 11 7.57 -0.38 -2.28
C LEU B 11 7.48 -0.05 -3.76
N MET B 12 8.09 1.04 -4.18
CA MET B 12 8.06 1.44 -5.59
C MET B 12 8.71 0.38 -6.46
N GLN B 13 9.81 -0.19 -5.97
CA GLN B 13 10.51 -1.25 -6.69
C GLN B 13 9.64 -2.50 -6.77
N HIS B 14 9.00 -2.83 -5.66
CA HIS B 14 8.21 -4.06 -5.56
C HIS B 14 6.98 -4.01 -6.48
N LEU B 15 6.43 -2.82 -6.66
CA LEU B 15 5.26 -2.66 -7.53
C LEU B 15 5.68 -2.67 -9.00
N ALA B 16 6.81 -2.04 -9.29
CA ALA B 16 7.35 -1.98 -10.64
C ALA B 16 7.68 -3.38 -11.18
N GLU B 17 7.72 -4.36 -10.29
CA GLU B 17 8.04 -5.73 -10.65
C GLU B 17 6.86 -6.40 -11.38
N HIS B 18 5.66 -5.85 -11.25
CA HIS B 18 4.48 -6.52 -11.80
C HIS B 18 3.66 -5.63 -12.74
N GLY B 19 3.77 -4.32 -12.58
CA GLY B 19 3.07 -3.42 -13.49
C GLY B 19 1.90 -2.70 -12.85
N ILE B 20 2.12 -2.14 -11.67
CA ILE B 20 1.13 -1.30 -11.01
C ILE B 20 0.85 -0.04 -11.82
N GLN B 21 -0.39 0.42 -11.79
CA GLN B 21 -0.75 1.65 -12.48
C GLN B 21 -0.06 2.85 -11.84
N PRO B 22 0.63 3.66 -12.66
CA PRO B 22 1.28 4.90 -12.18
C PRO B 22 0.25 5.89 -11.64
N ALA B 23 0.51 6.40 -10.45
CA ALA B 23 -0.44 7.28 -9.77
C ALA B 23 0.05 8.72 -9.71
N ARG B 24 1.20 8.98 -10.31
CA ARG B 24 1.70 10.34 -10.42
C ARG B 24 0.85 11.15 -11.38
N ASN B 25 0.30 10.46 -12.37
CA ASN B 25 -0.63 11.08 -13.31
C ASN B 25 -2.05 10.88 -12.81
N MET B 26 -3.04 11.28 -13.60
CA MET B 26 -4.43 11.18 -13.17
C MET B 26 -4.85 9.72 -13.05
N ALA B 27 -4.98 9.07 -14.20
CA ALA B 27 -5.42 7.67 -14.29
C ALA B 27 -6.82 7.48 -13.72
N GLU B 28 -6.92 7.37 -12.39
CA GLU B 28 -8.16 7.11 -11.68
C GLU B 28 -8.77 5.77 -12.11
N HIS B 29 -9.92 5.47 -11.54
CA HIS B 29 -10.67 4.28 -11.90
C HIS B 29 -12.13 4.66 -12.05
N ILE B 30 -12.65 4.57 -13.27
CA ILE B 30 -14.05 4.86 -13.52
C ILE B 30 -14.91 3.78 -12.90
N PRO B 31 -15.69 4.12 -11.85
CA PRO B 31 -16.49 3.16 -11.11
C PRO B 31 -17.64 2.60 -11.94
N PRO B 32 -17.91 1.29 -11.83
CA PRO B 32 -19.02 0.66 -12.53
C PRO B 32 -20.36 1.19 -12.05
N ALA B 33 -21.08 1.86 -12.93
CA ALA B 33 -22.38 2.41 -12.61
C ALA B 33 -23.39 1.30 -12.36
N PRO B 34 -24.07 1.32 -11.21
CA PRO B 34 -25.02 0.27 -10.82
C PRO B 34 -26.03 -0.04 -11.91
N ASN B 35 -25.95 -1.25 -12.45
CA ASN B 35 -26.80 -1.67 -13.56
C ASN B 35 -28.23 -1.93 -13.08
N TRP B 36 -29.19 -1.66 -13.95
CA TRP B 36 -30.58 -1.95 -13.67
C TRP B 36 -30.98 -3.26 -14.33
#